data_9BU0
#
_entry.id   9BU0
#
_cell.length_a   217.092
_cell.length_b   71.188
_cell.length_c   144.387
_cell.angle_alpha   90.000
_cell.angle_beta   104.760
_cell.angle_gamma   90.000
#
_symmetry.space_group_name_H-M   'C 1 2 1'
#
loop_
_entity.id
_entity.type
_entity.pdbx_description
1 polymer 'Major histocompatibility complex class I-related gene protein'
2 polymer Beta-2-microglobulin
3 polymer 'Human TCR TRAV1-2_ALPHA'
4 polymer 'Human TCR TRBV6-1_BETA'
5 non-polymer SALICYLALDEHYDE
6 non-polymer GLYCEROL
7 non-polymer 'ACETATE ION'
8 water water
#
loop_
_entity_poly.entity_id
_entity_poly.type
_entity_poly.pdbx_seq_one_letter_code
_entity_poly.pdbx_strand_id
1 'polypeptide(L)'
;MRTHSLRYFRLGVSDPIHGVPEFISVGYVDSHPITTYDSVTRQKEPRAPWMAENLAPDHWERYTQLLRGWQQMFKVELKR
LQRHYNHSGSHTYQRMIGCELLEDGSTTGFLQYAYDGQDFLIFNKDTLSWLAVDNVAHTIKQAWEANQHELLYQKNWLEE
ECIAWLKRFLEYGKDTLQRTEPPLVRVNRKETFPGVTALFCKAHGFYPPEIYMTWMKNGEEIVQEIDYGDILPSGDGTYQ
AWASIELDPQSSNLYSCHVEHSGVHMVLQVP
;
A,C
2 'polypeptide(L)'
;MIQRTPKIQVYSRHPAENGKSNFLNCYVSGFHPSDIEVDLLKNGERIEKVEHSDLSFSKDWSFYLLYYTEFTPTEKDEYA
CRVNHVTLSQPKIVKWDRDM
;
B,F
3 'polypeptide(L)'
;MGQNIDQPTEMTATEGAIVQINCTYQTSGFNGLFWYQQHAGEAPTFLSYNVLDGLEEKGRFSSFLSRSKGYSYLLLKELQ
MKDSASYLCAVKDSNYQLIWGAGTKLIIKPDIQNPDPAVYQLRDSKSSDKSVCLFTDFDSQTNVSQSKDSDVYITDKCVL
DMRSMDFKSNSAVAWSNKSDFACANAFNNSIIPEDTFFPSPESS
;
D,G
4 'polypeptide(L)'
;MNAGVTQTPKFQVLKTGQSMTLQCAQDMNHNSMYWYRQDPGMGLRLIYYSASEGTTDKGEVPNGYNVSRLNKREFSLRLE
SAAPSQTSVYFCASSVWTGEGSGELFFGEGSRLTVLEDLKNVFPPEVAVFEPSEAEISHTQKATLVCLATGFYPDHVELS
WWVNGKEVHSGVCTDPQPLKEQPALNDSRYALSSRLRVSATFWQNPRNHFRCQVQFYGLSENDEWTQDRAKPVTQIVSAE
AWGRAD
;
E,H
#
# COMPACT_ATOMS: atom_id res chain seq x y z
N MET A 1 28.35 -57.84 20.19
CA MET A 1 27.80 -56.68 20.88
C MET A 1 26.46 -57.08 21.54
N ARG A 2 26.16 -56.52 22.70
CA ARG A 2 25.02 -56.96 23.51
C ARG A 2 23.78 -56.10 23.22
N THR A 3 22.73 -56.30 24.02
CA THR A 3 21.45 -55.63 23.83
C THR A 3 21.45 -54.22 24.45
N HIS A 4 21.58 -53.20 23.61
CA HIS A 4 21.38 -51.83 24.01
C HIS A 4 20.00 -51.34 23.56
N SER A 5 19.46 -50.38 24.32
CA SER A 5 18.13 -49.80 24.08
C SER A 5 18.14 -48.30 24.25
N LEU A 6 17.52 -47.58 23.33
CA LEU A 6 17.24 -46.16 23.53
C LEU A 6 15.77 -46.01 23.84
N ARG A 7 15.47 -45.31 24.94
CA ARG A 7 14.10 -44.99 25.31
CA ARG A 7 14.11 -45.00 25.37
C ARG A 7 13.98 -43.49 25.55
N TYR A 8 12.82 -42.95 25.21
CA TYR A 8 12.44 -41.61 25.64
CA TYR A 8 12.41 -41.61 25.60
C TYR A 8 11.17 -41.73 26.47
N PHE A 9 11.19 -41.09 27.65
CA PHE A 9 10.01 -41.10 28.51
C PHE A 9 9.41 -39.71 28.56
N ARG A 10 8.12 -39.63 28.93
CA ARG A 10 7.48 -38.34 29.18
C ARG A 10 6.40 -38.49 30.25
N LEU A 11 6.37 -37.56 31.19
CA LEU A 11 5.36 -37.55 32.25
C LEU A 11 4.57 -36.25 32.21
N GLY A 12 3.30 -36.34 32.58
CA GLY A 12 2.50 -35.17 32.85
C GLY A 12 1.66 -35.39 34.08
N VAL A 13 1.44 -34.30 34.82
CA VAL A 13 0.57 -34.30 35.97
C VAL A 13 -0.45 -33.17 35.82
N SER A 14 -1.66 -33.42 36.31
CA SER A 14 -2.74 -32.45 36.11
C SER A 14 -2.77 -31.34 37.15
N ASP A 15 -2.44 -31.60 38.42
CA ASP A 15 -2.53 -30.56 39.45
C ASP A 15 -1.32 -30.64 40.38
N PRO A 16 -0.13 -30.30 39.89
CA PRO A 16 1.07 -30.53 40.68
C PRO A 16 1.25 -29.52 41.80
N ILE A 17 1.79 -30.00 42.92
CA ILE A 17 2.16 -29.10 44.01
C ILE A 17 3.15 -28.08 43.47
N HIS A 18 3.14 -26.88 44.06
CA HIS A 18 3.73 -25.70 43.41
C HIS A 18 5.18 -25.93 43.01
N GLY A 19 5.91 -26.77 43.76
CA GLY A 19 7.25 -27.13 43.34
C GLY A 19 7.28 -28.02 42.11
N VAL A 20 6.42 -29.04 42.07
CA VAL A 20 6.60 -30.14 41.11
C VAL A 20 6.31 -29.66 39.70
N PRO A 21 7.11 -30.04 38.69
CA PRO A 21 6.77 -29.72 37.31
C PRO A 21 5.51 -30.45 36.90
N GLU A 22 4.84 -29.89 35.90
CA GLU A 22 3.70 -30.59 35.31
C GLU A 22 4.12 -31.39 34.08
N PHE A 23 5.42 -31.42 33.76
CA PHE A 23 5.89 -32.14 32.57
C PHE A 23 7.38 -32.41 32.71
N ILE A 24 7.77 -33.69 32.62
CA ILE A 24 9.17 -34.10 32.64
C ILE A 24 9.40 -35.03 31.44
N SER A 25 10.58 -34.96 30.81
CA SER A 25 10.90 -35.81 29.66
C SER A 25 12.37 -36.21 29.63
N VAL A 26 12.64 -37.45 30.03
CA VAL A 26 13.99 -37.97 30.18
C VAL A 26 14.21 -39.02 29.12
N GLY A 27 15.40 -39.00 28.50
CA GLY A 27 15.83 -40.05 27.59
C GLY A 27 16.93 -40.90 28.18
N TYR A 28 16.92 -42.20 27.88
CA TYR A 28 17.94 -43.14 28.34
C TYR A 28 18.55 -43.91 27.18
N VAL A 29 19.81 -44.25 27.34
CA VAL A 29 20.44 -45.38 26.66
C VAL A 29 20.76 -46.40 27.74
N ASP A 30 20.12 -47.56 27.67
CA ASP A 30 20.28 -48.61 28.67
C ASP A 30 19.83 -48.03 30.01
N SER A 31 20.64 -48.12 31.04
CA SER A 31 20.30 -47.60 32.35
C SER A 31 20.68 -46.13 32.49
N HIS A 32 21.47 -45.59 31.53
CA HIS A 32 22.08 -44.26 31.60
C HIS A 32 21.16 -43.15 31.11
N PRO A 33 20.73 -42.23 31.96
CA PRO A 33 20.04 -41.04 31.44
C PRO A 33 20.93 -40.27 30.49
N ILE A 34 20.34 -39.78 29.41
CA ILE A 34 21.12 -39.00 28.46
C ILE A 34 20.51 -37.63 28.32
N THR A 35 19.19 -37.50 28.48
CA THR A 35 18.57 -36.20 28.29
C THR A 35 17.54 -35.97 29.38
N THR A 36 17.25 -34.69 29.61
CA THR A 36 16.18 -34.28 30.51
C THR A 36 15.58 -32.96 30.02
N TYR A 37 14.29 -32.76 30.33
CA TYR A 37 13.62 -31.48 30.15
C TYR A 37 12.43 -31.46 31.10
N ASP A 38 12.04 -30.28 31.56
CA ASP A 38 10.86 -30.18 32.42
C ASP A 38 10.23 -28.79 32.34
N SER A 39 9.01 -28.70 32.87
CA SER A 39 8.22 -27.49 32.71
C SER A 39 8.83 -26.31 33.45
N VAL A 40 9.75 -26.54 34.37
CA VAL A 40 10.35 -25.42 35.09
C VAL A 40 11.56 -24.93 34.33
N THR A 41 12.54 -25.81 34.12
CA THR A 41 13.74 -25.43 33.37
C THR A 41 13.37 -24.94 31.95
N ARG A 42 12.43 -25.61 31.29
CA ARG A 42 12.04 -25.32 29.91
CA ARG A 42 12.04 -25.32 29.91
C ARG A 42 13.22 -25.36 28.96
N GLN A 43 14.30 -26.03 29.37
CA GLN A 43 15.46 -26.29 28.52
C GLN A 43 15.69 -27.79 28.48
N LYS A 44 16.01 -28.32 27.30
CA LYS A 44 16.42 -29.71 27.15
C LYS A 44 17.95 -29.72 27.28
N GLU A 45 18.47 -30.49 28.25
CA GLU A 45 19.89 -30.46 28.64
C GLU A 45 20.46 -31.87 28.69
N PRO A 46 21.71 -32.06 28.26
CA PRO A 46 22.30 -33.39 28.39
C PRO A 46 22.38 -33.82 29.85
N ARG A 47 22.10 -35.08 30.11
CA ARG A 47 22.29 -35.63 31.44
C ARG A 47 23.48 -36.56 31.54
N ALA A 48 24.17 -36.86 30.43
CA ALA A 48 25.41 -37.62 30.45
C ALA A 48 26.52 -36.84 29.76
N PRO A 49 27.76 -36.94 30.24
CA PRO A 49 28.84 -36.13 29.65
C PRO A 49 29.15 -36.48 28.21
N TRP A 50 29.10 -37.75 27.86
CA TRP A 50 29.42 -38.16 26.51
C TRP A 50 28.30 -37.78 25.54
N MET A 51 27.19 -37.25 26.07
CA MET A 51 26.17 -36.58 25.27
C MET A 51 26.55 -35.12 25.04
N ALA A 52 26.84 -34.38 26.12
CA ALA A 52 27.24 -32.98 25.98
C ALA A 52 28.52 -32.85 25.15
N GLU A 53 29.50 -33.72 25.41
CA GLU A 53 30.73 -33.69 24.62
C GLU A 53 30.42 -33.72 23.14
N ASN A 54 29.53 -34.61 22.70
CA ASN A 54 29.45 -34.98 21.31
C ASN A 54 28.39 -34.26 20.48
N LEU A 55 27.50 -33.49 21.10
CA LEU A 55 26.39 -32.89 20.40
C LEU A 55 26.44 -31.37 20.59
N ALA A 56 26.58 -30.65 19.48
CA ALA A 56 26.75 -29.20 19.46
C ALA A 56 25.47 -28.49 19.92
N PRO A 57 25.61 -27.24 20.40
CA PRO A 57 24.43 -26.53 20.94
C PRO A 57 23.27 -26.38 19.95
N ASP A 58 23.55 -26.41 18.64
CA ASP A 58 22.46 -26.36 17.66
C ASP A 58 21.45 -27.47 17.89
N HIS A 59 21.95 -28.64 18.30
CA HIS A 59 21.09 -29.77 18.66
C HIS A 59 20.22 -29.47 19.87
N TRP A 60 20.82 -28.98 20.95
CA TRP A 60 20.01 -28.73 22.15
C TRP A 60 19.04 -27.59 21.92
N GLU A 61 19.47 -26.56 21.19
CA GLU A 61 18.57 -25.46 20.86
C GLU A 61 17.34 -25.98 20.15
N ARG A 62 17.55 -26.83 19.14
CA ARG A 62 16.46 -27.32 18.31
C ARG A 62 15.46 -28.12 19.14
N TYR A 63 15.96 -29.04 19.97
CA TYR A 63 15.09 -29.95 20.71
C TYR A 63 14.42 -29.28 21.91
N THR A 64 15.02 -28.22 22.43
CA THR A 64 14.32 -27.41 23.43
C THR A 64 13.07 -26.77 22.85
N GLN A 65 13.18 -26.07 21.71
CA GLN A 65 11.97 -25.53 21.08
C GLN A 65 10.94 -26.64 20.94
N LEU A 66 11.37 -27.81 20.44
CA LEU A 66 10.42 -28.88 20.18
C LEU A 66 9.72 -29.30 21.45
N LEU A 67 10.48 -29.55 22.51
CA LEU A 67 9.84 -30.03 23.73
C LEU A 67 8.95 -28.99 24.38
N ARG A 68 9.19 -27.70 24.12
CA ARG A 68 8.27 -26.69 24.59
C ARG A 68 6.91 -26.85 23.95
N GLY A 69 6.87 -27.42 22.74
CA GLY A 69 5.64 -27.69 22.04
C GLY A 69 5.01 -28.95 22.56
N TRP A 70 5.82 -30.01 22.69
CA TRP A 70 5.35 -31.30 23.19
C TRP A 70 4.82 -31.19 24.62
N GLN A 71 5.53 -30.46 25.47
CA GLN A 71 4.98 -30.10 26.77
C GLN A 71 3.50 -29.72 26.69
N GLN A 72 3.16 -28.76 25.80
CA GLN A 72 1.79 -28.22 25.71
C GLN A 72 0.84 -29.20 25.02
N MET A 73 1.33 -29.93 24.02
CA MET A 73 0.54 -30.99 23.40
C MET A 73 0.15 -32.05 24.42
N PHE A 74 1.01 -32.25 25.44
CA PHE A 74 0.73 -33.23 26.49
C PHE A 74 -0.31 -32.72 27.49
N LYS A 75 -0.24 -31.44 27.84
CA LYS A 75 -1.30 -30.85 28.65
C LYS A 75 -2.64 -30.94 27.93
N VAL A 76 -2.63 -30.90 26.60
CA VAL A 76 -3.86 -31.07 25.82
C VAL A 76 -4.41 -32.49 26.01
N GLU A 77 -3.59 -33.49 25.65
CA GLU A 77 -4.03 -34.88 25.73
C GLU A 77 -4.46 -35.26 27.14
N LEU A 78 -3.68 -34.87 28.17
CA LEU A 78 -4.05 -35.26 29.53
C LEU A 78 -5.34 -34.56 29.96
N LYS A 79 -5.49 -33.27 29.67
CA LYS A 79 -6.74 -32.60 29.99
C LYS A 79 -7.93 -33.29 29.32
N ARG A 80 -7.75 -33.78 28.09
CA ARG A 80 -8.84 -34.51 27.43
C ARG A 80 -9.15 -35.82 28.17
N LEU A 81 -8.12 -36.56 28.59
CA LEU A 81 -8.35 -37.87 29.24
C LEU A 81 -9.10 -37.71 30.55
N GLN A 82 -8.65 -36.78 31.40
CA GLN A 82 -9.31 -36.59 32.69
C GLN A 82 -10.75 -36.13 32.53
N ARG A 83 -11.02 -35.30 31.53
CA ARG A 83 -12.40 -34.88 31.29
C ARG A 83 -13.32 -36.09 31.07
N HIS A 84 -12.88 -37.04 30.23
CA HIS A 84 -13.72 -38.19 29.89
C HIS A 84 -13.71 -39.30 30.95
N TYR A 85 -12.63 -39.42 31.72
CA TYR A 85 -12.74 -40.29 32.88
C TYR A 85 -13.64 -39.72 33.96
N ASN A 86 -14.03 -38.44 33.87
CA ASN A 86 -14.79 -37.77 34.92
C ASN A 86 -14.03 -37.81 36.24
N HIS A 87 -12.71 -37.66 36.16
CA HIS A 87 -11.80 -37.77 37.29
C HIS A 87 -11.52 -36.37 37.84
N SER A 88 -11.82 -36.15 39.12
CA SER A 88 -11.36 -34.92 39.74
C SER A 88 -9.90 -35.11 40.21
N GLY A 89 -9.37 -34.09 40.88
CA GLY A 89 -8.07 -34.19 41.53
C GLY A 89 -6.90 -34.23 40.55
N SER A 90 -5.79 -34.81 41.00
CA SER A 90 -4.54 -34.82 40.26
C SER A 90 -4.31 -36.20 39.66
N HIS A 91 -4.03 -36.26 38.35
CA HIS A 91 -3.80 -37.52 37.63
C HIS A 91 -2.59 -37.39 36.72
N THR A 92 -2.03 -38.53 36.33
CA THR A 92 -0.78 -38.62 35.61
C THR A 92 -0.98 -39.25 34.23
N TYR A 93 -0.10 -38.89 33.31
CA TYR A 93 -0.18 -39.45 31.96
C TYR A 93 1.24 -39.54 31.44
N GLN A 94 1.57 -40.68 30.82
CA GLN A 94 2.96 -40.98 30.53
C GLN A 94 3.11 -41.61 29.14
N ARG A 95 4.18 -41.21 28.44
CA ARG A 95 4.55 -41.67 27.11
C ARG A 95 5.95 -42.28 27.14
N MET A 96 6.16 -43.35 26.37
CA MET A 96 7.45 -44.01 26.32
CA MET A 96 7.42 -44.08 26.35
C MET A 96 7.61 -44.64 24.95
N ILE A 97 8.71 -44.29 24.30
CA ILE A 97 8.96 -44.71 22.93
C ILE A 97 10.38 -45.22 22.89
N GLY A 98 10.67 -46.12 21.98
CA GLY A 98 12.06 -46.49 21.79
C GLY A 98 12.22 -47.80 21.06
N CYS A 99 13.48 -48.11 20.78
CA CYS A 99 13.87 -49.32 20.07
C CYS A 99 14.82 -50.16 20.92
N GLU A 100 15.35 -51.23 20.31
CA GLU A 100 16.29 -52.14 20.96
C GLU A 100 17.16 -52.76 19.91
N LEU A 101 18.44 -52.59 20.05
CA LEU A 101 19.40 -53.26 19.18
C LEU A 101 19.81 -54.55 19.88
N LEU A 102 19.40 -55.68 19.30
CA LEU A 102 19.61 -56.97 19.92
C LEU A 102 21.03 -57.46 19.60
N GLU A 103 21.45 -58.48 20.37
CA GLU A 103 22.81 -59.04 20.22
C GLU A 103 23.06 -59.51 18.79
N ASP A 104 22.03 -60.08 18.13
CA ASP A 104 22.18 -60.74 16.84
C ASP A 104 22.07 -59.80 15.63
N GLY A 105 21.93 -58.49 15.84
CA GLY A 105 21.70 -57.56 14.76
C GLY A 105 20.25 -57.23 14.48
N SER A 106 19.32 -58.07 14.94
CA SER A 106 17.90 -57.83 14.81
C SER A 106 17.46 -56.70 15.73
N THR A 107 16.35 -56.04 15.39
CA THR A 107 15.91 -54.85 16.10
C THR A 107 14.49 -55.01 16.64
N THR A 108 14.11 -54.09 17.53
CA THR A 108 12.72 -53.97 17.94
C THR A 108 12.23 -52.52 17.96
N GLY A 109 11.02 -52.30 18.47
CA GLY A 109 10.38 -50.99 18.54
C GLY A 109 9.14 -51.00 19.41
N PHE A 110 8.88 -49.92 20.13
CA PHE A 110 7.75 -49.90 21.03
C PHE A 110 7.30 -48.46 21.24
N LEU A 111 6.03 -48.31 21.62
CA LEU A 111 5.44 -46.99 21.85
C LEU A 111 4.14 -47.19 22.61
N GLN A 112 3.98 -46.45 23.69
CA GLN A 112 2.79 -46.66 24.50
C GLN A 112 2.60 -45.48 25.42
N TYR A 113 1.56 -45.57 26.22
CA TYR A 113 1.07 -44.47 27.05
C TYR A 113 0.37 -45.11 28.23
N ALA A 114 0.34 -44.37 29.35
CA ALA A 114 -0.33 -44.84 30.55
C ALA A 114 -1.08 -43.69 31.16
N TYR A 115 -2.04 -44.06 32.01
CA TYR A 115 -2.85 -43.11 32.76
C TYR A 115 -2.90 -43.59 34.19
N ASP A 116 -2.40 -42.76 35.12
CA ASP A 116 -2.22 -43.19 36.51
C ASP A 116 -1.34 -44.44 36.58
N GLY A 117 -0.27 -44.43 35.79
CA GLY A 117 0.67 -45.53 35.76
C GLY A 117 0.05 -46.87 35.47
N GLN A 118 -0.91 -46.92 34.55
CA GLN A 118 -1.52 -48.15 34.08
C GLN A 118 -1.68 -48.02 32.58
N ASP A 119 -1.54 -49.14 31.87
CA ASP A 119 -1.55 -49.11 30.41
C ASP A 119 -2.80 -48.45 29.86
N PHE A 120 -2.61 -47.59 28.86
CA PHE A 120 -3.69 -46.95 28.13
C PHE A 120 -3.72 -47.31 26.66
N LEU A 121 -2.67 -46.99 25.91
CA LEU A 121 -2.56 -47.26 24.48
C LEU A 121 -1.21 -47.86 24.21
N ILE A 122 -1.17 -48.97 23.49
CA ILE A 122 0.07 -49.67 23.17
C ILE A 122 0.15 -49.77 21.66
N PHE A 123 1.14 -49.14 21.07
CA PHE A 123 1.25 -49.17 19.61
C PHE A 123 1.81 -50.50 19.16
N ASN A 124 1.29 -50.98 18.06
CA ASN A 124 1.71 -52.24 17.44
C ASN A 124 2.15 -51.82 16.03
N LYS A 125 3.48 -51.74 15.82
CA LYS A 125 3.95 -51.24 14.54
C LYS A 125 3.78 -52.24 13.39
N ASP A 126 3.47 -53.50 13.68
CA ASP A 126 3.39 -54.46 12.59
C ASP A 126 1.96 -54.63 12.08
N THR A 127 0.94 -54.56 12.93
CA THR A 127 -0.41 -54.44 12.39
C THR A 127 -0.78 -53.00 12.07
N LEU A 128 0.03 -52.03 12.47
CA LEU A 128 -0.28 -50.61 12.31
C LEU A 128 -1.62 -50.23 12.94
N SER A 129 -1.84 -50.69 14.18
CA SER A 129 -3.04 -50.34 14.93
C SER A 129 -2.64 -50.07 16.39
N TRP A 130 -3.64 -49.72 17.21
CA TRP A 130 -3.45 -49.34 18.61
C TRP A 130 -4.36 -50.19 19.47
N LEU A 131 -3.88 -50.58 20.66
CA LEU A 131 -4.63 -51.42 21.58
C LEU A 131 -5.19 -50.60 22.75
N ALA A 132 -6.51 -50.51 22.81
CA ALA A 132 -7.18 -49.80 23.88
C ALA A 132 -7.46 -50.76 25.04
N VAL A 133 -7.37 -50.23 26.25
CA VAL A 133 -7.67 -51.04 27.43
C VAL A 133 -9.08 -50.78 27.90
N ASP A 134 -9.58 -49.55 27.70
CA ASP A 134 -10.95 -49.16 28.00
C ASP A 134 -11.41 -48.17 26.93
N ASN A 135 -12.66 -47.71 27.07
CA ASN A 135 -13.28 -46.97 25.97
C ASN A 135 -12.79 -45.52 25.84
N VAL A 136 -12.23 -44.95 26.90
CA VAL A 136 -11.49 -43.70 26.75
C VAL A 136 -10.34 -43.92 25.77
N ALA A 137 -9.56 -44.98 25.98
CA ALA A 137 -8.50 -45.27 25.03
C ALA A 137 -9.08 -45.57 23.64
N HIS A 138 -10.19 -46.31 23.58
CA HIS A 138 -10.78 -46.65 22.28
C HIS A 138 -11.09 -45.41 21.45
N THR A 139 -11.68 -44.38 22.08
CA THR A 139 -11.86 -43.09 21.42
C THR A 139 -10.56 -42.59 20.79
N ILE A 140 -9.46 -42.63 21.55
CA ILE A 140 -8.18 -42.13 21.06
C ILE A 140 -7.70 -43.00 19.90
N LYS A 141 -7.82 -44.32 20.05
CA LYS A 141 -7.42 -45.25 19.00
C LYS A 141 -8.13 -44.92 17.68
N GLN A 142 -9.45 -44.69 17.76
CA GLN A 142 -10.19 -44.40 16.55
CA GLN A 142 -10.23 -44.35 16.58
C GLN A 142 -9.67 -43.13 15.88
N ALA A 143 -9.18 -42.15 16.65
CA ALA A 143 -8.65 -40.92 16.04
C ALA A 143 -7.28 -41.15 15.39
N TRP A 144 -6.31 -41.67 16.15
CA TRP A 144 -4.95 -41.80 15.63
C TRP A 144 -4.87 -42.77 14.47
N GLU A 145 -5.85 -43.70 14.37
CA GLU A 145 -5.85 -44.72 13.35
C GLU A 145 -6.43 -44.21 12.05
N ALA A 146 -7.43 -43.32 12.15
CA ALA A 146 -7.88 -42.54 11.01
C ALA A 146 -6.70 -41.86 10.33
N ASN A 147 -5.76 -41.33 11.12
CA ASN A 147 -4.61 -40.65 10.52
C ASN A 147 -3.62 -41.72 10.14
N GLN A 148 -3.81 -42.28 8.94
CA GLN A 148 -2.98 -43.41 8.55
C GLN A 148 -1.52 -43.01 8.43
N HIS A 149 -1.25 -41.80 7.91
CA HIS A 149 0.12 -41.31 7.78
C HIS A 149 0.84 -41.23 9.12
N GLU A 150 0.12 -40.83 10.19
CA GLU A 150 0.75 -40.77 11.52
C GLU A 150 1.02 -42.15 12.10
N LEU A 151 0.39 -43.22 11.60
CA LEU A 151 0.81 -44.56 12.01
C LEU A 151 1.99 -45.04 11.18
N LEU A 152 1.93 -44.83 9.86
CA LEU A 152 3.07 -45.07 9.00
C LEU A 152 4.31 -44.37 9.51
N TYR A 153 4.16 -43.08 9.84
CA TYR A 153 5.30 -42.28 10.25
C TYR A 153 5.96 -42.87 11.48
N GLN A 154 5.17 -43.24 12.49
CA GLN A 154 5.75 -43.77 13.72
CA GLN A 154 5.75 -43.77 13.72
C GLN A 154 6.49 -45.08 13.46
N LYS A 155 5.93 -45.95 12.62
CA LYS A 155 6.62 -47.18 12.25
C LYS A 155 8.02 -46.88 11.73
N ASN A 156 8.13 -45.93 10.81
CA ASN A 156 9.43 -45.70 10.20
C ASN A 156 10.39 -45.08 11.19
N TRP A 157 9.90 -44.21 12.06
CA TRP A 157 10.79 -43.71 13.09
C TRP A 157 11.27 -44.83 13.99
N LEU A 158 10.35 -45.69 14.46
CA LEU A 158 10.74 -46.77 15.36
C LEU A 158 11.74 -47.70 14.70
N GLU A 159 11.46 -48.14 13.45
CA GLU A 159 12.30 -49.15 12.81
C GLU A 159 13.56 -48.62 12.13
N GLU A 160 13.62 -47.35 11.72
CA GLU A 160 14.83 -46.83 11.09
C GLU A 160 15.49 -45.74 11.94
N GLU A 161 14.79 -44.63 12.20
CA GLU A 161 15.37 -43.45 12.85
C GLU A 161 15.84 -43.74 14.28
N CYS A 162 15.03 -44.45 15.05
CA CYS A 162 15.45 -44.78 16.41
C CYS A 162 16.71 -45.65 16.42
N ILE A 163 16.80 -46.65 15.54
CA ILE A 163 17.96 -47.55 15.56
C ILE A 163 19.23 -46.75 15.25
N ALA A 164 19.10 -45.73 14.41
CA ALA A 164 20.26 -44.98 13.95
C ALA A 164 20.71 -43.93 14.97
N TRP A 165 19.75 -43.40 15.75
CA TRP A 165 20.06 -42.63 16.95
C TRP A 165 20.71 -43.52 18.00
N LEU A 166 20.24 -44.75 18.13
CA LEU A 166 20.87 -45.67 19.07
C LEU A 166 22.32 -45.96 18.67
N LYS A 167 22.55 -46.25 17.38
CA LYS A 167 23.89 -46.56 16.94
C LYS A 167 24.82 -45.39 17.18
N ARG A 168 24.35 -44.17 16.91
CA ARG A 168 25.18 -43.00 17.17
C ARG A 168 25.44 -42.80 18.66
N PHE A 169 24.41 -42.95 19.50
CA PHE A 169 24.66 -42.75 20.92
C PHE A 169 25.58 -43.85 21.47
N LEU A 170 25.42 -45.10 21.00
CA LEU A 170 26.30 -46.16 21.51
C LEU A 170 27.76 -45.91 21.16
N GLU A 171 28.03 -45.25 20.02
CA GLU A 171 29.40 -44.85 19.73
C GLU A 171 29.86 -43.80 20.74
N TYR A 172 29.06 -42.74 20.91
CA TYR A 172 29.46 -41.61 21.74
C TYR A 172 29.87 -42.05 23.16
N GLY A 173 29.18 -43.04 23.71
CA GLY A 173 29.45 -43.52 25.06
C GLY A 173 30.08 -44.90 25.09
N LYS A 174 30.84 -45.19 24.01
CA LYS A 174 31.53 -46.46 23.78
C LYS A 174 32.07 -47.00 25.11
N ASP A 175 32.79 -46.13 25.84
CA ASP A 175 33.50 -46.54 27.05
C ASP A 175 32.54 -46.89 28.18
N THR A 176 31.56 -46.02 28.44
CA THR A 176 30.62 -46.29 29.53
C THR A 176 29.78 -47.54 29.22
N LEU A 177 29.31 -47.69 27.98
CA LEU A 177 28.27 -48.63 27.60
C LEU A 177 28.77 -49.98 27.04
N GLN A 178 29.98 -50.03 26.46
CA GLN A 178 30.54 -51.24 25.87
C GLN A 178 31.68 -51.81 26.74
N ARG A 179 31.62 -51.55 28.03
CA ARG A 179 32.60 -51.97 29.02
C ARG A 179 32.01 -53.08 29.88
N THR A 180 32.87 -53.98 30.32
CA THR A 180 32.49 -55.05 31.22
C THR A 180 33.27 -54.89 32.50
N GLU A 181 32.58 -54.97 33.62
CA GLU A 181 33.24 -55.02 34.93
C GLU A 181 32.76 -56.26 35.66
N PRO A 182 33.58 -57.32 35.76
CA PRO A 182 33.09 -58.59 36.27
C PRO A 182 32.71 -58.50 37.75
N PRO A 183 31.72 -59.27 38.20
CA PRO A 183 31.28 -59.19 39.60
C PRO A 183 32.25 -59.89 40.55
N LEU A 184 32.08 -59.59 41.83
CA LEU A 184 32.80 -60.26 42.91
C LEU A 184 31.75 -60.95 43.77
N VAL A 185 31.81 -62.26 43.86
CA VAL A 185 30.71 -63.05 44.41
C VAL A 185 31.22 -63.81 45.63
N ARG A 186 30.49 -63.71 46.73
CA ARG A 186 30.85 -64.35 47.98
C ARG A 186 29.62 -64.99 48.62
N VAL A 187 29.84 -66.12 49.31
CA VAL A 187 28.78 -66.84 50.01
C VAL A 187 28.98 -66.67 51.50
N ASN A 188 27.87 -66.58 52.25
CA ASN A 188 27.96 -66.61 53.71
C ASN A 188 26.64 -67.07 54.31
N ARG A 189 26.70 -67.45 55.58
CA ARG A 189 25.58 -68.03 56.32
C ARG A 189 24.84 -66.97 57.12
N LYS A 190 23.51 -67.09 57.19
CA LYS A 190 22.70 -66.21 58.02
C LYS A 190 21.81 -67.03 58.93
N THR A 197 18.74 -70.20 59.65
CA THR A 197 20.03 -70.25 58.98
C THR A 197 19.89 -70.43 57.46
N ALA A 198 20.45 -69.48 56.70
CA ALA A 198 20.31 -69.45 55.25
C ALA A 198 21.64 -69.15 54.59
N LEU A 199 21.83 -69.70 53.38
CA LEU A 199 22.97 -69.31 52.54
C LEU A 199 22.64 -68.03 51.77
N PHE A 200 23.68 -67.27 51.47
CA PHE A 200 23.52 -65.99 50.78
C PHE A 200 24.60 -65.87 49.71
N CYS A 201 24.20 -65.81 48.46
CA CYS A 201 25.11 -65.45 47.39
C CYS A 201 25.05 -63.94 47.18
N LYS A 202 26.21 -63.33 46.98
CA LYS A 202 26.25 -61.88 46.94
C LYS A 202 27.28 -61.42 45.92
N ALA A 203 26.82 -60.80 44.84
CA ALA A 203 27.68 -60.18 43.84
C ALA A 203 27.73 -58.68 44.04
N HIS A 204 28.85 -58.06 43.66
CA HIS A 204 28.96 -56.60 43.62
C HIS A 204 30.13 -56.17 42.72
N GLY A 205 30.09 -54.90 42.31
CA GLY A 205 31.14 -54.32 41.50
C GLY A 205 31.04 -54.53 40.01
N PHE A 206 29.93 -55.10 39.52
CA PHE A 206 29.78 -55.45 38.11
C PHE A 206 29.02 -54.41 37.31
N TYR A 207 29.30 -54.39 36.00
CA TYR A 207 28.54 -53.67 35.01
C TYR A 207 28.74 -54.47 33.74
N PRO A 208 27.71 -54.59 32.87
CA PRO A 208 26.37 -54.00 32.94
C PRO A 208 25.53 -54.58 34.08
N PRO A 209 24.41 -53.93 34.41
CA PRO A 209 23.57 -54.43 35.51
C PRO A 209 22.99 -55.79 35.25
N GLU A 210 23.00 -56.26 34.00
CA GLU A 210 22.28 -57.47 33.63
C GLU A 210 23.16 -58.68 33.98
N ILE A 211 22.70 -59.46 34.98
CA ILE A 211 23.42 -60.61 35.54
C ILE A 211 22.38 -61.65 35.95
N TYR A 212 22.83 -62.89 36.20
CA TYR A 212 21.90 -63.97 36.55
C TYR A 212 22.45 -64.77 37.72
N MET A 213 21.67 -64.86 38.82
CA MET A 213 22.06 -65.56 40.04
C MET A 213 21.00 -66.58 40.45
N THR A 214 21.40 -67.80 40.73
CA THR A 214 20.49 -68.77 41.31
C THR A 214 21.27 -69.77 42.18
N TRP A 215 20.52 -70.66 42.85
CA TRP A 215 21.09 -71.67 43.73
C TRP A 215 20.65 -73.06 43.27
N MET A 216 21.61 -73.96 43.11
CA MET A 216 21.32 -75.35 42.73
C MET A 216 21.43 -76.26 43.95
N LYS A 217 20.48 -77.19 44.09
CA LYS A 217 20.51 -78.21 45.15
C LYS A 217 20.83 -79.56 44.51
N ASN A 218 22.13 -79.89 44.43
CA ASN A 218 22.67 -81.14 43.89
C ASN A 218 22.69 -81.19 42.37
N GLY A 219 22.65 -80.05 41.68
CA GLY A 219 22.53 -80.07 40.24
C GLY A 219 21.11 -79.96 39.71
N GLU A 220 20.24 -79.23 40.41
CA GLU A 220 18.91 -78.89 39.92
C GLU A 220 18.51 -77.57 40.55
N GLU A 221 17.93 -76.68 39.75
CA GLU A 221 17.56 -75.34 40.22
C GLU A 221 16.37 -75.46 41.18
N ILE A 222 16.63 -75.20 42.46
CA ILE A 222 15.65 -75.43 43.52
C ILE A 222 14.44 -74.49 43.36
N GLU A 225 11.55 -71.90 44.75
CA GLU A 225 12.06 -72.34 46.04
C GLU A 225 13.31 -71.53 46.46
N ILE A 226 13.60 -70.50 45.67
CA ILE A 226 14.69 -69.57 45.91
C ILE A 226 14.07 -68.19 46.13
N ASP A 227 14.60 -67.44 47.09
CA ASP A 227 14.25 -66.03 47.24
C ASP A 227 15.30 -65.18 46.52
N TYR A 228 14.83 -64.28 45.65
CA TYR A 228 15.71 -63.46 44.83
C TYR A 228 15.71 -62.03 45.32
N GLY A 229 16.90 -61.46 45.47
CA GLY A 229 17.06 -60.05 45.69
C GLY A 229 17.03 -59.29 44.38
N ASP A 230 17.13 -57.97 44.48
CA ASP A 230 17.01 -57.12 43.31
C ASP A 230 18.38 -56.65 42.83
N ILE A 231 18.46 -56.25 41.56
CA ILE A 231 19.69 -55.68 41.05
C ILE A 231 19.69 -54.18 41.41
N LEU A 232 20.60 -53.77 42.33
CA LEU A 232 20.55 -52.43 42.93
C LEU A 232 21.78 -51.57 42.53
N PRO A 233 21.64 -50.25 42.53
CA PRO A 233 22.79 -49.40 42.22
C PRO A 233 23.68 -49.18 43.44
N SER A 234 24.99 -49.24 43.21
CA SER A 234 25.93 -48.97 44.29
C SER A 234 26.20 -47.47 44.43
N GLY A 235 26.15 -46.71 43.34
CA GLY A 235 26.42 -45.29 43.35
C GLY A 235 27.61 -44.89 42.48
N ASP A 236 28.57 -45.80 42.30
CA ASP A 236 29.73 -45.53 41.47
C ASP A 236 29.62 -46.15 40.09
N GLY A 237 28.42 -46.19 39.54
CA GLY A 237 28.26 -46.69 38.19
C GLY A 237 28.33 -48.19 38.05
N THR A 238 28.36 -48.92 39.15
CA THR A 238 28.32 -50.38 39.14
C THR A 238 27.07 -50.84 39.90
N TYR A 239 26.90 -52.16 40.01
CA TYR A 239 25.67 -52.72 40.53
C TYR A 239 25.96 -53.89 41.46
N GLN A 240 24.94 -54.26 42.25
CA GLN A 240 25.09 -55.33 43.23
C GLN A 240 23.77 -56.09 43.39
N ALA A 241 23.87 -57.36 43.77
CA ALA A 241 22.70 -58.23 43.90
C ALA A 241 23.01 -59.42 44.80
N TRP A 242 21.95 -60.15 45.16
CA TRP A 242 22.05 -61.31 46.04
C TRP A 242 20.86 -62.25 45.81
N ALA A 243 21.07 -63.52 46.14
CA ALA A 243 20.01 -64.53 46.18
C ALA A 243 20.25 -65.46 47.36
N SER A 244 19.26 -65.56 48.25
CA SER A 244 19.31 -66.39 49.44
C SER A 244 18.55 -67.70 49.26
N ILE A 245 18.91 -68.69 50.07
CA ILE A 245 18.22 -69.99 50.11
C ILE A 245 18.26 -70.50 51.55
N GLU A 246 17.14 -71.08 52.00
CA GLU A 246 17.06 -71.65 53.35
C GLU A 246 17.54 -73.09 53.35
N LEU A 247 18.15 -73.52 54.47
CA LEU A 247 18.88 -74.78 54.58
C LEU A 247 18.06 -75.84 55.30
N ASP A 248 18.18 -77.11 54.83
CA ASP A 248 17.45 -78.24 55.42
C ASP A 248 18.33 -78.99 56.41
N PRO A 249 18.09 -78.86 57.72
CA PRO A 249 18.92 -79.60 58.68
C PRO A 249 18.78 -81.11 58.59
N GLN A 250 17.59 -81.63 58.28
CA GLN A 250 17.30 -83.06 58.46
C GLN A 250 17.88 -83.94 57.36
N SER A 251 18.49 -83.34 56.34
CA SER A 251 19.21 -84.09 55.32
C SER A 251 20.41 -83.28 54.85
N SER A 252 21.40 -83.98 54.32
CA SER A 252 22.57 -83.34 53.74
CA SER A 252 22.57 -83.34 53.74
C SER A 252 22.33 -83.09 52.26
N ASN A 253 22.82 -81.94 51.78
CA ASN A 253 22.78 -81.61 50.37
C ASN A 253 23.98 -80.73 50.03
N LEU A 254 24.57 -80.98 48.86
CA LEU A 254 25.54 -80.04 48.33
C LEU A 254 24.80 -78.87 47.67
N TYR A 255 25.22 -77.65 48.01
CA TYR A 255 24.60 -76.42 47.51
C TYR A 255 25.62 -75.61 46.72
N SER A 256 25.12 -74.90 45.71
CA SER A 256 26.00 -74.18 44.82
C SER A 256 25.31 -72.93 44.30
N CYS A 257 26.08 -71.86 44.18
CA CYS A 257 25.59 -70.61 43.63
C CYS A 257 26.17 -70.46 42.22
N HIS A 258 25.30 -70.15 41.27
CA HIS A 258 25.68 -69.96 39.86
C HIS A 258 25.43 -68.51 39.49
N VAL A 259 26.41 -67.88 38.85
CA VAL A 259 26.31 -66.47 38.49
C VAL A 259 26.77 -66.33 37.04
N GLU A 260 25.84 -65.94 36.16
CA GLU A 260 26.11 -65.66 34.75
C GLU A 260 26.09 -64.15 34.58
N HIS A 261 27.15 -63.62 33.94
CA HIS A 261 27.27 -62.18 33.74
C HIS A 261 28.12 -61.94 32.51
N SER A 262 27.56 -61.24 31.52
CA SER A 262 28.27 -60.82 30.31
C SER A 262 29.07 -61.98 29.66
N GLY A 263 28.42 -63.11 29.42
CA GLY A 263 29.07 -64.21 28.70
C GLY A 263 30.06 -65.07 29.47
N VAL A 264 30.03 -65.04 30.80
CA VAL A 264 31.01 -65.68 31.66
C VAL A 264 30.25 -66.30 32.81
N HIS A 265 30.42 -67.60 33.02
N HIS A 265 30.42 -67.61 33.02
CA HIS A 265 29.71 -68.32 34.07
CA HIS A 265 29.67 -68.31 34.06
C HIS A 265 30.60 -68.48 35.29
C HIS A 265 30.58 -68.56 35.27
N MET A 266 30.01 -68.42 36.47
CA MET A 266 30.73 -68.59 37.73
C MET A 266 29.98 -69.62 38.57
N VAL A 267 30.72 -70.43 39.34
CA VAL A 267 30.12 -71.38 40.28
C VAL A 267 30.82 -71.27 41.63
N LEU A 268 30.03 -71.05 42.68
CA LEU A 268 30.53 -71.03 44.05
C LEU A 268 29.99 -72.24 44.82
N GLN A 269 30.87 -73.20 45.11
CA GLN A 269 30.55 -74.41 45.86
C GLN A 269 30.61 -74.17 47.35
N VAL A 270 29.79 -74.92 48.10
CA VAL A 270 29.70 -74.81 49.55
C VAL A 270 30.10 -76.12 50.22
N GLN B 3 -2.27 -47.07 42.11
CA GLN B 3 -1.30 -46.45 43.03
C GLN B 3 -0.45 -47.45 43.84
N ARG B 4 0.87 -47.38 43.71
CA ARG B 4 1.75 -48.43 44.22
C ARG B 4 2.71 -47.91 45.29
N THR B 5 2.64 -48.55 46.46
CA THR B 5 3.49 -48.16 47.58
C THR B 5 4.97 -48.38 47.24
N PRO B 6 5.87 -47.54 47.72
CA PRO B 6 7.28 -47.71 47.39
C PRO B 6 7.94 -48.87 48.13
N LYS B 7 8.90 -49.48 47.43
CA LYS B 7 9.84 -50.43 47.99
C LYS B 7 11.10 -49.69 48.40
N ILE B 8 11.54 -49.90 49.65
CA ILE B 8 12.62 -49.11 50.24
C ILE B 8 13.74 -50.07 50.64
N GLN B 9 14.96 -49.81 50.17
CA GLN B 9 16.09 -50.68 50.44
C GLN B 9 17.32 -49.90 50.86
N VAL B 10 17.88 -50.25 52.03
CA VAL B 10 19.00 -49.58 52.68
C VAL B 10 20.20 -50.52 52.66
N TYR B 11 21.26 -50.14 51.94
CA TYR B 11 22.43 -50.98 51.83
C TYR B 11 23.64 -50.06 51.71
N SER B 12 24.82 -50.66 51.52
CA SER B 12 26.06 -49.89 51.45
C SER B 12 26.73 -50.09 50.09
N ARG B 13 27.53 -49.10 49.68
CA ARG B 13 28.09 -49.11 48.33
C ARG B 13 29.07 -50.27 48.15
N HIS B 14 30.00 -50.42 49.10
CA HIS B 14 30.90 -51.55 49.23
C HIS B 14 30.56 -52.33 50.50
N PRO B 15 30.95 -53.60 50.59
CA PRO B 15 30.76 -54.33 51.86
C PRO B 15 31.56 -53.65 52.97
N ALA B 16 30.85 -53.22 54.01
CA ALA B 16 31.40 -52.33 55.03
C ALA B 16 32.22 -53.09 56.09
N GLU B 17 33.38 -52.54 56.42
CA GLU B 17 34.12 -52.91 57.62
C GLU B 17 34.06 -51.75 58.59
N ASN B 18 33.91 -52.04 59.87
CA ASN B 18 33.79 -50.98 60.87
C ASN B 18 35.04 -50.11 60.87
N GLY B 19 34.83 -48.80 60.89
CA GLY B 19 35.91 -47.84 60.78
C GLY B 19 36.39 -47.59 59.36
N LYS B 20 35.93 -48.37 58.39
CA LYS B 20 36.32 -48.17 57.00
C LYS B 20 35.23 -47.36 56.30
N SER B 21 35.66 -46.33 55.57
CA SER B 21 34.74 -45.40 54.95
C SER B 21 33.87 -46.14 53.94
N ASN B 22 32.66 -45.62 53.73
CA ASN B 22 31.72 -46.22 52.78
C ASN B 22 30.66 -45.19 52.42
N PHE B 23 29.73 -45.58 51.54
CA PHE B 23 28.55 -44.79 51.17
C PHE B 23 27.29 -45.54 51.57
N LEU B 24 26.36 -44.84 52.22
CA LEU B 24 25.07 -45.41 52.61
C LEU B 24 24.03 -45.09 51.54
N ASN B 25 23.46 -46.13 50.94
CA ASN B 25 22.48 -46.02 49.86
C ASN B 25 21.09 -46.34 50.39
N CYS B 26 20.11 -45.49 50.08
CA CYS B 26 18.70 -45.84 50.20
C CYS B 26 18.09 -45.74 48.80
N TYR B 27 17.65 -46.89 48.28
CA TYR B 27 17.07 -47.05 46.95
C TYR B 27 15.57 -47.23 47.12
N VAL B 28 14.80 -46.23 46.69
CA VAL B 28 13.34 -46.26 46.72
C VAL B 28 12.85 -46.41 45.29
N SER B 29 11.97 -47.39 45.04
CA SER B 29 11.67 -47.75 43.66
C SER B 29 10.28 -48.35 43.55
N GLY B 30 9.77 -48.41 42.32
CA GLY B 30 8.55 -49.12 42.01
C GLY B 30 7.29 -48.53 42.60
N PHE B 31 7.35 -47.24 42.96
CA PHE B 31 6.19 -46.51 43.45
C PHE B 31 5.63 -45.63 42.34
N HIS B 32 4.44 -45.09 42.61
CA HIS B 32 3.63 -44.27 41.71
C HIS B 32 2.50 -43.66 42.53
N PRO B 33 2.21 -42.35 42.41
CA PRO B 33 2.86 -41.34 41.56
C PRO B 33 4.24 -40.87 42.05
N SER B 34 4.75 -39.80 41.41
CA SER B 34 6.16 -39.40 41.43
C SER B 34 6.56 -38.56 42.64
N ASP B 35 5.63 -38.16 43.51
CA ASP B 35 5.95 -37.28 44.63
C ASP B 35 6.28 -38.13 45.86
N ILE B 36 7.40 -37.81 46.50
CA ILE B 36 7.93 -38.64 47.58
C ILE B 36 9.06 -37.94 48.34
N GLU B 37 9.08 -38.09 49.65
CA GLU B 37 10.12 -37.56 50.51
C GLU B 37 11.03 -38.70 50.95
N VAL B 38 12.35 -38.46 50.97
CA VAL B 38 13.33 -39.43 51.47
C VAL B 38 14.40 -38.72 52.30
N ASP B 39 14.75 -39.29 53.45
CA ASP B 39 15.88 -38.82 54.24
C ASP B 39 16.61 -40.01 54.85
N LEU B 40 17.91 -39.88 55.04
CA LEU B 40 18.64 -40.89 55.76
C LEU B 40 18.70 -40.52 57.25
N LEU B 41 18.79 -41.53 58.11
CA LEU B 41 18.64 -41.32 59.55
C LEU B 41 19.82 -41.92 60.33
N LYS B 42 20.61 -41.07 61.00
CA LYS B 42 21.70 -41.52 61.89
C LYS B 42 21.21 -41.49 63.34
N ASN B 43 20.89 -42.66 63.88
CA ASN B 43 20.54 -42.83 65.29
C ASN B 43 19.30 -42.00 65.66
N GLY B 44 18.39 -41.81 64.72
CA GLY B 44 17.17 -41.08 65.01
C GLY B 44 17.07 -39.73 64.34
N GLU B 45 18.16 -38.96 64.34
CA GLU B 45 18.21 -37.65 63.69
C GLU B 45 18.49 -37.82 62.20
N ARG B 46 17.98 -36.88 61.39
CA ARG B 46 18.15 -36.94 59.94
C ARG B 46 19.48 -36.32 59.52
N ILE B 47 20.20 -37.01 58.62
CA ILE B 47 21.45 -36.48 58.10
C ILE B 47 21.17 -35.26 57.23
N GLU B 48 22.11 -34.32 57.22
CA GLU B 48 21.95 -33.07 56.49
C GLU B 48 22.57 -33.16 55.10
N LYS B 49 23.87 -33.44 55.03
CA LYS B 49 24.56 -33.59 53.75
C LYS B 49 24.20 -34.95 53.15
N VAL B 50 22.96 -35.04 52.66
CA VAL B 50 22.42 -36.28 52.13
C VAL B 50 21.97 -36.04 50.70
N GLU B 51 22.58 -36.76 49.76
CA GLU B 51 22.40 -36.52 48.32
C GLU B 51 21.29 -37.39 47.72
N HIS B 52 21.10 -37.29 46.40
CA HIS B 52 20.09 -38.09 45.70
C HIS B 52 20.22 -37.89 44.19
N SER B 53 19.77 -38.91 43.44
CA SER B 53 19.81 -38.89 41.98
C SER B 53 18.49 -38.34 41.41
N ASP B 54 18.51 -37.98 40.12
CA ASP B 54 17.29 -37.45 39.51
C ASP B 54 16.26 -38.57 39.35
N LEU B 55 14.98 -38.18 39.40
CA LEU B 55 13.90 -39.14 39.22
C LEU B 55 14.13 -40.00 37.98
N SER B 56 13.51 -41.18 37.94
CA SER B 56 13.85 -42.13 36.89
C SER B 56 12.65 -43.01 36.60
N PHE B 57 12.66 -43.64 35.43
CA PHE B 57 11.45 -44.23 34.84
C PHE B 57 11.65 -45.70 34.51
N SER B 58 10.72 -46.53 34.96
CA SER B 58 10.73 -47.95 34.62
C SER B 58 9.85 -48.17 33.37
N LYS B 59 10.01 -49.35 32.76
CA LYS B 59 9.11 -49.71 31.67
C LYS B 59 7.69 -49.87 32.17
N ASP B 60 7.51 -50.26 33.43
CA ASP B 60 6.19 -50.50 34.00
C ASP B 60 5.56 -49.23 34.58
N TRP B 61 6.05 -48.07 34.16
CA TRP B 61 5.56 -46.73 34.46
C TRP B 61 5.97 -46.23 35.86
N SER B 62 6.55 -47.07 36.72
CA SER B 62 6.88 -46.71 38.09
C SER B 62 8.19 -45.94 38.12
N PHE B 63 8.44 -45.25 39.24
CA PHE B 63 9.61 -44.38 39.36
C PHE B 63 10.60 -44.92 40.40
N TYR B 64 11.88 -44.55 40.25
CA TYR B 64 12.90 -44.91 41.24
C TYR B 64 13.85 -43.74 41.51
N LEU B 65 14.50 -43.83 42.69
CA LEU B 65 15.41 -42.82 43.24
C LEU B 65 16.43 -43.50 44.14
N LEU B 66 17.68 -43.05 44.09
CA LEU B 66 18.72 -43.49 45.02
C LEU B 66 19.06 -42.33 45.94
N TYR B 67 18.96 -42.54 47.25
CA TYR B 67 19.38 -41.53 48.21
C TYR B 67 20.63 -42.04 48.92
N TYR B 68 21.71 -41.25 48.87
CA TYR B 68 23.00 -41.70 49.36
C TYR B 68 23.62 -40.65 50.29
N THR B 69 24.66 -41.07 51.00
CA THR B 69 25.40 -40.19 51.90
C THR B 69 26.75 -40.83 52.24
N GLU B 70 27.78 -40.01 52.34
CA GLU B 70 29.09 -40.56 52.67
C GLU B 70 29.23 -40.66 54.19
N PHE B 71 29.57 -41.87 54.67
CA PHE B 71 29.73 -42.13 56.11
C PHE B 71 30.87 -43.11 56.36
N THR B 72 31.07 -43.42 57.64
CA THR B 72 31.92 -44.51 58.10
C THR B 72 31.21 -45.22 59.25
N PRO B 73 30.74 -46.44 59.01
CA PRO B 73 29.97 -47.14 60.04
C PRO B 73 30.84 -47.52 61.23
N THR B 74 30.21 -47.59 62.40
CA THR B 74 30.86 -47.99 63.63
C THR B 74 29.94 -48.95 64.38
N GLU B 75 30.54 -49.70 65.31
CA GLU B 75 29.74 -50.59 66.14
C GLU B 75 28.60 -49.83 66.80
N LYS B 76 28.91 -48.63 67.31
CA LYS B 76 27.89 -47.80 67.97
C LYS B 76 26.85 -47.30 66.96
N ASP B 77 27.28 -46.72 65.83
CA ASP B 77 26.37 -45.98 64.94
C ASP B 77 25.41 -46.87 64.13
N CYS B 81 16.51 -45.58 56.81
CA CYS B 81 15.84 -44.74 55.82
C CYS B 81 14.37 -44.49 56.22
N ARG B 82 13.94 -43.23 56.04
CA ARG B 82 12.58 -42.78 56.37
C ARG B 82 11.98 -42.14 55.13
N VAL B 83 11.05 -42.86 54.50
CA VAL B 83 10.38 -42.49 53.25
C VAL B 83 8.92 -42.17 53.56
N ASN B 84 8.36 -41.18 52.88
CA ASN B 84 6.94 -40.91 52.99
C ASN B 84 6.32 -40.70 51.61
N HIS B 85 5.02 -41.04 51.53
CA HIS B 85 4.29 -41.09 50.28
C HIS B 85 2.81 -40.82 50.58
N VAL B 86 2.00 -40.69 49.52
CA VAL B 86 0.55 -40.76 49.69
C VAL B 86 0.15 -42.17 50.10
N THR B 87 0.84 -43.19 49.58
CA THR B 87 0.37 -44.55 49.79
C THR B 87 0.52 -45.03 51.24
N LEU B 88 1.23 -44.29 52.09
CA LEU B 88 1.49 -44.68 53.47
C LEU B 88 0.84 -43.71 54.43
N SER B 89 0.23 -44.25 55.50
CA SER B 89 -0.42 -43.43 56.51
C SER B 89 0.58 -42.49 57.16
N GLN B 90 1.57 -43.06 57.82
CA GLN B 90 2.69 -42.36 58.44
C GLN B 90 3.96 -42.74 57.70
N PRO B 91 5.04 -41.97 57.86
CA PRO B 91 6.31 -42.35 57.21
C PRO B 91 6.77 -43.72 57.69
N LYS B 92 7.07 -44.61 56.73
CA LYS B 92 7.62 -45.93 57.03
C LYS B 92 9.13 -45.84 57.16
N ILE B 93 9.68 -46.53 58.16
CA ILE B 93 11.11 -46.49 58.49
C ILE B 93 11.73 -47.85 58.18
N VAL B 94 12.84 -47.83 57.44
CA VAL B 94 13.59 -49.06 57.15
C VAL B 94 15.02 -48.83 57.61
N LYS B 95 15.53 -49.71 58.47
CA LYS B 95 16.84 -49.54 59.07
C LYS B 95 17.86 -50.48 58.44
N TRP B 96 19.12 -50.08 58.48
CA TRP B 96 20.19 -50.80 57.81
C TRP B 96 20.61 -51.99 58.66
N ASP B 97 20.53 -53.22 58.11
CA ASP B 97 20.95 -54.45 58.78
C ASP B 97 22.20 -54.99 58.08
N ARG B 98 23.36 -54.81 58.70
CA ARG B 98 24.64 -55.09 58.08
C ARG B 98 24.98 -56.58 58.08
N ARG C 2 -25.23 3.03 -9.96
CA ARG C 2 -24.99 2.83 -11.40
C ARG C 2 -24.00 3.88 -11.93
N THR C 3 -23.81 3.92 -13.25
CA THR C 3 -22.78 4.76 -13.85
C THR C 3 -23.33 6.14 -14.13
N HIS C 4 -22.72 7.15 -13.52
CA HIS C 4 -23.10 8.54 -13.72
C HIS C 4 -21.91 9.29 -14.33
N SER C 5 -22.21 10.47 -14.88
CA SER C 5 -21.17 11.22 -15.57
C SER C 5 -21.44 12.73 -15.48
N LEU C 6 -20.39 13.49 -15.73
CA LEU C 6 -20.42 14.94 -15.82
C LEU C 6 -19.37 15.33 -16.84
N ARG C 7 -19.76 16.09 -17.85
CA ARG C 7 -18.87 16.56 -18.91
C ARG C 7 -19.09 18.05 -19.14
N TYR C 8 -18.10 18.72 -19.70
CA TYR C 8 -18.29 20.06 -20.22
C TYR C 8 -17.78 20.13 -21.64
N PHE C 9 -18.60 20.67 -22.54
CA PHE C 9 -18.21 20.84 -23.93
C PHE C 9 -17.99 22.31 -24.21
N ARG C 10 -17.02 22.60 -25.09
CA ARG C 10 -16.85 23.93 -25.67
C ARG C 10 -16.71 23.76 -27.18
N LEU C 11 -17.38 24.64 -27.93
CA LEU C 11 -17.36 24.64 -29.39
C LEU C 11 -17.07 26.06 -29.82
N GLY C 12 -16.15 26.19 -30.75
CA GLY C 12 -15.70 27.47 -31.23
C GLY C 12 -15.64 27.42 -32.74
N VAL C 13 -16.37 28.34 -33.35
CA VAL C 13 -16.51 28.40 -34.79
C VAL C 13 -15.87 29.69 -35.23
N SER C 14 -14.91 29.59 -36.14
CA SER C 14 -14.33 30.76 -36.77
C SER C 14 -15.20 31.13 -37.95
N ASP C 15 -15.43 32.43 -38.14
CA ASP C 15 -16.26 32.93 -39.23
C ASP C 15 -17.64 32.27 -39.30
N PRO C 16 -18.49 32.45 -38.31
CA PRO C 16 -19.83 31.86 -38.37
C PRO C 16 -20.82 32.74 -39.15
N ILE C 17 -21.84 32.06 -39.70
CA ILE C 17 -22.98 32.72 -40.34
C ILE C 17 -23.85 33.41 -39.29
N HIS C 18 -24.80 34.23 -39.76
CA HIS C 18 -25.50 35.19 -38.90
C HIS C 18 -26.14 34.55 -37.66
N GLY C 19 -26.43 33.24 -37.69
CA GLY C 19 -27.18 32.58 -36.63
C GLY C 19 -26.44 31.58 -35.76
N VAL C 20 -25.23 31.17 -36.14
CA VAL C 20 -24.43 30.27 -35.33
C VAL C 20 -23.50 31.12 -34.45
N PRO C 21 -23.63 31.06 -33.13
CA PRO C 21 -22.72 31.82 -32.27
C PRO C 21 -21.31 31.27 -32.32
N GLU C 22 -20.34 32.15 -32.05
CA GLU C 22 -18.91 31.87 -32.18
C GLU C 22 -18.37 30.96 -31.08
N PHE C 23 -19.06 30.88 -29.94
CA PHE C 23 -18.63 30.08 -28.80
C PHE C 23 -19.86 29.46 -28.16
N ILE C 24 -19.78 28.17 -27.81
CA ILE C 24 -20.82 27.52 -27.03
C ILE C 24 -20.15 26.70 -25.93
N SER C 25 -20.66 26.80 -24.70
CA SER C 25 -20.24 25.95 -23.59
C SER C 25 -21.46 25.32 -22.97
N VAL C 26 -21.44 23.99 -22.81
CA VAL C 26 -22.60 23.20 -22.42
C VAL C 26 -22.11 22.07 -21.52
N GLY C 27 -22.82 21.82 -20.42
CA GLY C 27 -22.43 20.77 -19.50
C GLY C 27 -23.57 19.81 -19.20
N TYR C 28 -23.22 18.52 -19.08
CA TYR C 28 -24.22 17.46 -18.86
C TYR C 28 -23.88 16.62 -17.64
N VAL C 29 -24.91 16.34 -16.83
CA VAL C 29 -24.92 15.18 -15.94
C VAL C 29 -25.74 14.09 -16.61
N ASP C 30 -25.18 12.89 -16.72
CA ASP C 30 -25.88 11.77 -17.36
C ASP C 30 -26.33 12.24 -18.74
N SER C 31 -27.57 12.00 -19.15
CA SER C 31 -28.05 12.57 -20.41
C SER C 31 -28.39 14.05 -20.30
N HIS C 32 -28.83 14.49 -19.11
CA HIS C 32 -29.55 15.76 -18.94
C HIS C 32 -28.61 16.95 -19.00
N PRO C 33 -28.76 17.87 -19.95
CA PRO C 33 -27.90 19.06 -19.97
C PRO C 33 -28.10 19.87 -18.68
N ILE C 34 -26.99 20.37 -18.12
CA ILE C 34 -27.06 21.11 -16.87
C ILE C 34 -26.70 22.59 -17.04
N THR C 35 -25.71 22.93 -17.85
CA THR C 35 -25.37 24.35 -17.97
C THR C 35 -25.34 24.79 -19.43
N THR C 36 -25.50 26.10 -19.62
CA THR C 36 -25.43 26.75 -20.94
C THR C 36 -24.77 28.13 -20.84
N TYR C 37 -23.87 28.38 -21.78
CA TYR C 37 -23.40 29.72 -22.09
C TYR C 37 -23.03 29.68 -23.57
N ASP C 38 -23.21 30.80 -24.25
CA ASP C 38 -22.68 30.91 -25.61
C ASP C 38 -22.23 32.33 -25.86
N SER C 39 -21.62 32.54 -27.02
CA SER C 39 -20.96 33.81 -27.32
C SER C 39 -21.93 34.92 -27.63
N VAL C 40 -23.23 34.70 -27.50
CA VAL C 40 -24.23 35.68 -27.87
C VAL C 40 -24.92 36.28 -26.66
N THR C 41 -25.53 35.44 -25.82
CA THR C 41 -26.08 35.96 -24.57
C THR C 41 -24.98 36.29 -23.56
N ARG C 42 -23.84 35.61 -23.62
CA ARG C 42 -22.70 35.92 -22.79
C ARG C 42 -23.00 35.78 -21.29
N GLN C 43 -23.91 34.84 -20.94
CA GLN C 43 -24.23 34.48 -19.56
C GLN C 43 -24.27 32.97 -19.40
N LYS C 44 -23.77 32.46 -18.27
CA LYS C 44 -23.99 31.04 -17.95
C LYS C 44 -25.32 30.89 -17.21
N GLU C 45 -26.19 30.04 -17.75
CA GLU C 45 -27.55 29.79 -17.27
C GLU C 45 -27.75 28.29 -17.02
N PRO C 46 -28.60 27.93 -16.06
CA PRO C 46 -29.01 26.51 -15.96
C PRO C 46 -29.85 26.07 -17.16
N ARG C 47 -29.93 24.73 -17.31
CA ARG C 47 -30.82 24.09 -18.26
C ARG C 47 -31.67 22.99 -17.61
N ALA C 48 -31.46 22.73 -16.32
CA ALA C 48 -32.26 21.83 -15.51
C ALA C 48 -32.89 22.61 -14.36
N PRO C 49 -34.13 22.31 -14.00
CA PRO C 49 -34.74 23.06 -12.89
C PRO C 49 -33.94 22.91 -11.61
N TRP C 50 -33.50 21.69 -11.30
CA TRP C 50 -32.80 21.41 -10.05
C TRP C 50 -31.37 21.95 -10.02
N MET C 51 -30.78 22.28 -11.17
CA MET C 51 -29.55 23.08 -11.14
C MET C 51 -29.85 24.47 -10.62
N ALA C 52 -30.94 25.07 -11.10
CA ALA C 52 -31.31 26.42 -10.72
C ALA C 52 -31.87 26.51 -9.30
N GLU C 53 -32.61 25.47 -8.87
CA GLU C 53 -33.20 25.45 -7.52
C GLU C 53 -32.13 25.48 -6.42
N ASN C 54 -30.95 24.89 -6.65
CA ASN C 54 -29.97 24.62 -5.59
C ASN C 54 -28.70 25.47 -5.65
N LEU C 55 -28.42 26.14 -6.74
CA LEU C 55 -27.24 26.98 -6.84
C LEU C 55 -27.64 28.45 -6.78
N ALA C 56 -26.91 29.21 -5.95
CA ALA C 56 -27.16 30.63 -5.75
C ALA C 56 -26.72 31.42 -6.98
N PRO C 57 -27.22 32.65 -7.14
CA PRO C 57 -26.81 33.44 -8.32
C PRO C 57 -25.31 33.72 -8.37
N ASP C 58 -24.64 33.88 -7.21
CA ASP C 58 -23.21 34.14 -7.23
C ASP C 58 -22.47 33.06 -8.02
N HIS C 59 -23.00 31.83 -8.00
CA HIS C 59 -22.50 30.76 -8.86
C HIS C 59 -22.54 31.18 -10.32
N TRP C 60 -23.70 31.61 -10.79
CA TRP C 60 -23.80 31.96 -12.19
C TRP C 60 -23.10 33.25 -12.51
N GLU C 61 -22.93 34.13 -11.52
CA GLU C 61 -22.19 35.37 -11.73
C GLU C 61 -20.70 35.09 -11.87
N ARG C 62 -20.16 34.20 -11.02
CA ARG C 62 -18.75 33.81 -11.16
C ARG C 62 -18.50 33.06 -12.46
N TYR C 63 -19.31 32.05 -12.74
CA TYR C 63 -18.98 31.27 -13.93
C TYR C 63 -19.31 32.00 -15.23
N THR C 64 -20.14 33.05 -15.18
CA THR C 64 -20.26 33.93 -16.35
C THR C 64 -18.95 34.64 -16.63
N GLN C 65 -18.32 35.18 -15.59
CA GLN C 65 -17.05 35.88 -15.82
C GLN C 65 -16.02 34.91 -16.37
N LEU C 66 -15.92 33.71 -15.77
CA LEU C 66 -14.90 32.78 -16.23
C LEU C 66 -15.15 32.36 -17.67
N LEU C 67 -16.42 32.13 -18.01
CA LEU C 67 -16.78 31.71 -19.36
C LEU C 67 -16.52 32.79 -20.39
N ARG C 68 -16.80 34.06 -20.06
CA ARG C 68 -16.42 35.15 -20.95
C ARG C 68 -14.93 35.07 -21.25
N GLY C 69 -14.11 34.96 -20.20
CA GLY C 69 -12.67 34.80 -20.41
C GLY C 69 -12.33 33.56 -21.21
N TRP C 70 -13.02 32.45 -20.92
CA TRP C 70 -12.70 31.20 -21.60
C TRP C 70 -12.98 31.28 -23.08
N GLN C 71 -14.02 32.02 -23.47
CA GLN C 71 -14.33 32.21 -24.88
C GLN C 71 -13.20 32.93 -25.61
N GLN C 72 -12.62 33.94 -24.97
CA GLN C 72 -11.51 34.66 -25.58
C GLN C 72 -10.29 33.77 -25.74
N MET C 73 -10.11 32.79 -24.85
CA MET C 73 -9.06 31.80 -25.04
C MET C 73 -9.31 30.98 -26.31
N PHE C 74 -10.54 30.46 -26.43
CA PHE C 74 -10.89 29.61 -27.57
C PHE C 74 -10.71 30.35 -28.88
N LYS C 75 -11.13 31.61 -28.93
CA LYS C 75 -10.96 32.42 -30.13
C LYS C 75 -9.49 32.52 -30.53
N VAL C 76 -8.60 32.86 -29.58
CA VAL C 76 -7.19 32.96 -29.95
C VAL C 76 -6.63 31.56 -30.25
N GLU C 77 -6.99 30.54 -29.47
CA GLU C 77 -6.47 29.19 -29.70
C GLU C 77 -6.76 28.74 -31.14
N LEU C 78 -8.03 28.85 -31.58
CA LEU C 78 -8.37 28.44 -32.93
C LEU C 78 -7.72 29.33 -34.00
N LYS C 79 -7.48 30.61 -33.71
CA LYS C 79 -6.72 31.43 -34.65
C LYS C 79 -5.33 30.85 -34.89
N ARG C 80 -4.65 30.45 -33.81
CA ARG C 80 -3.30 29.90 -33.93
C ARG C 80 -3.29 28.54 -34.61
N LEU C 81 -4.31 27.71 -34.37
CA LEU C 81 -4.40 26.41 -35.05
C LEU C 81 -4.45 26.61 -36.55
N GLN C 82 -5.32 27.51 -36.99
CA GLN C 82 -5.48 27.78 -38.42
C GLN C 82 -4.13 28.11 -39.05
N ARG C 83 -3.29 28.85 -38.33
CA ARG C 83 -2.02 29.35 -38.87
C ARG C 83 -0.97 28.26 -38.98
N HIS C 84 -1.02 27.27 -38.06
CA HIS C 84 -0.17 26.09 -38.21
C HIS C 84 -0.57 25.27 -39.43
N TYR C 85 -1.85 25.17 -39.70
CA TYR C 85 -2.32 24.44 -40.87
C TYR C 85 -2.34 25.26 -42.16
N ASN C 86 -2.10 26.57 -42.09
CA ASN C 86 -2.33 27.47 -43.24
C ASN C 86 -3.77 27.31 -43.75
N HIS C 87 -4.75 27.56 -42.87
CA HIS C 87 -6.17 27.33 -43.15
C HIS C 87 -6.98 28.63 -43.12
N SER C 88 -7.42 29.09 -44.28
CA SER C 88 -8.46 30.11 -44.38
C SER C 88 -9.83 29.46 -44.15
N GLY C 89 -10.86 30.30 -44.09
CA GLY C 89 -12.21 29.77 -43.99
C GLY C 89 -12.72 29.61 -42.57
N SER C 90 -13.81 28.85 -42.47
CA SER C 90 -14.49 28.60 -41.20
C SER C 90 -14.15 27.19 -40.72
N HIS C 91 -13.41 27.09 -39.62
CA HIS C 91 -13.09 25.79 -39.04
C HIS C 91 -13.55 25.74 -37.59
N THR C 92 -13.62 24.53 -37.03
CA THR C 92 -14.14 24.42 -35.66
C THR C 92 -13.07 23.88 -34.71
N TYR C 93 -13.15 24.35 -33.47
CA TYR C 93 -12.33 23.90 -32.33
C TYR C 93 -13.28 23.41 -31.25
N GLN C 94 -12.97 22.27 -30.65
CA GLN C 94 -13.88 21.65 -29.71
C GLN C 94 -13.12 21.08 -28.52
N ARG C 95 -13.70 21.21 -27.34
CA ARG C 95 -13.08 20.65 -26.17
C ARG C 95 -14.14 19.91 -25.37
N MET C 96 -13.71 18.80 -24.80
CA MET C 96 -14.54 18.02 -23.88
C MET C 96 -13.68 17.66 -22.68
N ILE C 97 -14.10 18.09 -21.49
CA ILE C 97 -13.52 17.57 -20.27
C ILE C 97 -14.65 16.91 -19.49
N GLY C 98 -14.29 15.94 -18.66
CA GLY C 98 -15.26 15.33 -17.79
C GLY C 98 -14.68 14.12 -17.07
N CYS C 99 -15.54 13.53 -16.24
CA CYS C 99 -15.18 12.36 -15.44
C CYS C 99 -16.38 11.43 -15.33
N GLU C 100 -16.12 10.18 -14.95
CA GLU C 100 -17.14 9.17 -14.70
C GLU C 100 -16.93 8.59 -13.31
N LEU C 101 -18.04 8.28 -12.62
CA LEU C 101 -18.06 7.51 -11.38
C LEU C 101 -18.93 6.28 -11.59
N LEU C 102 -18.33 5.10 -11.49
CA LEU C 102 -19.05 3.88 -11.81
C LEU C 102 -19.83 3.36 -10.60
N GLU C 103 -20.81 2.51 -10.90
CA GLU C 103 -21.38 1.63 -9.89
C GLU C 103 -20.27 0.88 -9.17
N ASP C 104 -19.25 0.45 -9.93
CA ASP C 104 -18.10 -0.36 -9.49
C ASP C 104 -17.15 0.39 -8.53
N GLY C 105 -17.46 1.61 -8.15
CA GLY C 105 -16.62 2.38 -7.24
C GLY C 105 -15.43 3.03 -7.94
N SER C 106 -15.10 2.52 -9.13
CA SER C 106 -14.01 3.09 -9.90
C SER C 106 -14.40 4.44 -10.51
N THR C 107 -13.38 5.18 -10.96
CA THR C 107 -13.57 6.47 -11.61
C THR C 107 -12.64 6.59 -12.80
N THR C 108 -13.14 7.19 -13.86
CA THR C 108 -12.33 7.69 -14.98
C THR C 108 -12.42 9.22 -15.04
N GLY C 109 -11.49 9.81 -15.77
CA GLY C 109 -11.57 11.23 -16.12
C GLY C 109 -10.95 11.42 -17.49
N PHE C 110 -11.38 12.46 -18.20
CA PHE C 110 -10.90 12.59 -19.56
C PHE C 110 -10.90 14.04 -19.97
N LEU C 111 -10.06 14.36 -20.95
CA LEU C 111 -9.98 15.71 -21.49
C LEU C 111 -9.42 15.60 -22.90
N GLN C 112 -10.19 16.05 -23.90
CA GLN C 112 -9.77 15.94 -25.29
C GLN C 112 -10.16 17.20 -26.06
N TYR C 113 -9.41 17.45 -27.13
CA TYR C 113 -9.71 18.50 -28.10
C TYR C 113 -9.78 17.92 -29.49
N ALA C 114 -10.69 18.46 -30.28
CA ALA C 114 -10.78 18.18 -31.69
C ALA C 114 -10.80 19.51 -32.45
N TYR C 115 -10.30 19.47 -33.68
CA TYR C 115 -10.36 20.62 -34.59
C TYR C 115 -10.91 20.11 -35.92
N ASP C 116 -11.96 20.77 -36.42
CA ASP C 116 -12.72 20.28 -37.59
C ASP C 116 -13.38 18.91 -37.33
N GLY C 117 -13.76 18.63 -36.08
CA GLY C 117 -14.55 17.46 -35.74
C GLY C 117 -13.79 16.16 -35.53
N GLN C 118 -12.47 16.15 -35.75
CA GLN C 118 -11.63 14.98 -35.60
C GLN C 118 -10.70 15.13 -34.41
N ASP C 119 -10.39 14.01 -33.74
CA ASP C 119 -9.45 14.00 -32.60
C ASP C 119 -8.18 14.78 -32.92
N PHE C 120 -7.77 15.64 -31.98
CA PHE C 120 -6.56 16.44 -32.09
C PHE C 120 -5.59 16.23 -30.93
N LEU C 121 -6.06 16.35 -29.68
CA LEU C 121 -5.22 16.08 -28.52
C LEU C 121 -5.99 15.24 -27.51
N ILE C 122 -5.42 14.08 -27.12
CA ILE C 122 -6.03 13.22 -26.11
C ILE C 122 -5.13 13.19 -24.89
N PHE C 123 -5.65 13.69 -23.77
CA PHE C 123 -4.96 13.68 -22.48
C PHE C 123 -4.92 12.29 -21.91
N ASN C 124 -3.84 11.99 -21.21
CA ASN C 124 -3.75 10.79 -20.38
C ASN C 124 -3.43 11.30 -18.98
N LYS C 125 -4.48 11.44 -18.15
CA LYS C 125 -4.29 11.88 -16.77
C LYS C 125 -3.42 10.92 -15.97
N ASP C 126 -3.31 9.63 -16.37
CA ASP C 126 -2.55 8.70 -15.56
C ASP C 126 -1.05 8.76 -15.85
N THR C 127 -0.68 8.90 -17.13
CA THR C 127 0.70 9.18 -17.50
C THR C 127 1.03 10.67 -17.50
N LEU C 128 0.02 11.54 -17.52
CA LEU C 128 0.21 13.00 -17.55
C LEU C 128 1.00 13.45 -18.79
N SER C 129 0.53 12.99 -19.96
CA SER C 129 1.03 13.40 -21.27
C SER C 129 -0.14 13.53 -22.25
N TRP C 130 0.12 14.09 -23.42
CA TRP C 130 -0.92 14.30 -24.42
C TRP C 130 -0.61 13.50 -25.68
N LEU C 131 -1.56 12.69 -26.11
CA LEU C 131 -1.43 11.97 -27.38
C LEU C 131 -1.86 12.90 -28.52
N ALA C 132 -0.94 13.16 -29.44
CA ALA C 132 -1.11 14.12 -30.53
C ALA C 132 -1.33 13.38 -31.85
N VAL C 133 -2.32 13.82 -32.63
CA VAL C 133 -2.63 13.07 -33.85
C VAL C 133 -1.73 13.41 -35.02
N ASP C 134 -1.12 14.59 -35.05
CA ASP C 134 -0.31 14.96 -36.19
C ASP C 134 0.75 15.97 -35.78
N ASN C 135 1.54 16.40 -36.76
CA ASN C 135 2.69 17.25 -36.50
C ASN C 135 2.28 18.59 -35.90
N VAL C 136 1.05 19.04 -36.18
CA VAL C 136 0.57 20.27 -35.55
C VAL C 136 0.17 20.02 -34.10
N ALA C 137 -0.56 18.94 -33.85
CA ALA C 137 -0.97 18.62 -32.49
C ALA C 137 0.25 18.36 -31.59
N HIS C 138 1.34 17.86 -32.19
CA HIS C 138 2.58 17.64 -31.44
C HIS C 138 3.16 18.96 -30.93
N THR C 139 3.08 20.02 -31.74
CA THR C 139 3.59 21.32 -31.31
C THR C 139 2.86 21.82 -30.06
N ILE C 140 1.53 21.67 -30.01
CA ILE C 140 0.80 22.03 -28.79
C ILE C 140 1.13 21.05 -27.67
N LYS C 141 1.39 19.79 -28.02
CA LYS C 141 1.75 18.80 -27.02
C LYS C 141 3.05 19.16 -26.31
N GLN C 142 3.97 19.82 -27.00
CA GLN C 142 5.18 20.28 -26.34
C GLN C 142 4.91 21.47 -25.42
N ALA C 143 4.15 22.44 -25.88
CA ALA C 143 3.82 23.59 -25.04
C ALA C 143 3.14 23.16 -23.76
N TRP C 144 2.10 22.34 -23.90
CA TRP C 144 1.32 21.94 -22.74
C TRP C 144 2.13 21.06 -21.80
N GLU C 145 2.95 20.18 -22.36
CA GLU C 145 3.74 19.29 -21.51
C GLU C 145 4.91 20.00 -20.87
N ALA C 146 5.19 21.27 -21.22
CA ALA C 146 6.30 21.98 -20.59
C ALA C 146 5.88 22.65 -19.28
N ASN C 147 4.58 22.79 -19.05
CA ASN C 147 4.07 23.30 -17.79
C ASN C 147 3.77 22.12 -16.87
N GLN C 148 4.80 21.69 -16.14
CA GLN C 148 4.63 20.56 -15.22
C GLN C 148 3.46 20.77 -14.26
N HIS C 149 3.27 22.02 -13.79
CA HIS C 149 2.27 22.28 -12.74
C HIS C 149 0.84 22.18 -13.28
N GLU C 150 0.60 22.61 -14.52
CA GLU C 150 -0.74 22.57 -15.08
C GLU C 150 -1.19 21.14 -15.37
N LEU C 151 -0.25 20.22 -15.56
CA LEU C 151 -0.63 18.83 -15.76
C LEU C 151 -1.07 18.18 -14.44
N LEU C 152 -0.37 18.49 -13.34
CA LEU C 152 -0.84 18.06 -12.02
C LEU C 152 -2.20 18.67 -11.71
N TYR C 153 -2.41 19.93 -12.10
CA TYR C 153 -3.64 20.65 -11.75
C TYR C 153 -4.86 19.99 -12.36
N GLN C 154 -4.80 19.72 -13.67
CA GLN C 154 -5.86 18.97 -14.34
C GLN C 154 -6.02 17.59 -13.75
N LYS C 155 -4.91 16.89 -13.53
CA LYS C 155 -4.97 15.54 -12.99
C LYS C 155 -5.81 15.52 -11.73
N ASN C 156 -5.54 16.49 -10.84
CA ASN C 156 -6.32 16.65 -9.63
C ASN C 156 -7.76 17.07 -9.94
N TRP C 157 -7.96 18.00 -10.87
CA TRP C 157 -9.33 18.43 -11.14
C TRP C 157 -10.17 17.27 -11.66
N LEU C 158 -9.60 16.44 -12.55
CA LEU C 158 -10.36 15.30 -13.08
C LEU C 158 -10.58 14.22 -12.04
N GLU C 159 -9.71 14.12 -11.05
CA GLU C 159 -9.76 12.97 -10.15
C GLU C 159 -10.44 13.29 -8.84
N GLU C 160 -10.38 14.56 -8.45
CA GLU C 160 -10.92 15.05 -7.19
C GLU C 160 -12.03 16.06 -7.39
N GLU C 161 -11.80 17.13 -8.16
CA GLU C 161 -12.82 18.18 -8.26
C GLU C 161 -14.02 17.71 -9.06
N CYS C 162 -13.80 17.11 -10.22
CA CYS C 162 -14.92 16.71 -11.08
C CYS C 162 -15.84 15.72 -10.37
N ILE C 163 -15.26 14.75 -9.68
CA ILE C 163 -16.05 13.73 -8.99
C ILE C 163 -16.91 14.38 -7.90
N ALA C 164 -16.32 15.28 -7.12
CA ALA C 164 -17.09 15.98 -6.07
C ALA C 164 -18.20 16.85 -6.68
N TRP C 165 -17.93 17.56 -7.77
CA TRP C 165 -19.00 18.27 -8.47
C TRP C 165 -20.13 17.31 -8.83
N LEU C 166 -19.76 16.15 -9.39
CA LEU C 166 -20.74 15.20 -9.87
C LEU C 166 -21.64 14.71 -8.73
N LYS C 167 -21.05 14.41 -7.58
CA LYS C 167 -21.85 13.92 -6.48
C LYS C 167 -22.72 15.03 -5.92
N ARG C 168 -22.25 16.27 -6.02
CA ARG C 168 -23.09 17.40 -5.64
C ARG C 168 -24.30 17.47 -6.54
N PHE C 169 -24.07 17.42 -7.86
CA PHE C 169 -25.15 17.49 -8.84
C PHE C 169 -26.02 16.24 -8.82
N LEU C 170 -25.44 15.11 -8.41
CA LEU C 170 -26.24 13.88 -8.29
C LEU C 170 -27.26 14.00 -7.17
N GLU C 171 -26.87 14.57 -6.04
CA GLU C 171 -27.82 14.73 -4.96
C GLU C 171 -28.86 15.79 -5.30
N TYR C 172 -28.46 16.85 -6.02
CA TYR C 172 -29.37 17.94 -6.38
C TYR C 172 -30.58 17.42 -7.15
N GLY C 173 -30.35 16.63 -8.19
CA GLY C 173 -31.47 16.18 -8.99
C GLY C 173 -31.73 14.71 -8.82
N LYS C 174 -31.48 14.17 -7.60
CA LYS C 174 -31.61 12.72 -7.41
C LYS C 174 -33.01 12.24 -7.77
N ASP C 175 -34.02 13.09 -7.62
CA ASP C 175 -35.38 12.68 -7.97
C ASP C 175 -35.57 12.45 -9.48
N THR C 176 -34.61 12.85 -10.30
CA THR C 176 -34.69 12.59 -11.73
C THR C 176 -33.68 11.57 -12.23
N LEU C 177 -32.43 11.61 -11.74
CA LEU C 177 -31.34 10.80 -12.28
C LEU C 177 -31.10 9.50 -11.52
N GLN C 178 -31.54 9.41 -10.28
CA GLN C 178 -31.42 8.14 -9.57
C GLN C 178 -32.70 7.33 -9.65
N ARG C 179 -33.71 7.84 -10.31
CA ARG C 179 -34.95 7.09 -10.47
C ARG C 179 -34.74 5.97 -11.48
N THR C 180 -35.75 5.11 -11.56
CA THR C 180 -35.69 4.00 -12.48
C THR C 180 -37.08 3.83 -13.05
N GLU C 181 -37.20 3.82 -14.39
CA GLU C 181 -38.48 3.56 -15.03
C GLU C 181 -38.41 2.20 -15.71
N PRO C 182 -39.07 1.14 -15.21
CA PRO C 182 -38.94 -0.16 -15.87
C PRO C 182 -39.57 -0.10 -17.26
N PRO C 183 -39.07 -0.92 -18.18
CA PRO C 183 -39.59 -0.84 -19.56
C PRO C 183 -40.87 -1.63 -19.72
N LEU C 184 -41.64 -1.24 -20.72
CA LEU C 184 -42.66 -2.12 -21.28
C LEU C 184 -42.06 -2.78 -22.50
N VAL C 185 -41.94 -4.11 -22.48
CA VAL C 185 -41.34 -4.85 -23.59
C VAL C 185 -42.43 -5.66 -24.28
N ARG C 186 -42.23 -5.90 -25.58
CA ARG C 186 -43.24 -6.54 -26.40
C ARG C 186 -42.56 -7.23 -27.56
N VAL C 187 -43.11 -8.38 -27.96
CA VAL C 187 -42.58 -9.17 -29.08
C VAL C 187 -43.61 -9.11 -30.19
N ASN C 188 -43.17 -8.75 -31.39
CA ASN C 188 -44.02 -8.70 -32.58
C ASN C 188 -43.46 -9.63 -33.65
N ARG C 189 -44.32 -10.49 -34.20
CA ARG C 189 -43.94 -11.46 -35.20
C ARG C 189 -44.71 -11.21 -36.48
N LYS C 190 -44.02 -11.21 -37.61
CA LYS C 190 -44.74 -11.15 -38.88
C LYS C 190 -43.91 -11.80 -39.97
N GLU C 191 -44.61 -12.29 -40.99
CA GLU C 191 -43.97 -12.90 -42.15
C GLU C 191 -43.79 -11.82 -43.20
N THR C 192 -42.54 -11.51 -43.55
CA THR C 192 -42.38 -10.35 -44.40
C THR C 192 -42.28 -10.71 -45.88
N PHE C 193 -41.15 -11.19 -46.29
CA PHE C 193 -40.92 -11.66 -47.64
C PHE C 193 -41.32 -13.12 -47.66
N PRO C 194 -42.02 -13.61 -48.68
CA PRO C 194 -42.59 -14.96 -48.60
C PRO C 194 -41.65 -16.02 -48.00
N GLY C 195 -42.01 -16.56 -46.84
CA GLY C 195 -41.19 -17.51 -46.11
C GLY C 195 -40.37 -16.93 -44.96
N VAL C 196 -40.19 -15.62 -44.90
CA VAL C 196 -39.30 -14.98 -43.92
C VAL C 196 -40.13 -14.42 -42.77
N THR C 197 -40.04 -15.02 -41.58
CA THR C 197 -40.64 -14.44 -40.40
C THR C 197 -39.61 -13.53 -39.69
N ALA C 198 -40.03 -12.32 -39.31
CA ALA C 198 -39.21 -11.41 -38.50
C ALA C 198 -39.84 -11.22 -37.13
N LEU C 199 -39.06 -11.46 -36.07
CA LEU C 199 -39.44 -11.16 -34.70
C LEU C 199 -38.78 -9.85 -34.28
N PHE C 200 -39.58 -8.89 -33.83
CA PHE C 200 -39.07 -7.65 -33.28
C PHE C 200 -39.36 -7.65 -31.78
N CYS C 201 -38.32 -7.51 -30.96
CA CYS C 201 -38.50 -7.23 -29.53
C CYS C 201 -38.30 -5.74 -29.34
N LYS C 202 -39.38 -5.03 -29.03
CA LYS C 202 -39.36 -3.59 -28.85
C LYS C 202 -39.57 -3.23 -27.39
N ALA C 203 -38.69 -2.38 -26.87
CA ALA C 203 -38.77 -1.87 -25.51
C ALA C 203 -38.93 -0.36 -25.53
N HIS C 204 -39.79 0.15 -24.65
CA HIS C 204 -39.99 1.58 -24.52
C HIS C 204 -40.52 1.90 -23.12
N GLY C 205 -40.43 3.17 -22.75
CA GLY C 205 -41.02 3.69 -21.53
C GLY C 205 -40.10 3.81 -20.34
N PHE C 206 -38.80 3.62 -20.54
CA PHE C 206 -37.87 3.31 -19.47
C PHE C 206 -36.85 4.41 -19.26
N TYR C 207 -36.22 4.38 -18.08
CA TYR C 207 -35.14 5.28 -17.71
C TYR C 207 -34.42 4.66 -16.52
N PRO C 208 -33.08 4.78 -16.43
CA PRO C 208 -32.11 5.43 -17.33
C PRO C 208 -32.16 4.83 -18.72
N PRO C 209 -31.49 5.46 -19.69
CA PRO C 209 -31.54 4.95 -21.07
C PRO C 209 -30.89 3.59 -21.25
N GLU C 210 -29.87 3.26 -20.45
CA GLU C 210 -29.04 2.08 -20.69
C GLU C 210 -29.88 0.82 -20.47
N ILE C 211 -30.11 0.04 -21.55
CA ILE C 211 -30.88 -1.19 -21.50
C ILE C 211 -30.08 -2.28 -22.21
N TYR C 212 -30.36 -3.54 -21.85
CA TYR C 212 -29.69 -4.68 -22.47
C TYR C 212 -30.76 -5.61 -23.03
N MET C 213 -30.84 -5.68 -24.36
CA MET C 213 -31.75 -6.58 -25.06
C MET C 213 -30.97 -7.42 -26.05
N THR C 214 -31.41 -8.67 -26.23
CA THR C 214 -30.77 -9.56 -27.20
C THR C 214 -31.73 -10.69 -27.51
N TRP C 215 -31.35 -11.53 -28.48
CA TRP C 215 -32.07 -12.76 -28.83
C TRP C 215 -31.21 -14.01 -28.66
N MET C 216 -31.80 -15.06 -28.08
CA MET C 216 -31.19 -16.37 -27.92
C MET C 216 -32.04 -17.43 -28.60
N LYS C 217 -31.40 -18.51 -29.04
CA LYS C 217 -32.10 -19.66 -29.58
C LYS C 217 -31.92 -20.83 -28.63
N ASN C 218 -33.03 -21.32 -28.07
CA ASN C 218 -33.13 -22.52 -27.24
C ASN C 218 -32.53 -22.36 -25.84
N GLY C 219 -31.85 -21.25 -25.56
CA GLY C 219 -31.06 -21.07 -24.34
C GLY C 219 -29.61 -20.66 -24.57
N GLU C 220 -29.07 -20.78 -25.79
CA GLU C 220 -27.73 -20.31 -26.13
C GLU C 220 -27.84 -19.12 -27.11
N GLU C 221 -26.71 -18.43 -27.29
CA GLU C 221 -26.71 -17.15 -28.00
C GLU C 221 -26.81 -17.33 -29.52
N ILE C 222 -27.35 -16.32 -30.19
CA ILE C 222 -27.49 -16.37 -31.66
C ILE C 222 -27.72 -15.01 -32.34
N GLU C 225 -27.26 -13.42 -36.29
CA GLU C 225 -27.22 -11.97 -36.59
C GLU C 225 -28.49 -11.21 -36.13
N ILE C 226 -28.28 -10.06 -35.48
CA ILE C 226 -29.33 -9.34 -34.75
C ILE C 226 -29.20 -7.87 -35.12
N ASP C 227 -30.19 -7.34 -35.83
CA ASP C 227 -30.23 -5.90 -36.10
C ASP C 227 -30.57 -5.16 -34.81
N TYR C 228 -29.87 -4.06 -34.54
CA TYR C 228 -30.01 -3.32 -33.30
C TYR C 228 -30.51 -1.90 -33.56
N GLY C 229 -31.64 -1.54 -32.95
CA GLY C 229 -32.10 -0.16 -32.98
C GLY C 229 -31.48 0.71 -31.89
N ASP C 230 -31.31 1.99 -32.20
CA ASP C 230 -30.65 2.92 -31.32
C ASP C 230 -31.54 3.27 -30.12
N ILE C 231 -30.92 3.56 -28.97
CA ILE C 231 -31.70 4.02 -27.82
C ILE C 231 -32.10 5.47 -28.08
N LEU C 232 -33.41 5.75 -28.07
CA LEU C 232 -33.91 7.05 -28.51
C LEU C 232 -34.65 7.75 -27.38
N PRO C 233 -34.67 9.09 -27.36
CA PRO C 233 -35.46 9.80 -26.33
C PRO C 233 -36.90 9.92 -26.80
N SER C 234 -37.83 9.40 -26.00
CA SER C 234 -39.23 9.39 -26.39
C SER C 234 -39.85 10.78 -26.44
N GLY C 235 -39.30 11.73 -25.66
CA GLY C 235 -39.76 13.11 -25.62
C GLY C 235 -40.14 13.57 -24.22
N ASP C 236 -40.79 12.66 -23.49
CA ASP C 236 -41.05 12.84 -22.07
C ASP C 236 -39.85 12.46 -21.22
N GLY C 237 -38.73 12.07 -21.84
CA GLY C 237 -37.56 11.75 -21.08
C GLY C 237 -37.45 10.31 -20.65
N THR C 238 -38.38 9.46 -21.07
CA THR C 238 -38.09 8.05 -21.12
C THR C 238 -37.49 7.74 -22.49
N TYR C 239 -37.06 6.49 -22.65
CA TYR C 239 -36.29 6.08 -23.82
C TYR C 239 -36.97 4.87 -24.45
N GLN C 240 -36.41 4.38 -25.57
CA GLN C 240 -37.01 3.29 -26.34
C GLN C 240 -36.02 2.74 -27.37
N ALA C 241 -36.14 1.42 -27.62
CA ALA C 241 -35.12 0.67 -28.39
C ALA C 241 -35.71 -0.66 -28.85
N TRP C 242 -34.93 -1.41 -29.63
CA TRP C 242 -35.39 -2.72 -30.08
C TRP C 242 -34.25 -3.56 -30.65
N ALA C 243 -34.45 -4.88 -30.67
CA ALA C 243 -33.54 -5.82 -31.34
C ALA C 243 -34.36 -6.79 -32.18
N SER C 244 -33.96 -7.02 -33.43
CA SER C 244 -34.75 -7.90 -34.29
C SER C 244 -33.86 -8.92 -35.01
N ILE C 245 -34.49 -10.06 -35.35
CA ILE C 245 -33.91 -11.22 -36.04
C ILE C 245 -34.98 -11.84 -36.91
N GLU C 246 -34.65 -12.95 -37.59
CA GLU C 246 -35.60 -13.65 -38.47
C GLU C 246 -35.47 -15.18 -38.25
N LEU C 247 -36.11 -15.95 -39.11
CA LEU C 247 -36.11 -17.40 -38.98
C LEU C 247 -36.82 -18.05 -40.18
N ASN C 253 -36.84 -24.96 -33.64
CA ASN C 253 -35.96 -24.17 -32.77
C ASN C 253 -36.72 -23.07 -32.01
N LEU C 254 -36.60 -23.05 -30.68
CA LEU C 254 -37.27 -22.04 -29.86
C LEU C 254 -36.45 -20.76 -29.73
N TYR C 255 -37.15 -19.63 -29.62
CA TYR C 255 -36.56 -18.31 -29.63
C TYR C 255 -37.15 -17.45 -28.51
N SER C 256 -36.31 -16.55 -27.95
CA SER C 256 -36.69 -15.79 -26.76
C SER C 256 -35.93 -14.48 -26.68
N CYS C 257 -36.67 -13.38 -26.53
CA CYS C 257 -36.08 -12.06 -26.31
C CYS C 257 -35.71 -11.91 -24.84
N HIS C 258 -34.46 -11.55 -24.57
CA HIS C 258 -33.99 -11.32 -23.20
C HIS C 258 -33.69 -9.85 -23.03
N VAL C 259 -34.24 -9.26 -21.98
CA VAL C 259 -34.12 -7.83 -21.69
C VAL C 259 -33.59 -7.67 -20.26
N GLU C 260 -32.55 -6.85 -20.09
CA GLU C 260 -32.02 -6.55 -18.77
C GLU C 260 -31.99 -5.04 -18.58
N HIS C 261 -32.63 -4.57 -17.52
CA HIS C 261 -32.66 -3.15 -17.26
C HIS C 261 -32.55 -2.91 -15.76
N SER C 262 -31.73 -1.90 -15.40
CA SER C 262 -31.47 -1.55 -14.01
C SER C 262 -31.40 -2.77 -13.10
N GLY C 263 -30.63 -3.79 -13.50
CA GLY C 263 -30.48 -4.99 -12.70
C GLY C 263 -31.58 -6.02 -12.79
N VAL C 264 -32.72 -5.72 -13.44
CA VAL C 264 -33.84 -6.64 -13.49
C VAL C 264 -33.82 -7.35 -14.82
N HIS C 265 -33.97 -8.66 -14.81
CA HIS C 265 -33.92 -9.47 -16.02
C HIS C 265 -35.32 -9.94 -16.37
N MET C 266 -35.65 -9.89 -17.65
CA MET C 266 -36.99 -10.26 -18.13
CA MET C 266 -36.98 -10.29 -18.10
C MET C 266 -36.84 -11.03 -19.43
N VAL C 267 -37.71 -12.03 -19.62
CA VAL C 267 -37.63 -12.94 -20.75
C VAL C 267 -38.99 -13.05 -21.42
N LEU C 268 -39.03 -12.77 -22.72
CA LEU C 268 -40.27 -12.91 -23.48
C LEU C 268 -40.07 -14.04 -24.46
N GLN C 269 -40.83 -15.12 -24.28
CA GLN C 269 -40.74 -16.30 -25.13
C GLN C 269 -41.68 -16.18 -26.31
N VAL C 270 -41.19 -16.47 -27.50
CA VAL C 270 -42.01 -16.38 -28.71
C VAL C 270 -42.68 -17.73 -28.92
N PRO C 271 -44.01 -17.78 -29.02
CA PRO C 271 -44.77 -18.99 -29.32
C PRO C 271 -45.16 -19.04 -30.79
N GLY D 2 -16.89 30.13 6.79
CA GLY D 2 -16.88 29.12 5.74
C GLY D 2 -15.48 28.64 5.39
N GLN D 3 -14.75 29.48 4.65
CA GLN D 3 -13.39 29.17 4.24
C GLN D 3 -12.42 29.92 5.15
N ASN D 4 -11.59 29.18 5.89
CA ASN D 4 -10.59 29.75 6.78
C ASN D 4 -9.21 29.38 6.28
N ILE D 5 -8.26 30.31 6.38
CA ILE D 5 -6.83 30.04 6.18
C ILE D 5 -6.08 30.49 7.42
N ASP D 6 -5.50 29.54 8.17
CA ASP D 6 -4.72 29.83 9.36
C ASP D 6 -3.27 29.47 9.12
N GLN D 7 -2.39 30.46 9.27
CA GLN D 7 -0.95 30.33 9.33
C GLN D 7 -0.48 31.20 10.47
N PRO D 8 0.60 30.83 11.16
CA PRO D 8 1.07 31.65 12.28
C PRO D 8 1.29 33.11 11.85
N THR D 9 1.19 34.02 12.84
CA THR D 9 1.30 35.45 12.65
C THR D 9 2.74 35.92 12.43
N GLU D 10 3.64 35.50 13.34
CA GLU D 10 5.07 35.79 13.31
C GLU D 10 5.83 34.52 13.67
N MET D 11 7.04 34.37 13.11
CA MET D 11 7.98 33.28 13.43
C MET D 11 9.40 33.84 13.44
N THR D 12 10.24 33.25 14.30
CA THR D 12 11.62 33.69 14.44
C THR D 12 12.54 32.47 14.45
N ALA D 13 13.60 32.52 13.64
CA ALA D 13 14.62 31.47 13.57
C ALA D 13 15.98 32.14 13.61
N THR D 14 17.05 31.35 13.46
CA THR D 14 18.40 31.91 13.56
C THR D 14 19.16 31.70 12.26
N GLU D 15 19.89 32.74 11.83
CA GLU D 15 20.68 32.73 10.60
C GLU D 15 21.49 31.45 10.51
N GLY D 16 21.30 30.70 9.42
CA GLY D 16 21.97 29.43 9.21
C GLY D 16 21.16 28.20 9.56
N ALA D 17 20.07 28.36 10.31
CA ALA D 17 19.19 27.30 10.80
C ALA D 17 18.12 26.94 9.76
N ILE D 18 17.03 26.32 10.22
CA ILE D 18 15.91 25.92 9.38
C ILE D 18 14.61 26.32 10.08
N VAL D 19 13.67 26.92 9.32
CA VAL D 19 12.34 27.22 9.84
C VAL D 19 11.30 26.54 8.93
N GLN D 20 10.09 26.40 9.47
CA GLN D 20 8.97 25.73 8.76
C GLN D 20 7.69 26.54 8.99
N ILE D 21 7.17 27.16 7.93
CA ILE D 21 5.94 27.93 8.06
C ILE D 21 4.77 27.05 7.66
N ASN D 22 3.77 26.97 8.51
CA ASN D 22 2.61 26.10 8.27
C ASN D 22 1.43 26.89 7.72
N CYS D 23 0.79 26.31 6.71
CA CYS D 23 -0.47 26.83 6.18
C CYS D 23 -1.50 25.72 6.21
N THR D 24 -2.52 25.85 7.06
CA THR D 24 -3.64 24.92 7.15
C THR D 24 -4.88 25.53 6.52
N TYR D 25 -5.56 24.76 5.67
CA TYR D 25 -6.63 25.30 4.82
C TYR D 25 -7.90 24.46 4.92
N GLN D 26 -8.98 25.07 5.41
CA GLN D 26 -10.31 24.48 5.33
C GLN D 26 -11.10 25.31 4.31
N THR D 27 -10.91 25.01 3.04
CA THR D 27 -11.71 25.62 2.01
C THR D 27 -12.88 24.68 1.67
N SER D 28 -13.58 24.96 0.57
CA SER D 28 -14.56 24.05 0.01
C SER D 28 -14.21 23.87 -1.46
N GLY D 29 -13.66 22.71 -1.80
CA GLY D 29 -12.99 22.52 -3.06
C GLY D 29 -11.54 22.99 -2.98
N PHE D 30 -10.71 22.49 -3.91
CA PHE D 30 -9.29 22.76 -3.88
C PHE D 30 -8.73 22.68 -5.28
N ASN D 31 -7.95 23.68 -5.67
CA ASN D 31 -7.32 23.69 -6.98
C ASN D 31 -5.88 24.14 -6.90
N GLY D 32 -5.28 24.08 -5.72
CA GLY D 32 -3.87 24.32 -5.56
C GLY D 32 -3.60 25.26 -4.42
N LEU D 33 -2.37 25.28 -3.96
CA LEU D 33 -1.94 26.15 -2.88
C LEU D 33 -0.71 26.90 -3.32
N PHE D 34 -0.73 28.22 -3.17
CA PHE D 34 0.39 29.08 -3.54
C PHE D 34 1.13 29.60 -2.31
N TRP D 35 2.42 29.81 -2.48
CA TRP D 35 3.23 30.50 -1.48
C TRP D 35 3.83 31.74 -2.11
N TYR D 36 3.62 32.88 -1.47
CA TYR D 36 4.21 34.13 -1.89
C TYR D 36 5.12 34.69 -0.79
N GLN D 37 6.15 35.39 -1.22
CA GLN D 37 7.00 36.19 -0.34
C GLN D 37 6.74 37.67 -0.61
N GLN D 38 6.82 38.47 0.44
CA GLN D 38 6.65 39.91 0.29
C GLN D 38 7.63 40.58 1.25
N HIS D 39 8.61 41.29 0.71
CA HIS D 39 9.56 41.90 1.60
C HIS D 39 8.91 43.07 2.30
N ALA D 40 9.70 43.76 3.11
CA ALA D 40 9.20 44.91 3.83
C ALA D 40 8.73 45.94 2.83
N GLY D 41 7.44 46.26 2.88
CA GLY D 41 6.92 47.30 2.03
C GLY D 41 7.22 47.08 0.57
N GLU D 42 7.09 45.85 0.10
CA GLU D 42 7.28 45.62 -1.33
C GLU D 42 6.11 44.78 -1.85
N ALA D 43 6.18 44.29 -3.11
CA ALA D 43 5.09 43.48 -3.64
C ALA D 43 5.24 42.01 -3.25
N PRO D 44 4.16 41.21 -3.29
CA PRO D 44 4.31 39.76 -3.16
C PRO D 44 4.77 39.16 -4.46
N THR D 45 5.66 38.17 -4.38
CA THR D 45 6.14 37.49 -5.57
C THR D 45 5.93 35.99 -5.44
N PHE D 46 5.63 35.35 -6.56
CA PHE D 46 5.37 33.92 -6.57
C PHE D 46 6.60 33.12 -6.13
N LEU D 47 6.39 32.24 -5.14
CA LEU D 47 7.37 31.24 -4.73
C LEU D 47 7.05 29.84 -5.26
N SER D 48 5.87 29.30 -4.95
CA SER D 48 5.69 27.87 -5.21
C SER D 48 4.21 27.52 -5.41
N TYR D 49 3.97 26.34 -5.97
CA TYR D 49 2.60 25.85 -6.13
C TYR D 49 2.52 24.35 -5.88
N ASN D 50 1.58 23.95 -5.03
CA ASN D 50 1.28 22.53 -4.81
C ASN D 50 -0.20 22.25 -4.98
N VAL D 51 -0.52 21.17 -5.70
CA VAL D 51 -1.89 20.67 -5.73
C VAL D 51 -1.99 19.17 -5.48
N LEU D 52 -0.96 18.38 -5.80
CA LEU D 52 -0.92 16.97 -5.48
C LEU D 52 0.01 16.79 -4.27
N ASP D 53 -0.16 15.65 -3.58
CA ASP D 53 0.72 15.29 -2.47
C ASP D 53 2.15 15.10 -2.96
N GLY D 54 3.08 15.75 -2.29
CA GLY D 54 4.45 15.75 -2.73
C GLY D 54 5.23 16.74 -1.89
N LEU D 55 6.44 17.04 -2.36
CA LEU D 55 7.17 18.19 -1.83
C LEU D 55 8.12 18.63 -2.94
N GLU D 56 7.96 19.86 -3.42
CA GLU D 56 8.83 20.38 -4.47
C GLU D 56 9.93 21.24 -3.85
N GLU D 57 11.11 21.22 -4.47
CA GLU D 57 12.29 21.94 -3.97
C GLU D 57 12.94 22.73 -5.08
N LYS D 58 12.84 24.05 -5.01
CA LYS D 58 13.65 24.96 -5.82
C LYS D 58 14.65 25.61 -4.88
N GLY D 59 15.91 25.20 -4.98
CA GLY D 59 16.95 25.86 -4.18
C GLY D 59 16.81 25.57 -2.69
N ARG D 60 17.12 26.57 -1.87
CA ARG D 60 17.02 26.43 -0.41
C ARG D 60 15.58 26.52 0.09
N PHE D 61 14.60 26.73 -0.79
CA PHE D 61 13.18 26.78 -0.45
C PHE D 61 12.47 25.53 -0.94
N SER D 62 11.60 24.97 -0.11
CA SER D 62 10.86 23.76 -0.48
C SER D 62 9.42 23.87 -0.01
N SER D 63 8.51 23.35 -0.84
CA SER D 63 7.08 23.44 -0.62
C SER D 63 6.49 22.03 -0.52
N PHE D 64 5.78 21.77 0.58
CA PHE D 64 5.21 20.46 0.88
C PHE D 64 3.70 20.55 0.99
N LEU D 65 2.99 19.59 0.39
CA LEU D 65 1.54 19.57 0.53
C LEU D 65 1.01 18.18 0.87
N SER D 66 0.07 18.14 1.82
CA SER D 66 -0.67 16.94 2.18
C SER D 66 -2.17 17.21 2.04
N ARG D 67 -2.78 16.66 0.97
CA ARG D 67 -4.22 16.82 0.74
C ARG D 67 -5.04 16.14 1.83
N SER D 68 -4.56 15.01 2.36
CA SER D 68 -5.34 14.26 3.33
C SER D 68 -5.56 15.05 4.61
N LYS D 69 -4.48 15.35 5.33
CA LYS D 69 -4.66 16.05 6.60
C LYS D 69 -5.01 17.52 6.40
N GLY D 70 -4.59 18.11 5.27
CA GLY D 70 -5.12 19.42 4.88
C GLY D 70 -4.18 20.59 5.14
N TYR D 71 -2.87 20.34 5.14
CA TYR D 71 -1.91 21.39 5.40
C TYR D 71 -0.80 21.38 4.35
N SER D 72 -0.08 22.49 4.32
CA SER D 72 1.15 22.67 3.58
C SER D 72 2.17 23.34 4.50
N TYR D 73 3.46 23.17 4.20
CA TYR D 73 4.46 24.02 4.80
C TYR D 73 5.47 24.49 3.75
N LEU D 74 6.18 25.55 4.12
CA LEU D 74 7.25 26.12 3.30
C LEU D 74 8.54 26.07 4.12
N LEU D 75 9.54 25.38 3.57
CA LEU D 75 10.76 25.00 4.27
C LEU D 75 11.91 25.85 3.77
N LEU D 76 12.67 26.43 4.70
CA LEU D 76 13.74 27.38 4.37
C LEU D 76 15.03 26.92 5.03
N LYS D 77 15.98 26.43 4.24
CA LYS D 77 17.18 25.85 4.77
C LYS D 77 18.35 26.83 4.66
N GLU D 78 19.24 26.77 5.65
CA GLU D 78 20.39 27.68 5.76
C GLU D 78 19.94 29.15 5.73
N LEU D 79 19.18 29.53 6.76
CA LEU D 79 18.56 30.84 6.77
C LEU D 79 19.57 31.96 6.71
N GLN D 80 19.22 32.99 5.96
CA GLN D 80 20.03 34.17 5.78
C GLN D 80 19.22 35.35 6.26
N MET D 81 19.91 36.46 6.54
CA MET D 81 19.17 37.67 6.89
C MET D 81 18.19 38.03 5.78
N LYS D 82 18.59 37.90 4.51
CA LYS D 82 17.73 38.25 3.38
C LYS D 82 16.38 37.56 3.44
N ASP D 83 16.26 36.45 4.16
CA ASP D 83 14.99 35.73 4.20
C ASP D 83 13.97 36.38 5.12
N SER D 84 14.34 37.40 5.88
CA SER D 84 13.32 38.16 6.58
C SER D 84 12.32 38.71 5.55
N ALA D 85 11.05 38.41 5.77
CA ALA D 85 10.01 38.71 4.80
C ALA D 85 8.67 38.30 5.38
N SER D 86 7.60 38.50 4.63
CA SER D 86 6.34 37.86 4.95
C SER D 86 6.08 36.79 3.92
N TYR D 87 5.42 35.73 4.36
CA TYR D 87 5.22 34.55 3.53
C TYR D 87 3.74 34.29 3.48
N LEU D 88 3.17 34.55 2.32
CA LEU D 88 1.73 34.53 2.16
C LEU D 88 1.35 33.22 1.53
N CYS D 89 0.40 32.53 2.15
N CYS D 89 0.42 32.51 2.16
CA CYS D 89 -0.13 31.27 1.65
CA CYS D 89 -0.10 31.26 1.62
C CYS D 89 -1.60 31.43 1.29
C CYS D 89 -1.58 31.44 1.28
N ALA D 90 -1.97 30.99 0.10
CA ALA D 90 -3.34 31.14 -0.39
C ALA D 90 -3.74 29.94 -1.23
N VAL D 91 -5.04 29.63 -1.22
CA VAL D 91 -5.60 28.42 -1.83
C VAL D 91 -6.73 28.79 -2.80
N LYS D 92 -6.77 28.12 -3.96
CA LYS D 92 -7.92 28.23 -4.87
C LYS D 92 -9.02 27.24 -4.48
N ASP D 93 -10.26 27.70 -4.50
CA ASP D 93 -11.38 26.84 -4.14
C ASP D 93 -11.96 26.22 -5.41
N SER D 94 -13.15 25.60 -5.27
CA SER D 94 -13.80 24.92 -6.39
C SER D 94 -14.05 25.87 -7.56
N ASN D 95 -14.33 27.15 -7.27
CA ASN D 95 -14.63 28.17 -8.28
C ASN D 95 -13.40 28.99 -8.70
N TYR D 96 -12.19 28.57 -8.32
CA TYR D 96 -10.92 29.15 -8.71
C TYR D 96 -10.65 30.53 -8.08
N GLN D 97 -11.41 30.93 -7.07
CA GLN D 97 -11.06 32.12 -6.31
C GLN D 97 -9.90 31.82 -5.36
N LEU D 98 -9.15 32.86 -5.02
CA LEU D 98 -8.10 32.73 -4.01
C LEU D 98 -8.67 33.14 -2.64
N ILE D 99 -8.40 32.32 -1.64
CA ILE D 99 -8.61 32.67 -0.25
C ILE D 99 -7.22 32.84 0.33
N TRP D 100 -6.93 34.02 0.86
CA TRP D 100 -5.56 34.38 1.21
C TRP D 100 -5.35 34.16 2.70
N GLY D 101 -4.16 33.69 3.06
CA GLY D 101 -3.75 33.76 4.44
C GLY D 101 -3.36 35.15 4.87
N ALA D 102 -3.46 35.40 6.18
CA ALA D 102 -3.03 36.68 6.73
C ALA D 102 -1.53 36.83 6.73
N GLY D 103 -0.78 35.80 6.35
CA GLY D 103 0.66 35.93 6.25
C GLY D 103 1.39 35.58 7.54
N THR D 104 2.68 35.31 7.39
CA THR D 104 3.59 35.03 8.49
C THR D 104 4.85 35.86 8.30
N LYS D 105 5.19 36.67 9.30
CA LYS D 105 6.38 37.48 9.23
C LYS D 105 7.50 36.71 9.89
N LEU D 106 8.57 36.47 9.13
CA LEU D 106 9.71 35.69 9.59
C LEU D 106 10.86 36.63 9.96
N ILE D 107 11.45 36.41 11.14
CA ILE D 107 12.57 37.21 11.62
C ILE D 107 13.80 36.33 11.71
N ILE D 108 14.90 36.78 11.15
CA ILE D 108 16.13 36.03 11.22
C ILE D 108 17.04 36.73 12.21
N LYS D 109 17.27 36.09 13.34
CA LYS D 109 18.15 36.67 14.33
C LYS D 109 19.60 36.37 13.98
N PRO D 110 20.46 37.38 13.86
CA PRO D 110 21.84 37.13 13.48
C PRO D 110 22.54 36.26 14.52
N ASP D 111 23.68 35.69 14.11
CA ASP D 111 24.54 34.97 15.03
C ASP D 111 25.74 35.85 15.36
N ILE D 112 25.75 36.36 16.60
CA ILE D 112 26.73 37.36 17.04
C ILE D 112 27.92 36.64 17.66
N GLN D 113 29.09 36.75 17.02
CA GLN D 113 30.29 36.09 17.54
C GLN D 113 30.70 36.64 18.90
N ASN D 114 31.11 37.90 18.94
CA ASN D 114 31.66 38.51 20.14
C ASN D 114 30.71 39.60 20.61
N PRO D 115 29.70 39.26 21.42
CA PRO D 115 28.80 40.30 21.93
C PRO D 115 29.59 41.31 22.72
N ASP D 116 29.26 42.58 22.53
CA ASP D 116 30.02 43.68 23.14
C ASP D 116 29.05 44.79 23.50
N PRO D 117 28.07 44.51 24.36
CA PRO D 117 27.04 45.51 24.64
C PRO D 117 27.62 46.82 25.17
N ALA D 118 27.08 47.93 24.68
CA ALA D 118 27.57 49.26 24.99
C ALA D 118 26.51 50.28 24.61
N VAL D 119 26.57 51.46 25.21
CA VAL D 119 25.68 52.56 24.86
C VAL D 119 26.52 53.80 24.60
N TYR D 120 26.48 54.30 23.37
CA TYR D 120 27.26 55.48 22.98
C TYR D 120 26.34 56.69 22.83
N GLN D 121 26.96 57.86 22.70
CA GLN D 121 26.27 59.13 22.62
C GLN D 121 26.84 59.92 21.45
N LEU D 122 25.97 60.45 20.61
CA LEU D 122 26.41 61.07 19.36
C LEU D 122 25.96 62.53 19.27
N ARG D 123 26.87 63.39 18.80
CA ARG D 123 26.67 64.83 18.67
C ARG D 123 26.38 65.22 17.22
N ASP D 124 25.57 66.28 17.07
CA ASP D 124 25.07 66.71 15.78
C ASP D 124 26.16 67.05 14.79
N VAL D 132 21.51 62.15 20.73
CA VAL D 132 21.15 60.81 20.31
C VAL D 132 22.06 59.72 20.92
N CYS D 133 21.46 58.88 21.76
CA CYS D 133 22.12 57.74 22.37
C CYS D 133 21.95 56.48 21.53
N LEU D 134 23.03 55.69 21.44
CA LEU D 134 23.08 54.49 20.61
C LEU D 134 23.45 53.28 21.48
N PHE D 135 22.45 52.47 21.79
CA PHE D 135 22.68 51.12 22.32
C PHE D 135 22.98 50.19 21.15
N THR D 136 24.13 49.50 21.19
CA THR D 136 24.56 48.67 20.06
C THR D 136 25.39 47.48 20.53
N ASP D 137 25.47 46.48 19.66
CA ASP D 137 26.41 45.37 19.77
C ASP D 137 26.05 44.38 20.89
N PHE D 138 24.75 44.16 21.11
CA PHE D 138 24.34 43.20 22.13
C PHE D 138 24.02 41.85 21.50
N ASP D 139 23.82 40.85 22.37
CA ASP D 139 23.39 39.52 21.93
C ASP D 139 21.92 39.55 21.54
N SER D 140 21.55 38.66 20.61
CA SER D 140 20.20 38.62 20.02
C SER D 140 19.11 38.17 21.00
N GLN D 141 19.37 38.04 22.30
CA GLN D 141 18.34 37.66 23.26
C GLN D 141 17.88 38.81 24.14
N THR D 142 18.63 39.90 24.20
CA THR D 142 18.21 41.11 24.91
C THR D 142 17.07 41.81 24.16
N ASN D 143 16.17 42.43 24.92
CA ASN D 143 14.94 43.00 24.37
C ASN D 143 14.71 44.39 24.95
N VAL D 144 14.56 45.37 24.04
CA VAL D 144 14.35 46.77 24.36
C VAL D 144 12.86 47.00 24.66
N SER D 145 12.60 47.79 25.70
CA SER D 145 11.26 48.23 26.00
C SER D 145 11.03 49.61 25.38
N GLN D 146 9.78 49.85 24.97
CA GLN D 146 9.41 51.17 24.47
C GLN D 146 9.50 52.19 25.61
N SER D 147 9.99 53.38 25.28
CA SER D 147 10.32 54.36 26.30
C SER D 147 9.11 54.74 27.12
N LYS D 148 9.31 54.91 28.43
CA LYS D 148 8.22 55.34 29.30
C LYS D 148 8.00 56.85 29.22
N ASP D 149 9.07 57.63 29.04
CA ASP D 149 8.95 59.09 29.00
C ASP D 149 8.23 59.54 27.73
N SER D 150 7.33 60.52 27.89
CA SER D 150 6.50 60.98 26.77
C SER D 150 7.33 61.70 25.70
N ASP D 151 8.48 62.25 26.08
CA ASP D 151 9.35 62.93 25.13
C ASP D 151 10.75 62.37 25.20
N VAL D 152 10.85 61.04 25.33
CA VAL D 152 12.06 60.27 25.07
C VAL D 152 11.65 59.16 24.11
N TYR D 153 12.34 59.05 22.98
CA TYR D 153 11.92 58.13 21.93
C TYR D 153 12.94 57.01 21.78
N ILE D 154 12.48 55.77 21.91
CA ILE D 154 13.36 54.61 21.78
C ILE D 154 12.75 53.64 20.76
N THR D 155 13.51 53.36 19.71
CA THR D 155 13.14 52.45 18.65
C THR D 155 13.34 50.99 19.11
N ASP D 156 12.93 50.04 18.26
CA ASP D 156 13.23 48.63 18.47
C ASP D 156 14.63 48.36 17.91
N LYS D 157 15.03 47.09 17.83
CA LYS D 157 16.38 46.75 17.42
C LYS D 157 16.48 46.57 15.90
N CYS D 158 17.72 46.64 15.39
CA CYS D 158 17.96 46.61 13.95
C CYS D 158 19.28 45.89 13.64
N VAL D 159 19.22 44.88 12.76
CA VAL D 159 20.41 44.15 12.35
C VAL D 159 20.97 44.78 11.09
N LEU D 160 22.26 45.11 11.11
CA LEU D 160 22.99 45.55 9.92
C LEU D 160 24.07 44.53 9.60
N ASP D 161 24.15 44.09 8.35
CA ASP D 161 25.21 43.18 7.89
C ASP D 161 26.25 44.02 7.17
N MET D 162 27.37 44.27 7.83
CA MET D 162 28.55 44.80 7.16
C MET D 162 29.10 43.65 6.34
N ARG D 163 28.67 43.56 5.08
CA ARG D 163 29.12 42.47 4.21
C ARG D 163 30.64 42.42 4.14
N SER D 164 31.30 43.58 4.10
CA SER D 164 32.74 43.63 3.95
C SER D 164 33.44 42.78 5.00
N MET D 165 33.30 43.16 6.29
CA MET D 165 33.90 42.46 7.40
C MET D 165 33.09 41.23 7.84
N ASP D 166 32.10 40.80 7.06
CA ASP D 166 31.17 39.73 7.42
C ASP D 166 30.73 39.87 8.87
N PHE D 167 30.49 41.11 9.30
CA PHE D 167 30.14 41.44 10.67
C PHE D 167 28.68 41.90 10.71
N LYS D 168 27.89 41.28 11.57
CA LYS D 168 26.53 41.74 11.87
C LYS D 168 26.51 42.34 13.26
N SER D 169 25.68 43.38 13.43
CA SER D 169 25.42 43.96 14.74
C SER D 169 23.95 44.35 14.84
N ASN D 170 23.42 44.28 16.07
CA ASN D 170 22.15 44.88 16.39
C ASN D 170 22.38 46.33 16.82
N SER D 171 21.28 47.08 16.99
CA SER D 171 21.37 48.48 17.36
C SER D 171 19.99 48.98 17.75
N ALA D 172 19.94 49.79 18.79
CA ALA D 172 18.73 50.54 19.13
C ALA D 172 19.14 52.00 19.26
N VAL D 173 18.16 52.88 19.14
CA VAL D 173 18.40 54.32 19.12
C VAL D 173 17.44 54.99 20.08
N ALA D 174 17.94 55.89 20.91
CA ALA D 174 17.12 56.64 21.85
C ALA D 174 17.47 58.11 21.75
N TRP D 175 16.49 58.99 21.98
CA TRP D 175 16.74 60.42 21.94
C TRP D 175 15.63 61.19 22.64
N SER D 176 15.91 62.46 22.95
CA SER D 176 14.97 63.31 23.67
C SER D 176 15.31 64.79 23.50
N ASN D 177 14.39 65.63 23.99
CA ASN D 177 14.52 67.08 23.92
C ASN D 177 14.17 67.70 25.28
N PHE D 181 18.07 64.20 30.98
CA PHE D 181 18.18 63.04 30.08
C PHE D 181 19.57 62.82 29.47
N ALA D 182 20.22 61.74 29.91
CA ALA D 182 21.51 61.34 29.39
C ALA D 182 21.45 59.85 29.07
N CYS D 183 22.50 59.36 28.41
CA CYS D 183 22.49 58.01 27.87
C CYS D 183 22.53 56.94 28.95
N ALA D 184 22.95 57.29 30.16
CA ALA D 184 22.84 56.33 31.26
C ALA D 184 21.39 55.96 31.51
N ASN D 185 20.51 56.98 31.58
CA ASN D 185 19.11 56.76 31.89
C ASN D 185 18.32 56.25 30.70
N ALA D 186 18.95 56.09 29.53
CA ALA D 186 18.19 55.93 28.29
C ALA D 186 17.41 54.62 28.26
N PHE D 187 18.11 53.48 28.31
CA PHE D 187 17.47 52.17 28.18
C PHE D 187 17.22 51.50 29.53
N ASN D 188 16.56 52.21 30.45
CA ASN D 188 16.30 51.67 31.78
C ASN D 188 15.15 50.69 31.78
N ASN D 189 14.02 51.06 31.16
CA ASN D 189 12.88 50.17 31.07
C ASN D 189 13.21 48.90 30.29
N SER D 190 14.29 48.91 29.52
CA SER D 190 14.81 47.71 28.89
C SER D 190 15.79 47.03 29.85
N ILE D 191 15.73 45.69 29.89
CA ILE D 191 16.65 44.89 30.71
C ILE D 191 17.84 44.50 29.85
N ILE D 192 19.01 45.02 30.19
CA ILE D 192 20.22 44.93 29.37
C ILE D 192 21.24 44.04 30.08
N PRO D 193 22.27 43.57 29.40
CA PRO D 193 23.32 42.80 30.09
C PRO D 193 24.20 43.65 31.01
N GLU D 194 24.79 42.98 32.00
CA GLU D 194 25.58 43.63 33.04
C GLU D 194 27.02 43.94 32.61
N ASP D 195 27.46 43.38 31.47
CA ASP D 195 28.73 43.75 30.86
C ASP D 195 28.59 44.87 29.82
N THR D 196 27.56 45.72 29.96
CA THR D 196 27.34 46.81 29.02
C THR D 196 28.23 48.00 29.36
N PHE D 197 28.99 48.45 28.36
CA PHE D 197 29.94 49.55 28.46
C PHE D 197 29.22 50.90 28.37
N PHE D 198 29.44 51.75 29.37
CA PHE D 198 28.91 53.12 29.45
C PHE D 198 30.11 54.07 29.56
N PRO D 199 30.64 54.57 28.44
CA PRO D 199 31.71 55.56 28.34
C PRO D 199 31.44 56.80 29.20
N VAL E 5 3.93 44.31 -14.91
CA VAL E 5 2.99 45.22 -14.25
C VAL E 5 3.66 46.54 -13.82
N THR E 6 2.97 47.65 -14.07
CA THR E 6 3.41 48.99 -13.67
C THR E 6 2.20 49.78 -13.17
N GLN E 7 2.33 50.41 -11.99
CA GLN E 7 1.21 51.10 -11.38
C GLN E 7 1.63 52.44 -10.77
N THR E 8 0.75 53.42 -10.88
CA THR E 8 1.03 54.77 -10.47
C THR E 8 -0.22 55.32 -9.79
N PRO E 9 -0.05 56.19 -8.74
CA PRO E 9 1.17 56.62 -8.05
C PRO E 9 1.57 55.68 -6.91
N LYS E 10 2.83 55.70 -6.46
CA LYS E 10 3.22 54.85 -5.32
C LYS E 10 2.59 55.33 -4.01
N PHE E 11 2.34 56.64 -3.87
CA PHE E 11 1.77 57.22 -2.67
C PHE E 11 0.83 58.35 -3.06
N GLN E 12 -0.15 58.61 -2.21
CA GLN E 12 -1.10 59.69 -2.46
C GLN E 12 -1.73 60.11 -1.13
N VAL E 13 -1.70 61.44 -0.86
CA VAL E 13 -2.48 62.04 0.23
C VAL E 13 -3.81 62.46 -0.37
N LEU E 14 -4.89 62.19 0.36
CA LEU E 14 -6.25 62.41 -0.11
C LEU E 14 -7.07 63.08 0.98
N LYS E 15 -7.78 64.15 0.62
CA LYS E 15 -8.73 64.81 1.49
C LYS E 15 -10.06 64.06 1.41
N THR E 16 -10.76 63.92 2.54
CA THR E 16 -11.97 63.12 2.52
C THR E 16 -12.96 63.70 1.53
N GLY E 17 -13.53 62.84 0.67
CA GLY E 17 -14.46 63.25 -0.35
C GLY E 17 -13.86 63.45 -1.72
N GLN E 18 -12.55 63.71 -1.81
CA GLN E 18 -11.88 63.73 -3.10
C GLN E 18 -12.05 62.39 -3.80
N SER E 19 -11.99 62.44 -5.11
CA SER E 19 -11.95 61.24 -5.91
C SER E 19 -10.54 61.03 -6.43
N MET E 20 -10.25 59.78 -6.78
CA MET E 20 -8.91 59.37 -7.12
C MET E 20 -9.00 58.18 -8.06
N THR E 21 -8.09 58.10 -9.01
CA THR E 21 -8.05 56.99 -9.95
C THR E 21 -6.65 56.40 -9.98
N LEU E 22 -6.55 55.10 -9.64
CA LEU E 22 -5.29 54.39 -9.63
C LEU E 22 -5.14 53.57 -10.90
N GLN E 23 -3.94 53.57 -11.44
CA GLN E 23 -3.68 53.05 -12.76
C GLN E 23 -2.73 51.87 -12.73
N CYS E 24 -2.82 51.06 -13.79
CA CYS E 24 -2.09 49.81 -13.87
C CYS E 24 -2.05 49.36 -15.33
N ALA E 25 -0.94 48.73 -15.69
CA ALA E 25 -0.80 48.21 -17.04
C ALA E 25 0.32 47.20 -17.08
N GLN E 26 0.23 46.26 -18.04
CA GLN E 26 1.22 45.21 -18.22
C GLN E 26 1.40 44.90 -19.70
N ASP E 27 2.66 44.74 -20.11
CA ASP E 27 3.03 44.26 -21.45
C ASP E 27 3.46 42.81 -21.40
N MET E 28 2.79 42.00 -20.58
CA MET E 28 2.99 40.57 -20.56
C MET E 28 1.98 39.83 -21.42
N ASN E 29 1.11 40.54 -22.14
CA ASN E 29 0.01 39.93 -22.91
C ASN E 29 -0.89 39.07 -22.02
N HIS E 30 -1.17 39.55 -20.82
CA HIS E 30 -1.99 38.81 -19.87
C HIS E 30 -3.46 39.16 -20.03
N ASN E 31 -4.31 38.20 -19.65
CA ASN E 31 -5.75 38.35 -19.84
C ASN E 31 -6.52 38.77 -18.59
N SER E 32 -6.08 38.34 -17.41
CA SER E 32 -6.77 38.69 -16.18
C SER E 32 -6.01 39.77 -15.43
N MET E 33 -6.76 40.67 -14.81
CA MET E 33 -6.17 41.69 -13.96
C MET E 33 -7.03 41.86 -12.72
N TYR E 34 -6.38 42.10 -11.58
CA TYR E 34 -7.01 42.07 -10.28
C TYR E 34 -6.61 43.34 -9.54
N TRP E 35 -7.43 43.72 -8.57
CA TRP E 35 -7.14 44.88 -7.74
C TRP E 35 -7.36 44.49 -6.29
N TYR E 36 -6.29 44.51 -5.49
CA TYR E 36 -6.33 44.11 -4.10
C TYR E 36 -6.08 45.30 -3.19
N ARG E 37 -6.39 45.13 -1.91
CA ARG E 37 -5.93 46.05 -0.87
C ARG E 37 -5.36 45.23 0.28
N GLN E 38 -4.27 45.73 0.87
CA GLN E 38 -3.55 45.01 1.90
C GLN E 38 -3.68 45.79 3.20
N ASP E 39 -4.39 45.23 4.15
CA ASP E 39 -4.61 45.91 5.41
C ASP E 39 -3.94 45.15 6.54
N PRO E 40 -3.56 45.83 7.61
CA PRO E 40 -2.75 45.18 8.66
C PRO E 40 -3.47 43.95 9.21
N GLY E 41 -2.71 42.87 9.38
CA GLY E 41 -3.17 41.67 10.04
C GLY E 41 -4.30 40.90 9.36
N MET E 42 -4.45 41.03 8.06
CA MET E 42 -5.50 40.29 7.39
C MET E 42 -5.09 40.06 5.95
N GLY E 43 -5.81 39.16 5.28
CA GLY E 43 -5.44 38.76 3.93
C GLY E 43 -5.45 39.92 2.95
N LEU E 44 -4.91 39.64 1.77
CA LEU E 44 -5.18 40.51 0.65
C LEU E 44 -6.67 40.37 0.35
N ARG E 45 -7.35 41.49 0.10
CA ARG E 45 -8.80 41.44 -0.16
C ARG E 45 -9.10 42.00 -1.54
N LEU E 46 -9.82 41.23 -2.34
CA LEU E 46 -10.11 41.63 -3.71
C LEU E 46 -11.20 42.72 -3.75
N ILE E 47 -10.98 43.76 -4.57
CA ILE E 47 -12.01 44.78 -4.76
C ILE E 47 -12.81 44.50 -6.03
N TYR E 48 -12.16 44.58 -7.18
CA TYR E 48 -12.74 44.18 -8.45
C TYR E 48 -11.68 43.37 -9.21
N TYR E 49 -12.16 42.61 -10.19
CA TYR E 49 -11.28 41.86 -11.08
C TYR E 49 -11.82 41.93 -12.49
N SER E 50 -10.99 41.47 -13.46
CA SER E 50 -11.29 41.53 -14.89
C SER E 50 -10.82 40.23 -15.53
N ALA E 51 -11.71 39.25 -15.58
CA ALA E 51 -11.36 37.89 -15.99
C ALA E 51 -10.69 37.88 -17.36
N SER E 52 -11.17 38.74 -18.24
CA SER E 52 -10.54 39.00 -19.53
CA SER E 52 -10.56 38.99 -19.54
C SER E 52 -11.08 40.33 -20.04
N GLU E 53 -10.37 40.90 -21.02
CA GLU E 53 -10.77 42.17 -21.62
C GLU E 53 -12.23 42.13 -22.05
N GLY E 54 -12.99 43.17 -21.73
CA GLY E 54 -14.40 43.20 -22.05
C GLY E 54 -15.34 42.81 -20.91
N THR E 55 -14.84 42.28 -19.80
CA THR E 55 -15.69 42.07 -18.65
C THR E 55 -14.94 42.52 -17.39
N THR E 56 -15.72 42.81 -16.35
CA THR E 56 -15.28 43.15 -15.01
C THR E 56 -16.39 42.70 -14.07
N ASP E 57 -16.02 42.43 -12.82
CA ASP E 57 -17.02 42.05 -11.83
C ASP E 57 -16.48 42.39 -10.44
N LYS E 58 -17.39 42.49 -9.48
CA LYS E 58 -16.97 42.84 -8.14
C LYS E 58 -16.21 41.68 -7.51
N GLY E 59 -15.44 42.00 -6.48
CA GLY E 59 -14.83 41.00 -5.63
C GLY E 59 -15.37 41.14 -4.21
N GLU E 60 -14.46 41.18 -3.24
CA GLU E 60 -14.84 41.03 -1.84
C GLU E 60 -15.37 42.34 -1.24
N VAL E 61 -14.65 43.44 -1.45
CA VAL E 61 -14.95 44.66 -0.73
C VAL E 61 -15.16 45.77 -1.76
N PRO E 62 -16.20 45.66 -2.59
CA PRO E 62 -16.28 46.51 -3.78
C PRO E 62 -16.70 47.94 -3.50
N ASN E 63 -17.45 48.14 -2.41
CA ASN E 63 -18.12 49.42 -2.15
C ASN E 63 -17.12 50.57 -2.07
N GLY E 64 -17.51 51.72 -2.58
CA GLY E 64 -16.62 52.84 -2.61
C GLY E 64 -15.69 52.87 -3.80
N TYR E 65 -15.73 51.86 -4.66
CA TYR E 65 -14.81 51.77 -5.79
C TYR E 65 -15.57 51.37 -7.06
N ASN E 66 -14.90 51.58 -8.20
CA ASN E 66 -15.30 50.93 -9.45
CA ASN E 66 -15.32 51.08 -9.50
C ASN E 66 -14.07 50.82 -10.34
N VAL E 67 -14.23 50.12 -11.45
CA VAL E 67 -13.08 49.77 -12.27
C VAL E 67 -13.44 49.86 -13.74
N SER E 68 -12.42 50.11 -14.56
CA SER E 68 -12.60 50.08 -16.00
C SER E 68 -11.42 49.33 -16.60
N ARG E 69 -11.71 48.39 -17.51
CA ARG E 69 -10.67 47.63 -18.19
C ARG E 69 -10.51 48.19 -19.61
N LEU E 70 -9.76 49.29 -19.67
CA LEU E 70 -9.66 50.11 -20.87
C LEU E 70 -9.29 49.30 -22.11
N ASN E 71 -8.42 48.31 -21.95
CA ASN E 71 -8.03 47.42 -23.03
C ASN E 71 -7.39 46.20 -22.38
N LYS E 72 -6.77 45.35 -23.20
CA LYS E 72 -6.08 44.19 -22.66
C LYS E 72 -4.91 44.58 -21.77
N ARG E 73 -4.36 45.78 -21.93
CA ARG E 73 -3.18 46.28 -21.23
C ARG E 73 -3.50 46.92 -19.87
N GLU E 74 -4.42 47.88 -19.83
CA GLU E 74 -4.61 48.75 -18.69
C GLU E 74 -5.92 48.44 -17.98
N PHE E 75 -5.93 48.68 -16.67
CA PHE E 75 -7.04 48.37 -15.77
C PHE E 75 -6.91 49.32 -14.59
N SER E 76 -7.91 50.19 -14.39
CA SER E 76 -7.80 51.26 -13.42
C SER E 76 -8.90 51.14 -12.36
N LEU E 77 -8.56 51.59 -11.16
CA LEU E 77 -9.44 51.61 -10.01
C LEU E 77 -9.78 53.06 -9.68
N ARG E 78 -10.99 53.26 -9.12
CA ARG E 78 -11.49 54.61 -8.88
C ARG E 78 -12.21 54.67 -7.53
N LEU E 79 -11.75 55.60 -6.67
CA LEU E 79 -12.41 55.92 -5.41
C LEU E 79 -13.33 57.11 -5.67
N GLU E 80 -14.61 56.95 -5.36
CA GLU E 80 -15.55 58.02 -5.71
C GLU E 80 -15.45 59.18 -4.72
N SER E 81 -15.73 58.90 -3.45
CA SER E 81 -15.76 59.93 -2.41
C SER E 81 -14.90 59.39 -1.27
N ALA E 82 -13.61 59.74 -1.29
CA ALA E 82 -12.65 59.09 -0.41
C ALA E 82 -13.07 59.22 1.04
N ALA E 83 -13.13 58.02 1.77
CA ALA E 83 -13.40 57.76 3.17
C ALA E 83 -12.11 57.41 3.89
N PRO E 84 -12.04 57.70 5.20
CA PRO E 84 -10.88 57.25 6.00
C PRO E 84 -10.70 55.73 6.00
N SER E 85 -11.77 54.96 5.79
CA SER E 85 -11.68 53.51 5.74
C SER E 85 -11.02 53.00 4.48
N GLN E 86 -10.69 53.88 3.54
CA GLN E 86 -10.00 53.44 2.33
C GLN E 86 -8.51 53.73 2.36
N THR E 87 -7.98 54.38 3.43
CA THR E 87 -6.53 54.41 3.68
C THR E 87 -6.00 52.99 3.68
N SER E 88 -5.10 52.68 2.75
CA SER E 88 -4.62 51.31 2.59
C SER E 88 -3.47 51.32 1.59
N VAL E 89 -2.93 50.13 1.32
CA VAL E 89 -1.90 49.90 0.32
C VAL E 89 -2.49 48.99 -0.75
N TYR E 90 -2.54 49.49 -1.99
CA TYR E 90 -3.34 48.88 -3.04
C TYR E 90 -2.46 48.09 -3.99
N PHE E 91 -2.93 46.92 -4.42
CA PHE E 91 -2.14 46.10 -5.32
C PHE E 91 -2.92 45.71 -6.57
N CYS E 92 -2.26 45.90 -7.71
CA CYS E 92 -2.71 45.48 -9.02
C CYS E 92 -1.94 44.24 -9.42
N ALA E 93 -2.63 43.27 -10.03
CA ALA E 93 -1.96 42.03 -10.39
C ALA E 93 -2.59 41.43 -11.65
N SER E 94 -1.78 40.69 -12.42
CA SER E 94 -2.21 39.99 -13.64
C SER E 94 -1.78 38.53 -13.65
N SER E 95 -2.65 37.69 -14.17
CA SER E 95 -2.33 36.31 -14.50
C SER E 95 -2.54 36.11 -15.99
N VAL E 96 -1.95 35.06 -16.55
CA VAL E 96 -2.14 34.81 -17.98
C VAL E 96 -3.63 34.66 -18.28
N TRP E 97 -4.32 33.79 -17.56
CA TRP E 97 -5.74 33.49 -17.77
C TRP E 97 -6.44 33.48 -16.41
N THR E 98 -7.70 33.06 -16.38
CA THR E 98 -8.35 32.72 -15.12
C THR E 98 -9.03 31.36 -15.25
N GLY E 99 -8.99 30.59 -14.15
CA GLY E 99 -9.44 29.23 -14.16
C GLY E 99 -8.39 28.20 -14.52
N GLU E 100 -7.11 28.60 -14.62
CA GLU E 100 -5.99 27.68 -14.74
C GLU E 100 -5.31 27.55 -13.36
N GLY E 101 -5.28 26.33 -12.83
CA GLY E 101 -4.86 26.15 -11.46
C GLY E 101 -3.43 26.61 -11.22
N SER E 102 -2.57 26.43 -12.23
CA SER E 102 -1.12 26.60 -12.10
C SER E 102 -0.67 28.06 -12.23
N GLY E 103 -1.36 28.87 -13.03
CA GLY E 103 -0.89 30.21 -13.28
C GLY E 103 -0.89 31.06 -12.03
N GLU E 104 0.25 31.65 -11.68
CA GLU E 104 0.36 32.46 -10.48
C GLU E 104 -0.02 33.92 -10.76
N LEU E 105 0.28 34.78 -9.80
CA LEU E 105 0.00 36.21 -9.91
C LEU E 105 1.31 37.00 -10.00
N PHE E 106 1.25 38.05 -10.82
CA PHE E 106 2.34 39.01 -11.00
C PHE E 106 1.83 40.34 -10.49
N PHE E 107 2.57 40.95 -9.55
CA PHE E 107 2.12 42.07 -8.76
C PHE E 107 2.84 43.36 -9.15
N GLY E 108 2.10 44.50 -9.07
CA GLY E 108 2.69 45.82 -9.16
C GLY E 108 3.33 46.28 -7.84
N GLU E 109 4.07 47.39 -7.90
CA GLU E 109 4.93 47.78 -6.80
C GLU E 109 4.12 48.17 -5.57
N GLY E 110 2.88 48.63 -5.74
CA GLY E 110 2.07 49.08 -4.60
C GLY E 110 1.64 50.52 -4.66
N SER E 111 0.56 50.88 -3.95
CA SER E 111 0.08 52.26 -3.89
C SER E 111 -0.44 52.56 -2.49
N ARG E 112 0.25 53.47 -1.80
CA ARG E 112 -0.07 53.80 -0.41
C ARG E 112 -1.01 54.99 -0.41
N LEU E 113 -2.25 54.78 0.02
CA LEU E 113 -3.27 55.83 0.05
C LEU E 113 -3.52 56.28 1.48
N THR E 114 -3.50 57.59 1.69
CA THR E 114 -3.80 58.17 3.01
C THR E 114 -4.97 59.13 2.85
N VAL E 115 -6.13 58.82 3.47
CA VAL E 115 -7.30 59.68 3.45
C VAL E 115 -7.36 60.42 4.76
N LEU E 116 -7.45 61.76 4.70
CA LEU E 116 -7.45 62.60 5.90
C LEU E 116 -8.66 63.54 5.87
N GLU E 117 -9.19 63.85 7.06
CA GLU E 117 -10.34 64.74 7.16
C GLU E 117 -10.03 66.18 6.82
N ASP E 118 -8.74 66.56 6.83
CA ASP E 118 -8.25 67.91 6.52
C ASP E 118 -6.74 67.82 6.40
N LEU E 119 -6.18 68.47 5.40
CA LEU E 119 -4.74 68.37 5.19
C LEU E 119 -3.91 69.23 6.16
N LYS E 120 -4.49 69.76 7.24
CA LYS E 120 -3.80 70.82 7.97
C LYS E 120 -2.73 70.29 8.92
N ASN E 121 -2.31 69.03 8.75
CA ASN E 121 -1.32 68.38 9.60
C ASN E 121 -0.21 67.73 8.79
N VAL E 122 -0.21 67.87 7.46
CA VAL E 122 0.85 67.27 6.63
C VAL E 122 2.15 68.04 6.87
N PHE E 123 3.22 67.30 7.14
CA PHE E 123 4.53 67.89 7.43
C PHE E 123 5.65 67.05 6.85
N PRO E 124 6.59 67.64 6.12
CA PRO E 124 7.78 66.92 5.72
C PRO E 124 8.64 66.63 6.92
N PRO E 125 9.54 65.66 6.83
CA PRO E 125 10.40 65.32 7.97
C PRO E 125 11.50 66.35 8.19
N GLU E 126 12.07 66.33 9.38
CA GLU E 126 13.35 66.95 9.58
C GLU E 126 14.40 65.86 9.67
N VAL E 127 15.52 66.07 8.99
CA VAL E 127 16.58 65.09 8.85
C VAL E 127 17.85 65.61 9.51
N ALA E 128 18.58 64.74 10.18
CA ALA E 128 19.89 65.12 10.69
C ALA E 128 20.76 63.89 10.80
N VAL E 129 22.04 64.07 10.52
CA VAL E 129 23.03 63.00 10.71
C VAL E 129 23.68 63.20 12.08
N PHE E 130 23.97 62.10 12.76
CA PHE E 130 24.68 62.14 14.02
C PHE E 130 26.01 61.42 13.85
N GLU E 131 27.12 62.12 14.23
CA GLU E 131 28.48 61.68 13.98
C GLU E 131 28.90 60.64 15.03
N PRO E 132 29.66 59.63 14.62
CA PRO E 132 29.97 58.49 15.50
C PRO E 132 30.68 58.88 16.78
N SER E 133 30.31 58.20 17.87
CA SER E 133 30.95 58.38 19.16
C SER E 133 32.41 57.92 19.12
N GLU E 134 33.31 58.74 19.68
CA GLU E 134 34.75 58.42 19.71
C GLU E 134 35.03 57.20 20.59
N ALA E 135 34.18 56.93 21.58
CA ALA E 135 34.25 55.69 22.33
C ALA E 135 33.84 54.49 21.50
N GLU E 136 33.28 54.71 20.31
CA GLU E 136 32.98 53.61 19.40
C GLU E 136 34.17 53.31 18.49
N ILE E 137 34.64 54.32 17.75
CA ILE E 137 35.77 54.13 16.85
C ILE E 137 37.02 53.66 17.58
N SER E 138 37.02 53.69 18.92
CA SER E 138 38.12 53.19 19.73
C SER E 138 37.86 51.82 20.33
N HIS E 139 36.70 51.65 20.98
CA HIS E 139 36.40 50.36 21.61
C HIS E 139 36.33 49.26 20.57
N THR E 140 35.73 49.55 19.41
CA THR E 140 35.39 48.53 18.43
C THR E 140 36.00 48.76 17.06
N GLN E 141 36.70 49.88 16.85
CA GLN E 141 37.19 50.27 15.52
C GLN E 141 36.06 50.19 14.49
N LYS E 142 35.04 51.01 14.73
CA LYS E 142 33.84 51.00 13.91
C LYS E 142 32.98 52.21 14.22
N ALA E 143 32.55 52.91 13.21
CA ALA E 143 31.88 54.20 13.38
C ALA E 143 30.43 54.06 12.94
N THR E 144 29.51 54.15 13.90
CA THR E 144 28.09 54.13 13.61
C THR E 144 27.62 55.55 13.30
N LEU E 145 27.09 55.75 12.10
CA LEU E 145 26.35 56.97 11.78
C LEU E 145 24.87 56.69 12.00
N VAL E 146 24.18 57.61 12.66
CA VAL E 146 22.74 57.55 12.87
C VAL E 146 22.08 58.65 12.07
N CYS E 147 20.94 58.35 11.47
CA CYS E 147 20.11 59.34 10.80
C CYS E 147 18.73 59.34 11.44
N LEU E 148 18.24 60.53 11.74
CA LEU E 148 16.93 60.72 12.36
C LEU E 148 16.04 61.62 11.50
N ALA E 149 14.82 61.16 11.24
CA ALA E 149 13.83 61.88 10.45
C ALA E 149 12.57 62.01 11.30
N THR E 150 12.28 63.24 11.78
CA THR E 150 11.31 63.41 12.86
C THR E 150 10.13 64.30 12.46
N GLY E 151 8.99 64.01 13.09
CA GLY E 151 7.85 64.89 13.01
C GLY E 151 7.19 65.00 11.66
N PHE E 152 7.39 64.03 10.75
CA PHE E 152 6.74 64.07 9.46
C PHE E 152 5.37 63.42 9.53
N TYR E 153 4.50 63.83 8.59
CA TYR E 153 3.12 63.34 8.53
C TYR E 153 2.59 63.50 7.11
N PRO E 154 1.91 62.48 6.54
CA PRO E 154 1.76 61.11 7.05
C PRO E 154 3.01 60.24 6.85
N ASP E 155 2.90 58.94 7.13
CA ASP E 155 4.04 58.04 7.03
C ASP E 155 4.26 57.72 5.56
N HIS E 156 4.83 58.68 4.84
CA HIS E 156 5.11 58.53 3.41
C HIS E 156 6.58 58.81 3.10
N VAL E 157 7.49 58.21 3.84
CA VAL E 157 8.90 58.52 3.69
C VAL E 157 9.66 57.33 3.15
N GLU E 158 10.80 57.63 2.51
CA GLU E 158 11.72 56.61 1.99
C GLU E 158 13.14 57.09 2.27
N LEU E 159 13.70 56.62 3.39
CA LEU E 159 15.08 56.93 3.74
C LEU E 159 16.01 56.08 2.90
N SER E 160 17.21 56.61 2.67
CA SER E 160 18.26 55.88 1.99
C SER E 160 19.57 56.55 2.36
N TRP E 161 20.68 55.86 2.07
CA TRP E 161 22.02 56.24 2.52
C TRP E 161 22.95 56.35 1.33
N TRP E 162 23.89 57.31 1.41
CA TRP E 162 24.74 57.65 0.26
C TRP E 162 26.15 58.02 0.74
N VAL E 163 27.13 57.20 0.35
CA VAL E 163 28.53 57.37 0.74
C VAL E 163 29.33 57.64 -0.54
N ASN E 164 30.02 58.78 -0.58
CA ASN E 164 30.81 59.18 -1.75
C ASN E 164 29.99 59.10 -3.04
N GLY E 165 28.73 59.53 -2.96
CA GLY E 165 27.82 59.60 -4.10
C GLY E 165 26.95 58.37 -4.37
N LYS E 166 27.51 57.17 -4.27
CA LYS E 166 26.77 55.95 -4.57
C LYS E 166 25.90 55.53 -3.38
N GLU E 167 24.67 55.15 -3.67
CA GLU E 167 23.77 54.63 -2.63
C GLU E 167 24.33 53.31 -2.10
N VAL E 168 24.31 53.17 -0.79
CA VAL E 168 24.90 52.01 -0.14
C VAL E 168 23.79 51.18 0.50
N HIS E 169 24.09 49.90 0.72
CA HIS E 169 23.14 48.96 1.31
C HIS E 169 23.77 48.20 2.46
N SER E 170 25.08 47.96 2.41
CA SER E 170 25.78 47.25 3.47
C SER E 170 26.05 48.23 4.61
N GLY E 171 25.91 47.76 5.85
CA GLY E 171 26.09 48.63 6.98
C GLY E 171 24.93 49.54 7.29
N VAL E 172 23.86 49.47 6.51
CA VAL E 172 22.67 50.29 6.72
C VAL E 172 21.66 49.48 7.50
N CYS E 173 20.95 50.13 8.43
CA CYS E 173 19.75 49.53 9.00
C CYS E 173 18.70 50.61 9.27
N THR E 174 17.49 50.41 8.77
CA THR E 174 16.40 51.36 8.99
C THR E 174 15.27 50.66 9.72
N ASP E 175 14.60 51.40 10.60
CA ASP E 175 13.54 50.83 11.40
C ASP E 175 12.43 50.30 10.49
N PRO E 176 11.91 49.11 10.75
CA PRO E 176 10.75 48.64 10.00
C PRO E 176 9.53 49.56 10.05
N GLN E 177 9.02 49.87 11.23
CA GLN E 177 7.82 50.69 11.35
C GLN E 177 8.14 51.99 12.10
N PRO E 178 7.71 53.13 11.59
CA PRO E 178 8.05 54.40 12.25
C PRO E 178 7.33 54.48 13.59
N LEU E 179 7.73 55.43 14.43
CA LEU E 179 7.19 55.55 15.77
C LEU E 179 6.41 56.85 15.94
N LYS E 180 5.40 56.80 16.82
CA LYS E 180 4.43 57.87 17.04
C LYS E 180 4.98 58.87 18.05
N GLU E 181 5.30 60.08 17.58
CA GLU E 181 5.85 61.06 18.52
C GLU E 181 4.82 61.47 19.56
N GLN E 182 3.52 61.38 19.26
CA GLN E 182 2.46 61.67 20.24
C GLN E 182 1.43 60.54 20.26
N PRO E 183 1.76 59.39 20.88
CA PRO E 183 0.90 58.20 20.69
C PRO E 183 -0.51 58.33 21.25
N ALA E 184 -0.80 59.39 22.02
CA ALA E 184 -2.16 59.61 22.52
C ALA E 184 -3.05 60.27 21.50
N LEU E 185 -2.46 61.02 20.57
CA LEU E 185 -3.23 61.71 19.54
C LEU E 185 -3.50 60.75 18.39
N ASN E 186 -4.74 60.81 17.87
CA ASN E 186 -5.14 60.01 16.73
C ASN E 186 -4.51 60.47 15.43
N ASP E 187 -3.73 61.54 15.47
CA ASP E 187 -3.13 62.16 14.29
C ASP E 187 -1.65 62.48 14.52
N SER E 188 -0.98 61.71 15.39
CA SER E 188 0.42 61.95 15.73
C SER E 188 1.29 61.91 14.47
N ARG E 189 2.37 62.69 14.49
CA ARG E 189 3.40 62.56 13.46
C ARG E 189 4.36 61.43 13.83
N TYR E 190 5.37 61.20 12.99
CA TYR E 190 6.21 60.01 13.13
C TYR E 190 7.68 60.40 13.11
N ALA E 191 8.51 59.52 13.69
CA ALA E 191 9.96 59.60 13.63
C ALA E 191 10.54 58.32 13.03
N LEU E 192 11.76 58.40 12.51
CA LEU E 192 12.34 57.21 11.89
C LEU E 192 13.86 57.32 11.83
N SER E 193 14.53 56.32 12.38
CA SER E 193 15.98 56.33 12.54
C SER E 193 16.65 55.33 11.61
N SER E 194 17.90 55.60 11.28
CA SER E 194 18.70 54.66 10.51
C SER E 194 20.15 54.71 11.00
N ARG E 195 20.86 53.61 10.80
CA ARG E 195 22.26 53.50 11.20
C ARG E 195 23.12 53.13 10.00
N LEU E 196 24.41 53.41 10.13
CA LEU E 196 25.36 53.20 9.03
C LEU E 196 26.72 52.95 9.64
N ARG E 197 27.23 51.72 9.54
CA ARG E 197 28.49 51.37 10.18
C ARG E 197 29.58 51.19 9.13
N VAL E 198 30.80 51.53 9.56
CA VAL E 198 31.94 51.74 8.67
C VAL E 198 33.18 51.64 9.55
N SER E 199 34.34 51.43 8.92
CA SER E 199 35.59 51.39 9.66
C SER E 199 35.96 52.77 10.19
N ALA E 200 36.76 52.80 11.25
CA ALA E 200 37.35 54.06 11.66
C ALA E 200 38.24 54.62 10.58
N THR E 201 38.80 53.77 9.72
CA THR E 201 39.55 54.24 8.56
C THR E 201 38.64 54.93 7.55
N PHE E 202 37.49 54.32 7.22
CA PHE E 202 36.62 54.96 6.25
C PHE E 202 35.90 56.16 6.86
N TRP E 203 35.75 56.20 8.18
CA TRP E 203 35.09 57.34 8.81
C TRP E 203 35.97 58.59 8.77
N GLN E 204 37.29 58.44 8.92
CA GLN E 204 38.16 59.62 8.89
C GLN E 204 39.15 59.58 7.73
N ARG E 211 26.17 61.35 4.13
CA ARG E 211 24.99 61.82 3.39
C ARG E 211 23.73 60.95 3.49
N CYS E 212 22.83 61.33 4.40
CA CYS E 212 21.51 60.75 4.57
C CYS E 212 20.52 61.42 3.62
N GLN E 213 19.33 60.81 3.50
CA GLN E 213 18.30 61.29 2.57
C GLN E 213 16.92 60.70 2.82
N VAL E 214 15.90 61.54 2.91
CA VAL E 214 14.51 61.10 3.03
C VAL E 214 13.69 61.67 1.89
N GLN E 215 13.19 60.79 1.03
CA GLN E 215 12.11 61.14 0.13
C GLN E 215 10.81 61.11 0.91
N PHE E 216 10.06 62.19 0.83
CA PHE E 216 8.78 62.31 1.50
C PHE E 216 7.70 62.60 0.46
N TYR E 217 6.54 61.98 0.62
CA TYR E 217 5.42 62.13 -0.32
C TYR E 217 4.28 62.84 0.39
N GLY E 218 3.79 63.91 -0.24
CA GLY E 218 2.83 64.79 0.41
C GLY E 218 1.85 65.44 -0.55
N LEU E 219 1.65 66.77 -0.44
CA LEU E 219 0.68 67.44 -1.29
C LEU E 219 1.27 67.71 -2.67
N SER E 220 0.41 67.72 -3.68
CA SER E 220 0.79 68.10 -5.03
C SER E 220 0.81 69.62 -5.19
N GLU E 221 1.46 70.09 -6.26
CA GLU E 221 1.31 71.49 -6.63
C GLU E 221 -0.15 71.83 -6.91
N ASN E 222 -0.92 70.84 -7.42
CA ASN E 222 -2.32 71.03 -7.77
C ASN E 222 -3.22 71.17 -6.55
N ASP E 223 -2.79 70.66 -5.40
CA ASP E 223 -3.59 70.79 -4.18
C ASP E 223 -3.63 72.26 -3.74
N GLU E 224 -4.74 72.64 -3.13
CA GLU E 224 -4.88 73.98 -2.60
C GLU E 224 -4.11 74.08 -1.29
N TRP E 225 -3.27 75.11 -1.16
CA TRP E 225 -2.65 75.42 0.11
C TRP E 225 -3.03 76.85 0.49
N THR E 226 -3.57 77.01 1.70
CA THR E 226 -4.00 78.31 2.16
C THR E 226 -3.27 78.79 3.41
N GLN E 227 -2.66 77.90 4.19
CA GLN E 227 -2.24 78.23 5.54
C GLN E 227 -0.91 79.00 5.52
N ASP E 228 -0.40 79.29 6.72
CA ASP E 228 0.73 80.20 6.87
C ASP E 228 2.01 79.56 6.35
N ARG E 229 2.37 78.41 6.91
CA ARG E 229 3.62 77.73 6.60
C ARG E 229 3.64 77.29 5.14
N ALA E 230 4.83 76.90 4.68
CA ALA E 230 5.04 76.48 3.30
C ALA E 230 4.17 75.27 2.96
N LYS E 231 3.71 75.21 1.72
CA LYS E 231 2.99 74.06 1.20
C LYS E 231 3.84 72.81 1.37
N PRO E 232 3.42 71.84 2.20
CA PRO E 232 4.25 70.66 2.50
C PRO E 232 4.21 69.65 1.36
N VAL E 233 4.85 70.00 0.25
CA VAL E 233 4.79 69.21 -0.95
C VAL E 233 5.73 68.01 -0.85
N THR E 234 5.61 67.10 -1.82
CA THR E 234 6.56 66.02 -2.01
C THR E 234 7.95 66.57 -2.27
N GLN E 235 8.94 66.01 -1.60
CA GLN E 235 10.26 66.61 -1.62
C GLN E 235 11.26 65.64 -1.01
N ILE E 236 12.51 66.09 -0.97
CA ILE E 236 13.64 65.35 -0.43
C ILE E 236 14.35 66.23 0.59
N VAL E 237 14.57 65.69 1.78
CA VAL E 237 15.32 66.36 2.85
C VAL E 237 16.61 65.58 3.06
N SER E 238 17.73 66.29 3.06
CA SER E 238 19.05 65.68 3.23
C SER E 238 19.81 66.29 4.41
N ALA E 239 20.45 65.43 5.19
CA ALA E 239 21.54 65.83 6.05
C ALA E 239 22.81 65.14 5.57
N GLU E 240 23.91 65.88 5.50
CA GLU E 240 25.18 65.35 5.05
C GLU E 240 26.13 65.24 6.24
N ALA E 241 27.12 64.37 6.10
CA ALA E 241 28.18 64.30 7.08
C ALA E 241 29.50 64.11 6.36
N TRP E 242 30.57 64.58 6.99
CA TRP E 242 31.90 64.46 6.42
C TRP E 242 32.87 63.92 7.47
N ILE F 2 -13.54 17.12 -41.92
CA ILE F 2 -14.40 16.13 -42.51
C ILE F 2 -15.82 16.49 -42.13
N GLN F 3 -16.77 16.27 -43.04
CA GLN F 3 -18.18 16.61 -42.82
C GLN F 3 -19.00 15.35 -42.62
N ARG F 4 -19.81 15.33 -41.57
CA ARG F 4 -20.73 14.23 -41.26
C ARG F 4 -22.16 14.66 -41.56
N THR F 5 -22.84 13.92 -42.48
CA THR F 5 -24.22 14.25 -42.90
C THR F 5 -25.22 13.87 -41.80
N PRO F 6 -26.24 14.68 -41.57
CA PRO F 6 -27.17 14.37 -40.49
C PRO F 6 -27.86 13.03 -40.73
N LYS F 7 -28.09 12.30 -39.64
CA LYS F 7 -28.90 11.10 -39.66
C LYS F 7 -30.25 11.41 -39.04
N ILE F 8 -31.34 11.02 -39.72
CA ILE F 8 -32.68 11.51 -39.40
C ILE F 8 -33.57 10.32 -39.04
N GLN F 9 -34.11 10.35 -37.82
CA GLN F 9 -34.96 9.29 -37.33
C GLN F 9 -36.29 9.89 -36.91
N VAL F 10 -37.38 9.28 -37.37
CA VAL F 10 -38.73 9.82 -37.15
C VAL F 10 -39.58 8.72 -36.54
N TYR F 11 -40.22 9.02 -35.41
CA TYR F 11 -40.89 7.98 -34.64
C TYR F 11 -41.86 8.61 -33.67
N SER F 12 -42.73 7.79 -33.11
CA SER F 12 -43.69 8.27 -32.14
C SER F 12 -43.22 7.95 -30.72
N ARG F 13 -43.74 8.73 -29.77
CA ARG F 13 -43.54 8.54 -28.35
C ARG F 13 -43.98 7.15 -27.91
N HIS F 14 -45.31 6.89 -27.99
CA HIS F 14 -45.96 5.62 -27.69
C HIS F 14 -46.28 4.87 -28.96
N PRO F 15 -46.43 3.53 -28.86
CA PRO F 15 -46.93 2.75 -30.01
C PRO F 15 -48.11 3.42 -30.68
N ALA F 16 -47.97 3.69 -31.99
CA ALA F 16 -48.94 4.49 -32.72
C ALA F 16 -50.25 3.73 -32.97
N GLU F 17 -51.38 4.40 -32.73
CA GLU F 17 -52.71 3.85 -32.99
C GLU F 17 -53.61 4.94 -33.56
N ASN F 18 -54.15 4.70 -34.76
CA ASN F 18 -54.94 5.72 -35.46
C ASN F 18 -56.14 6.13 -34.61
N GLY F 19 -56.37 7.43 -34.49
CA GLY F 19 -57.40 7.94 -33.60
C GLY F 19 -56.93 8.21 -32.19
N LYS F 20 -55.66 7.95 -31.87
CA LYS F 20 -55.15 8.05 -30.51
C LYS F 20 -54.02 9.07 -30.45
N SER F 21 -54.20 10.11 -29.63
CA SER F 21 -53.21 11.17 -29.52
C SER F 21 -51.86 10.59 -29.09
N ASN F 22 -50.82 11.31 -29.44
CA ASN F 22 -49.45 10.82 -29.33
C ASN F 22 -48.54 12.01 -29.64
N PHE F 23 -47.24 11.75 -29.70
CA PHE F 23 -46.25 12.76 -30.04
C PHE F 23 -45.34 12.19 -31.11
N LEU F 24 -44.85 13.07 -31.99
CA LEU F 24 -44.05 12.66 -33.13
C LEU F 24 -42.67 13.30 -32.99
N ASN F 25 -41.65 12.50 -32.74
CA ASN F 25 -40.31 13.01 -32.54
C ASN F 25 -39.51 12.86 -33.82
N CYS F 26 -38.54 13.75 -34.03
CA CYS F 26 -37.59 13.60 -35.13
C CYS F 26 -36.20 13.76 -34.53
N TYR F 27 -35.37 12.73 -34.67
CA TYR F 27 -34.11 12.66 -33.94
C TYR F 27 -32.97 12.87 -34.92
N VAL F 28 -32.62 14.12 -35.13
CA VAL F 28 -31.47 14.42 -35.98
C VAL F 28 -30.23 14.21 -35.14
N SER F 29 -29.24 13.51 -35.68
CA SER F 29 -28.05 13.18 -34.90
C SER F 29 -26.87 12.85 -35.82
N GLY F 30 -25.67 12.96 -35.27
CA GLY F 30 -24.48 12.48 -35.94
C GLY F 30 -23.86 13.41 -36.96
N PHE F 31 -24.17 14.70 -36.92
CA PHE F 31 -23.77 15.56 -38.03
C PHE F 31 -22.64 16.51 -37.65
N HIS F 32 -21.82 16.85 -38.64
CA HIS F 32 -20.82 17.85 -38.41
C HIS F 32 -20.66 18.57 -39.74
N PRO F 33 -20.62 19.90 -39.75
CA PRO F 33 -20.70 20.80 -38.59
C PRO F 33 -22.12 21.05 -38.06
N SER F 34 -22.27 22.14 -37.32
CA SER F 34 -23.38 22.28 -36.39
C SER F 34 -24.55 23.11 -36.93
N ASP F 35 -24.37 23.91 -37.98
CA ASP F 35 -25.50 24.64 -38.53
C ASP F 35 -26.39 23.69 -39.31
N ILE F 36 -27.64 23.59 -38.88
CA ILE F 36 -28.60 22.64 -39.43
C ILE F 36 -29.99 23.27 -39.29
N GLU F 37 -30.87 22.96 -40.23
CA GLU F 37 -32.24 23.49 -40.25
C GLU F 37 -33.20 22.33 -40.36
N VAL F 38 -34.03 22.13 -39.33
CA VAL F 38 -34.99 21.03 -39.27
C VAL F 38 -36.41 21.60 -39.11
N ASP F 39 -37.38 21.06 -39.88
CA ASP F 39 -38.82 21.26 -39.70
C ASP F 39 -39.58 19.94 -39.78
N LEU F 40 -40.77 19.88 -39.15
CA LEU F 40 -41.69 18.76 -39.25
C LEU F 40 -42.93 19.13 -40.08
N LEU F 41 -43.48 18.17 -40.83
CA LEU F 41 -44.45 18.45 -41.90
C LEU F 41 -45.70 17.59 -41.79
N LYS F 42 -46.88 18.20 -41.96
CA LYS F 42 -48.15 17.47 -41.93
C LYS F 42 -48.80 17.54 -43.30
N ASN F 43 -48.79 16.43 -44.02
CA ASN F 43 -49.22 16.38 -45.42
C ASN F 43 -48.41 17.32 -46.31
N GLY F 44 -47.11 17.36 -46.08
CA GLY F 44 -46.21 18.18 -46.87
C GLY F 44 -46.00 19.59 -46.37
N GLU F 45 -46.79 20.04 -45.40
CA GLU F 45 -46.78 21.43 -44.94
C GLU F 45 -46.20 21.54 -43.53
N ARG F 46 -45.31 22.51 -43.35
CA ARG F 46 -44.64 22.73 -42.06
C ARG F 46 -45.68 22.89 -40.95
N ILE F 47 -45.25 22.59 -39.73
CA ILE F 47 -46.11 22.64 -38.56
C ILE F 47 -45.67 23.85 -37.73
N GLU F 48 -46.65 24.65 -37.31
CA GLU F 48 -46.33 25.87 -36.57
C GLU F 48 -45.88 25.56 -35.14
N LYS F 49 -46.51 24.57 -34.51
CA LYS F 49 -46.24 24.25 -33.11
C LYS F 49 -45.33 23.02 -33.03
N VAL F 50 -44.03 23.25 -32.76
CA VAL F 50 -43.09 22.19 -32.44
C VAL F 50 -42.17 22.65 -31.33
N GLU F 51 -42.05 21.83 -30.28
CA GLU F 51 -40.99 22.00 -29.31
C GLU F 51 -39.69 21.40 -29.87
N HIS F 52 -38.55 21.86 -29.33
CA HIS F 52 -37.29 21.20 -29.65
C HIS F 52 -36.28 21.39 -28.52
N SER F 53 -35.18 20.64 -28.61
CA SER F 53 -34.05 20.69 -27.71
C SER F 53 -33.01 21.65 -28.25
N ASP F 54 -32.11 22.09 -27.36
CA ASP F 54 -30.95 22.86 -27.81
C ASP F 54 -29.94 21.93 -28.47
N LEU F 55 -29.09 22.49 -29.33
CA LEU F 55 -28.02 21.71 -29.93
C LEU F 55 -27.21 21.00 -28.85
N SER F 56 -27.01 19.71 -29.05
CA SER F 56 -26.45 18.81 -28.06
C SER F 56 -25.14 18.24 -28.57
N PHE F 57 -24.27 17.87 -27.63
CA PHE F 57 -22.91 17.48 -27.96
C PHE F 57 -22.71 15.98 -27.74
N SER F 58 -21.80 15.42 -28.52
CA SER F 58 -21.55 14.00 -28.45
C SER F 58 -20.05 13.77 -28.32
N LYS F 59 -19.68 12.71 -27.58
CA LYS F 59 -18.27 12.41 -27.36
C LYS F 59 -17.54 12.24 -28.68
N ASP F 60 -18.26 11.88 -29.75
CA ASP F 60 -17.66 11.72 -31.06
C ASP F 60 -17.46 13.03 -31.80
N TRP F 61 -17.86 14.16 -31.19
CA TRP F 61 -17.73 15.56 -31.66
C TRP F 61 -18.87 16.00 -32.58
N SER F 62 -19.79 15.12 -32.92
CA SER F 62 -20.98 15.50 -33.67
C SER F 62 -22.04 16.06 -32.71
N PHE F 63 -23.19 16.42 -33.29
CA PHE F 63 -24.28 17.13 -32.61
C PHE F 63 -25.59 16.42 -32.89
N TYR F 64 -26.58 16.61 -32.02
CA TYR F 64 -27.87 15.96 -32.21
C TYR F 64 -29.00 16.78 -31.62
N LEU F 65 -30.17 16.71 -32.24
CA LEU F 65 -31.33 17.49 -31.87
C LEU F 65 -32.55 16.61 -31.81
N LEU F 66 -33.53 16.98 -30.98
CA LEU F 66 -34.82 16.31 -30.95
C LEU F 66 -35.95 17.33 -31.18
N TYR F 67 -36.58 17.27 -32.35
CA TYR F 67 -37.81 18.00 -32.62
C TYR F 67 -39.02 17.08 -32.43
N TYR F 68 -40.07 17.59 -31.75
CA TYR F 68 -41.29 16.83 -31.54
C TYR F 68 -42.49 17.77 -31.60
N THR F 69 -43.66 17.18 -31.90
CA THR F 69 -44.93 17.91 -31.89
C THR F 69 -46.03 16.94 -31.49
N GLU F 70 -47.07 17.47 -30.84
CA GLU F 70 -48.22 16.65 -30.45
C GLU F 70 -49.16 16.48 -31.64
N PHE F 71 -49.60 15.23 -31.88
CA PHE F 71 -50.40 14.89 -33.04
C PHE F 71 -51.36 13.75 -32.70
N THR F 72 -52.31 13.51 -33.60
CA THR F 72 -53.13 12.29 -33.60
C THR F 72 -53.07 11.63 -34.98
N PRO F 73 -52.35 10.51 -35.12
CA PRO F 73 -52.19 9.91 -36.45
C PRO F 73 -53.53 9.46 -37.01
N THR F 74 -53.59 9.43 -38.34
CA THR F 74 -54.70 8.88 -39.11
C THR F 74 -54.13 8.07 -40.26
N GLU F 75 -55.02 7.32 -40.95
CA GLU F 75 -54.60 6.59 -42.13
C GLU F 75 -54.23 7.52 -43.28
N LYS F 76 -54.76 8.74 -43.28
CA LYS F 76 -54.67 9.58 -44.46
C LYS F 76 -53.46 10.49 -44.48
N ASP F 77 -52.94 10.88 -43.31
CA ASP F 77 -52.00 12.00 -43.21
C ASP F 77 -50.54 11.57 -43.20
N GLU F 78 -49.74 12.28 -44.00
CA GLU F 78 -48.33 11.96 -44.22
C GLU F 78 -47.46 12.91 -43.40
N TYR F 79 -46.97 12.42 -42.27
CA TYR F 79 -46.04 13.17 -41.45
C TYR F 79 -44.62 12.87 -41.89
N ALA F 80 -43.75 13.86 -41.75
CA ALA F 80 -42.39 13.76 -42.26
C ALA F 80 -41.48 14.67 -41.47
N CYS F 81 -40.18 14.46 -41.63
CA CYS F 81 -39.16 15.34 -41.07
C CYS F 81 -38.27 15.81 -42.21
N ARG F 82 -38.14 17.13 -42.34
CA ARG F 82 -37.33 17.75 -43.37
C ARG F 82 -36.08 18.30 -42.71
N VAL F 83 -34.90 18.01 -43.29
CA VAL F 83 -33.61 18.39 -42.69
C VAL F 83 -32.72 19.01 -43.77
N ASN F 84 -31.98 20.09 -43.41
CA ASN F 84 -30.99 20.69 -44.31
C ASN F 84 -29.64 20.92 -43.63
N HIS F 85 -28.58 20.72 -44.41
CA HIS F 85 -27.20 20.71 -43.92
C HIS F 85 -26.28 21.00 -45.11
N VAL F 86 -25.02 21.32 -44.81
CA VAL F 86 -24.13 21.65 -45.90
C VAL F 86 -23.72 20.40 -46.66
N THR F 87 -23.83 19.23 -46.03
CA THR F 87 -23.51 17.98 -46.71
C THR F 87 -24.55 17.60 -47.77
N LEU F 88 -25.72 18.22 -47.73
CA LEU F 88 -26.84 17.90 -48.63
C LEU F 88 -26.98 18.96 -49.71
N SER F 89 -27.19 18.50 -50.96
CA SER F 89 -27.35 19.46 -52.04
C SER F 89 -28.74 20.09 -52.01
N GLN F 90 -29.76 19.32 -51.67
CA GLN F 90 -31.10 19.84 -51.43
C GLN F 90 -31.65 19.23 -50.15
N PRO F 91 -32.57 19.92 -49.46
CA PRO F 91 -33.05 19.42 -48.17
C PRO F 91 -33.74 18.07 -48.31
N LYS F 92 -33.60 17.26 -47.28
CA LYS F 92 -34.06 15.88 -47.27
C LYS F 92 -35.34 15.79 -46.46
N ILE F 93 -36.39 15.25 -47.07
CA ILE F 93 -37.63 14.92 -46.36
C ILE F 93 -37.63 13.43 -46.12
N VAL F 94 -37.85 13.05 -44.87
CA VAL F 94 -37.90 11.66 -44.44
C VAL F 94 -39.29 11.43 -43.89
N LYS F 95 -39.94 10.37 -44.33
CA LYS F 95 -41.34 10.17 -43.97
C LYS F 95 -41.48 9.18 -42.82
N TRP F 96 -42.38 9.48 -41.88
CA TRP F 96 -42.67 8.58 -40.79
C TRP F 96 -43.14 7.22 -41.33
N ASP F 97 -42.66 6.14 -40.70
CA ASP F 97 -42.99 4.79 -41.13
C ASP F 97 -44.32 4.29 -40.58
N ARG F 98 -44.99 5.07 -39.74
CA ARG F 98 -46.30 4.72 -39.15
C ARG F 98 -46.19 3.53 -38.19
N ASP F 99 -45.07 3.51 -37.44
CA ASP F 99 -44.77 2.47 -36.44
C ASP F 99 -44.75 1.07 -37.07
N MET F 100 -44.12 0.95 -38.23
CA MET F 100 -44.06 -0.33 -38.95
C MET F 100 -43.06 -1.31 -38.34
N GLY G 2 26.37 -31.91 4.21
CA GLY G 2 25.44 -30.81 4.01
C GLY G 2 24.28 -31.16 3.09
N GLN G 3 23.05 -31.06 3.61
CA GLN G 3 21.89 -31.67 2.95
C GLN G 3 21.57 -31.00 1.62
N ASN G 4 20.95 -31.76 0.72
CA ASN G 4 20.63 -31.21 -0.60
C ASN G 4 19.56 -32.06 -1.28
N ILE G 5 18.45 -31.39 -1.66
CA ILE G 5 17.35 -32.03 -2.37
CA ILE G 5 17.34 -32.00 -2.37
C ILE G 5 17.30 -31.43 -3.77
N ASP G 6 17.04 -32.29 -4.78
CA ASP G 6 17.16 -31.87 -6.18
C ASP G 6 16.06 -32.44 -7.05
N GLN G 7 15.67 -31.63 -8.04
CA GLN G 7 14.53 -31.90 -8.92
C GLN G 7 14.65 -31.01 -10.16
N PRO G 8 14.11 -31.43 -11.29
CA PRO G 8 14.32 -30.66 -12.53
C PRO G 8 13.68 -29.27 -12.46
N THR G 9 14.33 -28.31 -13.13
CA THR G 9 13.85 -26.92 -13.08
C THR G 9 12.45 -26.81 -13.63
N GLU G 10 12.20 -27.47 -14.76
CA GLU G 10 10.97 -27.33 -15.52
C GLU G 10 10.79 -28.56 -16.41
N MET G 11 9.53 -28.89 -16.71
CA MET G 11 9.16 -29.99 -17.60
C MET G 11 8.01 -29.55 -18.50
N THR G 12 7.84 -30.25 -19.61
CA THR G 12 6.80 -29.88 -20.56
C THR G 12 6.26 -31.13 -21.21
N ALA G 13 4.95 -31.35 -21.08
CA ALA G 13 4.29 -32.47 -21.74
C ALA G 13 3.02 -31.98 -22.43
N THR G 14 2.20 -32.90 -22.93
CA THR G 14 1.01 -32.55 -23.70
C THR G 14 -0.25 -32.90 -22.92
N GLU G 15 -1.24 -32.00 -22.99
CA GLU G 15 -2.55 -32.19 -22.38
C GLU G 15 -3.08 -33.59 -22.68
N GLY G 16 -3.61 -34.27 -21.66
CA GLY G 16 -4.05 -35.64 -21.78
C GLY G 16 -3.01 -36.70 -21.42
N ALA G 17 -1.74 -36.46 -21.73
CA ALA G 17 -0.68 -37.44 -21.53
C ALA G 17 -0.34 -37.57 -20.03
N ILE G 18 0.77 -38.24 -19.72
CA ILE G 18 1.17 -38.55 -18.36
C ILE G 18 2.54 -37.95 -18.11
N VAL G 19 2.74 -37.41 -16.91
CA VAL G 19 3.99 -36.73 -16.55
C VAL G 19 4.46 -37.26 -15.19
N GLN G 20 5.78 -37.43 -15.05
CA GLN G 20 6.38 -38.02 -13.85
C GLN G 20 7.51 -37.13 -13.37
N ILE G 21 7.42 -36.63 -12.13
CA ILE G 21 8.27 -35.55 -11.63
C ILE G 21 9.23 -36.08 -10.55
N ASN G 22 10.53 -36.06 -10.84
CA ASN G 22 11.53 -36.71 -9.98
C ASN G 22 12.02 -35.80 -8.86
N CYS G 23 12.39 -36.40 -7.75
CA CYS G 23 12.94 -35.65 -6.62
C CYS G 23 13.94 -36.51 -5.86
N THR G 24 15.21 -36.15 -5.86
CA THR G 24 16.24 -36.97 -5.23
C THR G 24 16.95 -36.19 -4.13
N TYR G 25 17.01 -36.77 -2.93
CA TYR G 25 17.47 -36.06 -1.75
C TYR G 25 18.62 -36.78 -1.07
N GLN G 26 19.57 -36.01 -0.53
CA GLN G 26 20.59 -36.47 0.40
C GLN G 26 20.30 -35.81 1.74
N THR G 27 19.70 -36.54 2.69
CA THR G 27 19.38 -35.94 3.98
C THR G 27 20.02 -36.68 5.14
N SER G 28 20.09 -35.97 6.27
CA SER G 28 20.60 -36.49 7.53
C SER G 28 19.42 -37.04 8.31
N GLY G 29 19.14 -38.33 8.10
CA GLY G 29 17.89 -38.91 8.56
C GLY G 29 16.76 -38.68 7.56
N PHE G 30 15.61 -39.25 7.90
CA PHE G 30 14.43 -39.21 7.04
C PHE G 30 13.20 -39.44 7.91
N ASN G 31 12.25 -38.50 7.90
CA ASN G 31 10.98 -38.66 8.61
C ASN G 31 9.75 -38.46 7.71
N GLY G 32 9.94 -38.31 6.41
CA GLY G 32 8.84 -38.17 5.45
C GLY G 32 9.14 -37.23 4.30
N LEU G 33 8.46 -37.47 3.18
CA LEU G 33 8.66 -36.71 1.95
C LEU G 33 7.31 -36.21 1.47
N PHE G 34 7.20 -34.89 1.33
CA PHE G 34 5.95 -34.24 0.95
C PHE G 34 6.02 -33.79 -0.51
N TRP G 35 4.85 -33.60 -1.12
CA TRP G 35 4.76 -32.87 -2.38
C TRP G 35 3.88 -31.63 -2.22
N TYR G 36 4.30 -30.50 -2.79
CA TYR G 36 3.52 -29.27 -2.79
C TYR G 36 3.31 -28.74 -4.21
N GLN G 37 2.07 -28.37 -4.51
CA GLN G 37 1.69 -27.70 -5.76
C GLN G 37 1.55 -26.22 -5.46
N GLN G 38 2.24 -25.38 -6.21
CA GLN G 38 2.19 -23.93 -6.00
C GLN G 38 1.87 -23.24 -7.34
N HIS G 39 0.62 -22.81 -7.49
CA HIS G 39 0.20 -22.10 -8.69
C HIS G 39 0.86 -20.74 -8.77
N ALA G 40 1.23 -20.35 -9.99
CA ALA G 40 1.96 -19.10 -10.20
C ALA G 40 1.24 -17.96 -9.51
N GLY G 41 1.94 -17.33 -8.57
CA GLY G 41 1.41 -16.21 -7.84
C GLY G 41 0.51 -16.57 -6.68
N GLU G 42 0.28 -17.84 -6.45
CA GLU G 42 -0.50 -18.27 -5.31
C GLU G 42 0.40 -19.01 -4.33
N ALA G 43 -0.19 -19.52 -3.31
CA ALA G 43 0.46 -20.19 -2.19
C ALA G 43 0.60 -21.69 -2.43
N PRO G 44 1.64 -22.33 -1.87
CA PRO G 44 1.78 -23.79 -2.03
C PRO G 44 0.69 -24.54 -1.29
N THR G 45 0.34 -25.72 -1.81
CA THR G 45 -0.61 -26.57 -1.11
C THR G 45 -0.16 -28.03 -1.10
N PHE G 46 -0.69 -28.75 -0.11
CA PHE G 46 -0.25 -30.11 0.21
C PHE G 46 -0.76 -31.09 -0.84
N LEU G 47 0.15 -31.85 -1.43
CA LEU G 47 -0.24 -32.86 -2.39
C LEU G 47 -0.32 -34.25 -1.76
N SER G 48 0.77 -34.72 -1.16
CA SER G 48 0.81 -36.10 -0.66
C SER G 48 1.94 -36.24 0.36
N TYR G 49 1.91 -37.37 1.06
CA TYR G 49 2.90 -37.75 2.07
C TYR G 49 3.40 -39.17 1.79
N ASN G 50 4.74 -39.34 1.74
CA ASN G 50 5.40 -40.64 1.57
C ASN G 50 6.49 -40.81 2.63
N VAL G 51 6.39 -41.87 3.43
CA VAL G 51 7.43 -42.13 4.42
C VAL G 51 7.99 -43.56 4.32
N LEU G 52 7.18 -44.51 3.86
CA LEU G 52 7.67 -45.85 3.58
C LEU G 52 7.68 -46.12 2.08
N ASP G 53 8.44 -47.14 1.71
CA ASP G 53 8.58 -47.49 0.30
C ASP G 53 7.22 -47.81 -0.32
N GLY G 54 7.16 -47.70 -1.64
CA GLY G 54 5.97 -48.01 -2.40
C GLY G 54 5.36 -46.78 -3.04
N LEU G 55 4.17 -46.99 -3.59
CA LEU G 55 3.43 -45.98 -4.33
C LEU G 55 2.06 -45.81 -3.69
N GLU G 56 1.53 -44.60 -3.75
CA GLU G 56 0.26 -44.29 -3.09
C GLU G 56 -0.56 -43.35 -3.97
N GLU G 57 -1.73 -43.82 -4.43
CA GLU G 57 -2.66 -43.10 -5.30
C GLU G 57 -3.59 -42.21 -4.52
N LYS G 58 -3.94 -41.06 -5.13
CA LYS G 58 -4.89 -40.11 -4.54
C LYS G 58 -5.61 -39.42 -5.69
N GLY G 59 -6.76 -39.95 -6.10
CA GLY G 59 -7.44 -39.44 -7.28
C GLY G 59 -6.61 -39.59 -8.54
N ARG G 60 -6.41 -38.46 -9.23
CA ARG G 60 -5.63 -38.44 -10.47
C ARG G 60 -4.13 -38.57 -10.21
N PHE G 61 -3.68 -38.15 -9.03
CA PHE G 61 -2.26 -38.04 -8.71
C PHE G 61 -1.82 -39.25 -7.91
N SER G 62 -0.52 -39.55 -8.01
CA SER G 62 0.13 -40.65 -7.30
C SER G 62 1.59 -40.25 -7.05
N SER G 63 2.08 -40.59 -5.86
CA SER G 63 3.46 -40.29 -5.49
C SER G 63 4.08 -41.56 -4.92
N PHE G 64 5.33 -41.83 -5.30
CA PHE G 64 6.05 -43.04 -4.92
C PHE G 64 7.36 -42.71 -4.20
N LEU G 65 7.81 -43.62 -3.33
CA LEU G 65 9.06 -43.44 -2.60
C LEU G 65 9.86 -44.74 -2.57
N SER G 66 11.19 -44.59 -2.70
CA SER G 66 12.16 -45.66 -2.38
C SER G 66 13.25 -45.09 -1.47
N ARG G 67 13.17 -45.40 -0.17
CA ARG G 67 14.21 -44.94 0.77
C ARG G 67 15.59 -45.51 0.39
N SER G 68 15.62 -46.74 -0.14
CA SER G 68 16.89 -47.39 -0.49
C SER G 68 17.71 -46.57 -1.48
N LYS G 69 17.05 -45.75 -2.32
CA LYS G 69 17.68 -44.95 -3.37
C LYS G 69 17.51 -43.43 -3.22
N GLY G 70 16.83 -42.95 -2.18
CA GLY G 70 16.60 -41.53 -1.97
C GLY G 70 15.72 -40.84 -2.98
N TYR G 71 14.74 -41.55 -3.52
CA TYR G 71 14.07 -41.08 -4.72
C TYR G 71 12.56 -41.16 -4.54
N SER G 72 11.90 -40.06 -4.87
CA SER G 72 10.45 -40.02 -4.94
C SER G 72 10.07 -39.35 -6.25
N TYR G 73 9.09 -39.92 -6.94
CA TYR G 73 8.51 -39.24 -8.08
C TYR G 73 7.04 -39.00 -7.80
N LEU G 74 6.49 -37.98 -8.49
CA LEU G 74 5.08 -37.60 -8.40
C LEU G 74 4.44 -37.83 -9.75
N LEU G 75 3.34 -38.59 -9.77
CA LEU G 75 2.68 -39.01 -11.02
C LEU G 75 1.32 -38.32 -11.17
N LEU G 76 1.15 -37.56 -12.24
CA LEU G 76 -0.15 -36.97 -12.57
C LEU G 76 -0.62 -37.58 -13.89
N LYS G 77 -1.76 -38.27 -13.84
CA LYS G 77 -2.33 -38.85 -15.04
C LYS G 77 -3.40 -37.93 -15.63
N GLU G 78 -3.67 -38.12 -16.92
CA GLU G 78 -4.76 -37.45 -17.62
C GLU G 78 -4.71 -35.92 -17.43
N LEU G 79 -3.64 -35.35 -17.98
CA LEU G 79 -3.24 -33.97 -17.72
C LEU G 79 -4.29 -32.97 -18.20
N GLN G 80 -4.78 -32.16 -17.28
CA GLN G 80 -5.63 -31.04 -17.59
C GLN G 80 -4.76 -29.78 -17.66
N MET G 81 -5.31 -28.72 -18.24
CA MET G 81 -4.54 -27.50 -18.31
C MET G 81 -4.27 -26.91 -16.92
N LYS G 82 -5.11 -27.21 -15.94
CA LYS G 82 -4.99 -26.59 -14.62
C LYS G 82 -3.84 -27.16 -13.82
N ASP G 83 -3.34 -28.34 -14.19
CA ASP G 83 -2.17 -28.97 -13.62
C ASP G 83 -0.88 -28.28 -14.03
N SER G 84 -1.03 -27.12 -14.64
CA SER G 84 0.09 -26.24 -14.97
C SER G 84 0.40 -25.43 -13.72
N ALA G 85 1.39 -25.88 -12.97
CA ALA G 85 1.80 -25.18 -11.76
C ALA G 85 3.28 -25.45 -11.55
N SER G 86 3.77 -25.14 -10.36
CA SER G 86 5.05 -25.63 -9.91
C SER G 86 4.84 -26.68 -8.81
N TYR G 87 5.66 -27.74 -8.85
CA TYR G 87 5.57 -28.87 -7.92
C TYR G 87 6.87 -28.97 -7.13
N LEU G 88 6.78 -28.77 -5.83
CA LEU G 88 7.93 -28.75 -4.92
C LEU G 88 7.94 -29.99 -4.02
N CYS G 89 9.11 -30.61 -3.87
CA CYS G 89 9.33 -31.75 -3.00
CA CYS G 89 9.26 -31.72 -2.96
C CYS G 89 9.98 -31.27 -1.70
N ALA G 90 9.55 -31.80 -0.55
CA ALA G 90 10.12 -31.42 0.76
C ALA G 90 10.27 -32.62 1.70
N VAL G 91 11.42 -32.71 2.41
CA VAL G 91 11.76 -33.89 3.21
C VAL G 91 12.00 -33.48 4.66
N LYS G 92 11.38 -34.20 5.60
CA LYS G 92 11.63 -33.95 7.02
C LYS G 92 12.85 -34.74 7.44
N ASP G 93 13.78 -34.07 8.13
CA ASP G 93 15.06 -34.70 8.44
C ASP G 93 14.99 -35.33 9.83
N SER G 94 16.14 -35.74 10.36
CA SER G 94 16.09 -36.41 11.66
C SER G 94 15.68 -35.45 12.78
N ASN G 95 15.86 -34.15 12.59
CA ASN G 95 15.43 -33.18 13.58
C ASN G 95 14.08 -32.58 13.25
N TYR G 96 13.35 -33.23 12.34
CA TYR G 96 12.03 -32.82 11.87
C TYR G 96 12.06 -31.39 11.32
N GLN G 97 13.01 -31.15 10.42
CA GLN G 97 13.13 -29.89 9.70
C GLN G 97 12.87 -30.14 8.22
N LEU G 98 12.27 -29.13 7.58
CA LEU G 98 11.84 -29.25 6.18
C LEU G 98 12.93 -28.75 5.26
N ILE G 99 13.26 -29.55 4.26
CA ILE G 99 14.27 -29.25 3.27
C ILE G 99 13.54 -29.26 1.93
N TRP G 100 13.61 -28.14 1.21
CA TRP G 100 12.77 -27.89 0.06
C TRP G 100 13.61 -27.93 -1.22
N GLY G 101 13.10 -28.64 -2.24
CA GLY G 101 13.64 -28.51 -3.57
C GLY G 101 13.34 -27.15 -4.18
N ALA G 102 14.10 -26.82 -5.23
CA ALA G 102 13.92 -25.53 -5.88
C ALA G 102 12.65 -25.48 -6.71
N GLY G 103 12.06 -26.63 -7.01
CA GLY G 103 10.76 -26.64 -7.62
C GLY G 103 10.84 -27.20 -9.01
N THR G 104 9.76 -27.82 -9.46
CA THR G 104 9.63 -28.27 -10.82
C THR G 104 8.42 -27.57 -11.39
N LYS G 105 8.60 -26.91 -12.54
CA LYS G 105 7.57 -26.10 -13.18
C LYS G 105 6.90 -26.93 -14.27
N LEU G 106 5.63 -27.27 -14.08
CA LEU G 106 4.93 -28.08 -15.05
C LEU G 106 4.23 -27.18 -16.06
N ILE G 107 4.47 -27.44 -17.35
CA ILE G 107 3.92 -26.64 -18.45
C ILE G 107 3.15 -27.56 -19.40
N ILE G 108 1.87 -27.28 -19.60
CA ILE G 108 0.98 -28.18 -20.34
C ILE G 108 0.68 -27.57 -21.71
N LYS G 109 1.27 -28.11 -22.77
CA LYS G 109 0.87 -27.73 -24.14
C LYS G 109 -0.56 -28.18 -24.44
N PRO G 110 -1.47 -27.27 -24.77
CA PRO G 110 -2.89 -27.67 -24.97
C PRO G 110 -3.10 -28.50 -26.22
N ASP G 111 -4.21 -29.25 -26.23
CA ASP G 111 -4.54 -30.08 -27.40
C ASP G 111 -5.50 -29.29 -28.25
N ILE G 112 -4.97 -28.73 -29.34
CA ILE G 112 -5.71 -27.82 -30.21
C ILE G 112 -6.29 -28.64 -31.37
N GLN G 113 -7.61 -28.85 -31.38
CA GLN G 113 -8.18 -29.78 -32.35
C GLN G 113 -8.21 -29.22 -33.77
N ASN G 114 -8.40 -27.91 -33.95
CA ASN G 114 -8.52 -27.31 -35.28
C ASN G 114 -7.61 -26.10 -35.46
N PRO G 115 -6.35 -26.31 -35.84
CA PRO G 115 -5.41 -25.19 -35.97
C PRO G 115 -5.80 -24.24 -37.10
N ASP G 116 -5.79 -22.93 -36.80
CA ASP G 116 -6.04 -21.89 -37.79
C ASP G 116 -5.13 -20.68 -37.56
N PRO G 117 -3.81 -20.86 -37.63
CA PRO G 117 -2.89 -19.78 -37.28
C PRO G 117 -3.11 -18.53 -38.11
N ALA G 118 -2.98 -17.38 -37.46
CA ALA G 118 -3.26 -16.12 -38.11
C ALA G 118 -2.59 -14.98 -37.35
N VAL G 119 -2.44 -13.86 -38.03
CA VAL G 119 -1.84 -12.64 -37.46
C VAL G 119 -2.79 -11.48 -37.75
N TYR G 120 -3.49 -11.00 -36.72
CA TYR G 120 -4.51 -9.97 -36.84
C TYR G 120 -4.03 -8.66 -36.25
N GLN G 121 -4.16 -7.57 -37.02
CA GLN G 121 -3.94 -6.20 -36.53
C GLN G 121 -5.16 -5.74 -35.74
N LEU G 122 -4.96 -5.26 -34.53
CA LEU G 122 -6.14 -4.90 -33.75
C LEU G 122 -6.45 -3.41 -33.94
N ARG G 123 -7.56 -2.97 -33.34
CA ARG G 123 -8.04 -1.61 -33.62
C ARG G 123 -7.35 -0.62 -32.71
N ASP G 124 -6.56 0.26 -33.33
CA ASP G 124 -5.77 1.26 -32.62
C ASP G 124 -6.61 2.02 -31.59
N SER G 125 -5.95 2.47 -30.53
CA SER G 125 -6.60 3.18 -29.44
C SER G 125 -6.56 4.68 -29.70
N LYS G 126 -7.59 5.39 -29.25
CA LYS G 126 -7.46 6.84 -29.30
C LYS G 126 -6.59 7.36 -28.15
N SER G 127 -6.01 6.46 -27.32
CA SER G 127 -5.13 6.90 -26.24
C SER G 127 -3.81 6.13 -26.23
N SER G 128 -3.32 5.67 -27.37
CA SER G 128 -1.99 5.08 -27.40
C SER G 128 -1.31 5.42 -28.72
N ASP G 129 0.01 5.40 -28.70
CA ASP G 129 0.79 5.43 -29.92
C ASP G 129 1.07 4.04 -30.46
N LYS G 130 0.88 3.00 -29.65
CA LYS G 130 1.22 1.66 -30.04
C LYS G 130 0.23 1.09 -31.05
N SER G 131 0.73 0.31 -32.00
CA SER G 131 -0.07 -0.65 -32.74
C SER G 131 0.19 -2.03 -32.18
N VAL G 132 -0.82 -2.90 -32.25
CA VAL G 132 -0.84 -4.19 -31.54
C VAL G 132 -1.20 -5.29 -32.54
N CYS G 133 -0.22 -6.17 -32.82
CA CYS G 133 -0.44 -7.32 -33.70
C CYS G 133 -0.62 -8.57 -32.85
N LEU G 134 -1.63 -9.37 -33.18
CA LEU G 134 -1.93 -10.63 -32.48
C LEU G 134 -1.60 -11.80 -33.39
N PHE G 135 -0.87 -12.78 -32.85
CA PHE G 135 -0.58 -14.06 -33.54
C PHE G 135 -1.33 -15.14 -32.78
N THR G 136 -2.40 -15.68 -33.38
CA THR G 136 -3.31 -16.54 -32.64
C THR G 136 -3.68 -17.79 -33.42
N ASP G 137 -4.35 -18.69 -32.69
CA ASP G 137 -4.94 -19.91 -33.24
C ASP G 137 -3.89 -20.83 -33.87
N PHE G 138 -2.73 -20.97 -33.22
CA PHE G 138 -1.72 -21.87 -33.74
C PHE G 138 -1.54 -23.08 -32.83
N ASP G 139 -1.00 -24.15 -33.40
CA ASP G 139 -0.74 -25.36 -32.63
C ASP G 139 0.38 -25.13 -31.61
N SER G 140 0.32 -25.92 -30.52
CA SER G 140 1.29 -25.72 -29.46
C SER G 140 2.73 -26.04 -29.88
N GLN G 141 2.93 -26.58 -31.08
CA GLN G 141 4.27 -26.94 -31.53
C GLN G 141 5.13 -25.74 -31.91
N THR G 142 4.54 -24.57 -32.18
CA THR G 142 5.29 -23.42 -32.68
C THR G 142 5.95 -22.64 -31.54
N ASN G 143 7.14 -22.12 -31.79
CA ASN G 143 7.85 -21.29 -30.82
C ASN G 143 7.65 -19.80 -31.14
N VAL G 144 7.33 -19.02 -30.10
CA VAL G 144 7.27 -17.57 -30.16
C VAL G 144 8.54 -17.01 -29.53
N SER G 145 9.28 -16.19 -30.27
CA SER G 145 10.57 -15.72 -29.82
C SER G 145 10.56 -14.23 -29.50
N GLN G 146 11.57 -13.82 -28.72
CA GLN G 146 11.80 -12.42 -28.40
C GLN G 146 12.08 -11.62 -29.67
N SER G 147 11.73 -10.35 -29.63
CA SER G 147 11.90 -9.48 -30.80
CA SER G 147 11.91 -9.52 -30.82
C SER G 147 13.36 -9.08 -30.96
N LYS G 148 13.88 -9.20 -32.17
CA LYS G 148 15.24 -8.74 -32.44
C LYS G 148 15.34 -7.21 -32.36
N ASP G 149 14.29 -6.51 -32.82
CA ASP G 149 14.22 -5.04 -32.79
C ASP G 149 14.03 -4.54 -31.37
N SER G 150 14.85 -3.58 -30.97
CA SER G 150 14.78 -3.08 -29.60
C SER G 150 13.49 -2.33 -29.28
N ASP G 151 12.67 -1.96 -30.28
CA ASP G 151 11.45 -1.19 -30.05
C ASP G 151 10.16 -1.91 -30.44
N VAL G 152 10.23 -3.18 -30.85
CA VAL G 152 9.08 -4.06 -30.95
C VAL G 152 9.10 -4.94 -29.70
N TYR G 153 7.96 -5.11 -29.06
CA TYR G 153 7.86 -5.97 -27.88
C TYR G 153 6.89 -7.11 -28.16
N ILE G 154 7.29 -8.32 -27.73
CA ILE G 154 6.56 -9.56 -27.98
C ILE G 154 6.51 -10.36 -26.68
N THR G 155 5.31 -10.78 -26.29
CA THR G 155 5.08 -11.58 -25.11
C THR G 155 4.99 -13.06 -25.48
N ASP G 156 5.33 -13.93 -24.52
CA ASP G 156 5.32 -15.35 -24.78
C ASP G 156 3.88 -15.86 -24.94
N LYS G 157 3.77 -17.06 -25.50
CA LYS G 157 2.47 -17.59 -25.90
C LYS G 157 1.64 -17.95 -24.68
N CYS G 158 0.33 -17.77 -24.82
CA CYS G 158 -0.65 -17.89 -23.74
CA CYS G 158 -0.62 -17.94 -23.74
C CYS G 158 -1.80 -18.76 -24.23
N VAL G 159 -2.35 -19.58 -23.34
CA VAL G 159 -3.52 -20.41 -23.67
C VAL G 159 -4.73 -19.86 -22.94
N LEU G 160 -5.74 -19.44 -23.68
CA LEU G 160 -6.99 -19.02 -23.10
C LEU G 160 -8.06 -20.07 -23.37
N ASP G 161 -9.13 -20.04 -22.58
CA ASP G 161 -10.16 -21.08 -22.65
C ASP G 161 -11.54 -20.43 -22.76
N MET G 162 -12.11 -20.44 -23.95
CA MET G 162 -13.50 -20.01 -24.02
C MET G 162 -14.31 -21.17 -23.47
N ARG G 163 -14.65 -21.06 -22.18
CA ARG G 163 -15.28 -22.17 -21.47
C ARG G 163 -16.66 -22.47 -22.05
N SER G 164 -17.42 -21.44 -22.39
CA SER G 164 -18.76 -21.63 -22.92
C SER G 164 -18.72 -22.35 -24.27
N MET G 165 -17.73 -22.03 -25.10
CA MET G 165 -17.50 -22.63 -26.42
C MET G 165 -16.60 -23.86 -26.38
N ASP G 166 -16.20 -24.32 -25.19
CA ASP G 166 -15.31 -25.48 -25.00
C ASP G 166 -14.14 -25.45 -25.98
N PHE G 167 -13.49 -24.30 -26.02
CA PHE G 167 -12.54 -23.99 -27.07
C PHE G 167 -11.31 -23.38 -26.42
N LYS G 168 -10.14 -23.93 -26.74
CA LYS G 168 -8.86 -23.38 -26.31
C LYS G 168 -8.13 -22.82 -27.51
N SER G 169 -7.25 -21.86 -27.24
CA SER G 169 -6.37 -21.37 -28.30
C SER G 169 -5.14 -20.73 -27.68
N ASN G 170 -4.10 -20.55 -28.51
CA ASN G 170 -2.86 -19.86 -28.20
C ASN G 170 -2.92 -18.41 -28.66
N SER G 171 -1.97 -17.61 -28.16
CA SER G 171 -1.83 -16.20 -28.57
C SER G 171 -0.52 -15.57 -28.10
N ALA G 172 0.22 -14.94 -29.02
CA ALA G 172 1.36 -14.08 -28.70
C ALA G 172 1.08 -12.68 -29.23
N VAL G 173 1.35 -11.66 -28.41
CA VAL G 173 1.00 -10.27 -28.70
C VAL G 173 2.28 -9.49 -28.99
N ALA G 174 2.25 -8.64 -30.02
CA ALA G 174 3.37 -7.77 -30.37
C ALA G 174 2.90 -6.34 -30.58
N TRP G 175 3.62 -5.38 -29.99
CA TRP G 175 3.25 -3.98 -30.06
C TRP G 175 4.51 -3.13 -30.16
N SER G 176 4.32 -1.90 -30.60
CA SER G 176 5.43 -0.98 -30.89
C SER G 176 4.84 0.38 -31.29
N ASN G 177 5.60 1.46 -31.03
CA ASN G 177 5.23 2.77 -31.53
C ASN G 177 6.05 3.19 -32.75
N LYS G 178 6.87 2.30 -33.30
CA LYS G 178 7.62 2.64 -34.49
C LYS G 178 6.68 2.86 -35.67
N SER G 179 7.06 3.77 -36.57
CA SER G 179 6.23 4.03 -37.75
C SER G 179 6.20 2.84 -38.69
N ASP G 180 7.37 2.25 -38.97
CA ASP G 180 7.49 1.20 -39.98
C ASP G 180 6.73 -0.07 -39.58
N PHE G 181 6.76 -0.41 -38.29
CA PHE G 181 6.23 -1.65 -37.74
C PHE G 181 4.92 -2.05 -38.39
N ALA G 182 4.82 -3.33 -38.78
CA ALA G 182 3.60 -3.86 -39.38
C ALA G 182 3.48 -5.33 -39.00
N CYS G 183 2.24 -5.83 -39.02
CA CYS G 183 2.00 -7.22 -38.64
C CYS G 183 2.73 -8.21 -39.55
N ALA G 184 2.87 -7.90 -40.84
CA ALA G 184 3.54 -8.82 -41.76
C ALA G 184 5.03 -8.99 -41.43
N ASN G 185 5.54 -8.24 -40.46
CA ASN G 185 6.93 -8.33 -40.02
C ASN G 185 7.08 -8.47 -38.52
N ALA G 186 5.99 -8.49 -37.75
CA ALA G 186 6.08 -8.50 -36.29
C ALA G 186 6.62 -9.83 -35.74
N PHE G 187 6.58 -10.92 -36.52
CA PHE G 187 6.96 -12.25 -36.05
C PHE G 187 7.95 -12.93 -37.00
N ASN G 188 8.71 -12.15 -37.78
CA ASN G 188 9.84 -12.69 -38.54
C ASN G 188 10.88 -13.30 -37.64
N ASN G 189 10.92 -12.89 -36.36
CA ASN G 189 11.79 -13.53 -35.38
C ASN G 189 11.39 -14.98 -35.12
N SER G 190 10.17 -15.36 -35.48
CA SER G 190 9.59 -16.64 -35.10
C SER G 190 9.40 -17.54 -36.30
N ILE G 191 9.66 -18.84 -36.10
CA ILE G 191 9.30 -19.87 -37.07
C ILE G 191 7.80 -20.08 -36.91
N ILE G 192 7.01 -19.47 -37.79
CA ILE G 192 5.56 -19.55 -37.74
C ILE G 192 5.11 -20.55 -38.81
N PRO G 193 3.88 -21.08 -38.77
CA PRO G 193 3.45 -22.06 -39.79
C PRO G 193 3.60 -21.53 -41.21
N GLU G 194 3.75 -22.45 -42.16
CA GLU G 194 3.77 -22.02 -43.56
C GLU G 194 2.42 -21.42 -43.95
N ASP G 195 1.33 -21.94 -43.38
CA ASP G 195 -0.04 -21.62 -43.79
C ASP G 195 -0.71 -20.57 -42.90
N THR G 196 0.06 -19.70 -42.25
CA THR G 196 -0.51 -18.71 -41.36
C THR G 196 -1.26 -17.66 -42.17
N PHE G 197 -2.44 -17.27 -41.68
CA PHE G 197 -3.27 -16.23 -42.29
C PHE G 197 -2.66 -14.86 -42.05
N PHE G 198 -2.37 -14.13 -43.14
CA PHE G 198 -1.99 -12.71 -43.09
C PHE G 198 -3.03 -11.90 -43.85
N PRO G 199 -4.08 -11.42 -43.19
CA PRO G 199 -5.12 -10.66 -43.91
C PRO G 199 -4.58 -9.39 -44.58
N SER G 200 -5.25 -8.99 -45.68
CA SER G 200 -4.84 -7.81 -46.44
CA SER G 200 -4.84 -7.81 -46.44
C SER G 200 -5.15 -6.52 -45.69
N PRO G 201 -4.16 -5.63 -45.47
CA PRO G 201 -4.44 -4.31 -44.90
C PRO G 201 -4.92 -3.32 -45.99
N ALA H 3 -10.78 -17.22 7.66
CA ALA H 3 -10.65 -18.66 7.57
C ALA H 3 -9.32 -19.02 6.92
N GLY H 4 -8.63 -19.98 7.51
CA GLY H 4 -7.30 -20.35 7.06
C GLY H 4 -6.25 -19.44 7.66
N VAL H 5 -5.28 -19.03 6.86
CA VAL H 5 -4.16 -18.22 7.32
C VAL H 5 -4.14 -16.93 6.52
N THR H 6 -4.19 -15.81 7.23
CA THR H 6 -4.29 -14.49 6.62
C THR H 6 -3.05 -13.68 6.95
N GLN H 7 -2.32 -13.28 5.92
CA GLN H 7 -1.13 -12.44 6.09
C GLN H 7 -1.26 -11.15 5.30
N THR H 8 -0.69 -10.08 5.83
CA THR H 8 -0.82 -8.75 5.25
C THR H 8 0.49 -8.00 5.50
N PRO H 9 0.88 -7.06 4.62
CA PRO H 9 0.18 -6.73 3.37
C PRO H 9 0.47 -7.72 2.21
N LYS H 10 -0.28 -7.61 1.13
CA LYS H 10 0.00 -8.44 -0.04
C LYS H 10 1.20 -7.90 -0.81
N PHE H 11 1.33 -6.58 -0.91
CA PHE H 11 2.44 -5.98 -1.64
C PHE H 11 3.06 -4.86 -0.84
N GLN H 12 4.36 -4.64 -1.08
CA GLN H 12 5.04 -3.51 -0.45
C GLN H 12 6.36 -3.17 -1.13
N VAL H 13 6.50 -1.91 -1.54
CA VAL H 13 7.76 -1.35 -2.01
C VAL H 13 8.38 -0.54 -0.87
N LEU H 14 9.69 -0.68 -0.68
CA LEU H 14 10.35 -0.07 0.46
C LEU H 14 11.66 0.57 0.02
N LYS H 15 12.04 1.61 0.73
CA LYS H 15 13.32 2.27 0.49
C LYS H 15 14.39 1.53 1.26
N THR H 16 15.63 1.58 0.74
CA THR H 16 16.76 1.07 1.52
C THR H 16 16.76 1.77 2.88
N GLY H 17 16.84 0.97 3.94
CA GLY H 17 16.90 1.51 5.28
C GLY H 17 15.59 1.59 6.02
N GLN H 18 14.49 1.20 5.39
CA GLN H 18 13.15 1.31 5.97
C GLN H 18 12.80 0.09 6.84
N SER H 19 11.87 0.31 7.77
CA SER H 19 11.34 -0.76 8.61
C SER H 19 10.00 -1.24 8.07
N MET H 20 9.50 -2.33 8.62
CA MET H 20 8.33 -2.99 8.07
CA MET H 20 8.32 -2.98 8.08
C MET H 20 7.89 -4.12 9.00
N THR H 21 6.57 -4.28 9.17
CA THR H 21 6.03 -5.39 9.96
C THR H 21 4.91 -6.10 9.21
N LEU H 22 5.03 -7.43 9.10
CA LEU H 22 4.10 -8.24 8.30
C LEU H 22 3.21 -9.04 9.24
N GLN H 23 1.91 -8.80 9.19
CA GLN H 23 0.98 -9.57 10.01
C GLN H 23 0.79 -10.97 9.45
N CYS H 24 0.34 -11.88 10.32
CA CYS H 24 -0.06 -13.23 9.94
C CYS H 24 -0.92 -13.82 11.06
N ALA H 25 -2.17 -14.11 10.80
CA ALA H 25 -3.04 -14.69 11.82
C ALA H 25 -3.58 -16.02 11.31
N GLN H 26 -3.92 -16.90 12.24
CA GLN H 26 -4.48 -18.17 11.82
C GLN H 26 -5.67 -18.49 12.70
N ASP H 27 -6.78 -18.88 12.07
CA ASP H 27 -8.04 -19.15 12.76
C ASP H 27 -8.39 -20.63 12.81
N MET H 28 -7.38 -21.50 12.78
CA MET H 28 -7.58 -22.95 12.81
CA MET H 28 -7.61 -22.94 12.82
C MET H 28 -7.19 -23.58 14.14
N ASN H 29 -6.66 -22.82 15.10
CA ASN H 29 -6.19 -23.32 16.39
C ASN H 29 -4.96 -24.21 16.22
N HIS H 30 -4.05 -23.77 15.36
CA HIS H 30 -2.78 -24.46 15.28
C HIS H 30 -1.91 -24.01 16.44
N ASN H 31 -0.76 -24.66 16.56
CA ASN H 31 0.22 -24.34 17.58
C ASN H 31 1.53 -23.89 16.99
N SER H 32 1.89 -24.39 15.81
CA SER H 32 3.11 -24.06 15.09
C SER H 32 2.84 -22.91 14.13
N MET H 33 3.81 -22.02 13.97
CA MET H 33 3.68 -20.99 12.93
C MET H 33 5.06 -20.65 12.41
N TYR H 34 5.13 -20.23 11.14
CA TYR H 34 6.37 -20.17 10.40
C TYR H 34 6.45 -18.92 9.56
N TRP H 35 7.64 -18.61 9.04
CA TRP H 35 7.83 -17.50 8.10
C TRP H 35 8.88 -17.89 7.09
N TYR H 36 8.46 -18.09 5.85
CA TYR H 36 9.32 -18.52 4.76
C TYR H 36 9.53 -17.39 3.77
N ARG H 37 10.71 -17.37 3.14
CA ARG H 37 10.98 -16.46 2.05
C ARG H 37 11.40 -17.27 0.83
N GLN H 38 10.96 -16.83 -0.35
CA GLN H 38 11.04 -17.62 -1.58
C GLN H 38 11.65 -16.80 -2.69
N ASP H 39 12.69 -17.35 -3.34
CA ASP H 39 13.48 -16.63 -4.32
C ASP H 39 13.76 -17.55 -5.50
N PRO H 40 13.83 -16.99 -6.72
CA PRO H 40 14.01 -17.83 -7.92
C PRO H 40 15.19 -18.76 -7.75
N GLY H 41 14.98 -20.01 -8.17
CA GLY H 41 16.05 -20.98 -8.16
C GLY H 41 16.28 -21.71 -6.85
N MET H 42 15.63 -21.32 -5.76
CA MET H 42 15.89 -22.02 -4.51
C MET H 42 14.60 -22.29 -3.77
N GLY H 43 14.64 -23.37 -2.96
CA GLY H 43 13.47 -23.74 -2.19
C GLY H 43 13.23 -22.81 -1.02
N LEU H 44 12.01 -22.92 -0.49
CA LEU H 44 11.56 -22.17 0.69
C LEU H 44 12.56 -22.26 1.85
N ARG H 45 13.16 -21.12 2.22
CA ARG H 45 14.08 -21.07 3.34
C ARG H 45 13.38 -20.42 4.53
N LEU H 46 13.52 -21.06 5.71
CA LEU H 46 12.86 -20.61 6.92
C LEU H 46 13.61 -19.44 7.55
N ILE H 47 12.89 -18.36 7.87
CA ILE H 47 13.49 -17.18 8.51
C ILE H 47 13.46 -17.32 10.03
N TYR H 48 12.27 -17.44 10.60
CA TYR H 48 12.06 -17.71 12.01
C TYR H 48 10.87 -18.66 12.12
N TYR H 49 10.77 -19.38 13.23
CA TYR H 49 9.60 -20.21 13.49
C TYR H 49 9.20 -20.11 14.96
N SER H 50 8.00 -20.59 15.23
CA SER H 50 7.37 -20.53 16.56
C SER H 50 6.66 -21.87 16.74
N ALA H 51 7.36 -22.82 17.35
CA ALA H 51 6.83 -24.18 17.42
C ALA H 51 5.56 -24.26 18.28
N SER H 52 5.42 -23.37 19.25
CA SER H 52 4.23 -23.35 20.08
CA SER H 52 4.20 -23.34 20.05
C SER H 52 4.01 -21.93 20.60
N GLU H 53 2.88 -21.72 21.28
CA GLU H 53 2.51 -20.42 21.82
C GLU H 53 3.32 -20.15 23.08
N GLY H 54 4.41 -19.38 22.92
CA GLY H 54 5.33 -19.10 24.00
C GLY H 54 6.80 -19.22 23.65
N THR H 55 7.11 -19.48 22.38
CA THR H 55 8.52 -19.59 21.98
C THR H 55 8.68 -19.29 20.50
N THR H 56 9.88 -18.82 20.14
CA THR H 56 10.32 -18.66 18.75
C THR H 56 11.75 -19.13 18.67
N ASP H 57 12.33 -19.07 17.47
CA ASP H 57 13.72 -19.46 17.28
C ASP H 57 14.10 -19.26 15.81
N LYS H 58 15.41 -19.12 15.57
CA LYS H 58 15.91 -18.79 14.24
C LYS H 58 15.81 -19.97 13.26
N GLY H 59 15.47 -19.65 12.03
CA GLY H 59 15.55 -20.61 10.96
C GLY H 59 16.89 -20.54 10.24
N GLU H 60 16.86 -20.83 8.94
CA GLU H 60 18.07 -20.82 8.14
C GLU H 60 18.71 -19.43 8.05
N VAL H 61 17.91 -18.37 8.04
CA VAL H 61 18.41 -17.06 7.60
C VAL H 61 17.77 -15.92 8.37
N PRO H 62 17.97 -15.80 9.69
CA PRO H 62 17.23 -14.79 10.44
C PRO H 62 17.84 -13.39 10.40
N ASN H 63 19.04 -13.23 9.87
CA ASN H 63 19.68 -11.92 9.98
C ASN H 63 18.97 -10.96 9.06
N GLY H 64 18.65 -9.79 9.59
CA GLY H 64 17.78 -8.83 8.94
C GLY H 64 16.36 -8.82 9.49
N TYR H 65 15.97 -9.88 10.18
CA TYR H 65 14.61 -10.04 10.65
C TYR H 65 14.56 -10.32 12.14
N ASN H 66 13.35 -10.18 12.66
CA ASN H 66 13.00 -10.62 14.00
C ASN H 66 11.50 -10.81 13.96
N VAL H 67 11.00 -11.64 14.87
CA VAL H 67 9.61 -12.07 14.86
C VAL H 67 9.01 -11.83 16.23
N SER H 68 7.71 -12.09 16.31
CA SER H 68 7.01 -12.07 17.59
CA SER H 68 7.00 -12.06 17.58
C SER H 68 5.74 -12.90 17.45
N ARG H 69 5.51 -13.76 18.43
CA ARG H 69 4.33 -14.63 18.53
C ARG H 69 3.46 -14.04 19.65
N LEU H 70 2.59 -13.09 19.26
CA LEU H 70 1.84 -12.31 20.24
C LEU H 70 0.78 -13.12 20.96
N ASN H 71 0.31 -14.21 20.37
CA ASN H 71 -0.71 -15.08 20.96
C ASN H 71 -0.71 -16.38 20.15
N LYS H 72 -1.71 -17.23 20.40
CA LYS H 72 -1.78 -18.49 19.68
C LYS H 72 -2.12 -18.30 18.20
N ARG H 73 -2.65 -17.14 17.81
CA ARG H 73 -3.13 -16.97 16.44
C ARG H 73 -2.26 -16.07 15.56
N GLU H 74 -1.42 -15.23 16.13
CA GLU H 74 -0.72 -14.23 15.36
C GLU H 74 0.78 -14.38 15.53
N PHE H 75 1.51 -14.31 14.42
CA PHE H 75 2.96 -14.52 14.39
C PHE H 75 3.49 -13.55 13.34
N SER H 76 3.98 -12.38 13.78
CA SER H 76 4.26 -11.28 12.86
C SER H 76 5.76 -11.08 12.70
N LEU H 77 6.17 -10.82 11.46
CA LEU H 77 7.58 -10.76 11.07
C LEU H 77 7.96 -9.30 10.81
N ARG H 78 9.08 -8.87 11.37
CA ARG H 78 9.55 -7.48 11.37
C ARG H 78 10.90 -7.38 10.69
N LEU H 79 10.97 -6.61 9.60
CA LEU H 79 12.24 -6.14 9.07
C LEU H 79 12.54 -4.78 9.72
N GLU H 80 13.79 -4.58 10.12
CA GLU H 80 14.11 -3.39 10.91
C GLU H 80 14.84 -2.32 10.09
N SER H 81 15.88 -2.72 9.38
CA SER H 81 16.52 -1.91 8.35
C SER H 81 16.52 -2.77 7.09
N ALA H 82 15.98 -2.22 6.00
CA ALA H 82 15.63 -3.00 4.82
C ALA H 82 16.69 -2.93 3.74
N ALA H 83 17.11 -4.09 3.24
CA ALA H 83 18.17 -4.19 2.26
C ALA H 83 17.62 -4.70 0.93
N PRO H 84 18.24 -4.31 -0.18
CA PRO H 84 17.80 -4.81 -1.49
C PRO H 84 17.90 -6.32 -1.65
N SER H 85 18.72 -7.00 -0.84
CA SER H 85 18.75 -8.46 -0.89
C SER H 85 17.55 -9.09 -0.18
N GLN H 86 16.80 -8.32 0.60
CA GLN H 86 15.54 -8.77 1.18
C GLN H 86 14.36 -8.65 0.20
N THR H 87 14.63 -8.30 -1.06
CA THR H 87 13.59 -8.38 -2.08
C THR H 87 13.20 -9.84 -2.25
N SER H 88 12.01 -10.22 -1.78
CA SER H 88 11.60 -11.61 -1.86
C SER H 88 10.08 -11.70 -1.82
N VAL H 89 9.55 -12.91 -1.89
CA VAL H 89 8.14 -13.18 -1.63
C VAL H 89 8.06 -13.90 -0.29
N TYR H 90 7.32 -13.34 0.67
CA TYR H 90 7.30 -13.88 2.04
C TYR H 90 5.99 -14.61 2.31
N PHE H 91 6.09 -15.88 2.65
CA PHE H 91 4.92 -16.67 3.03
C PHE H 91 4.94 -16.99 4.52
N CYS H 92 3.78 -16.94 5.15
CA CYS H 92 3.57 -17.42 6.51
CA CYS H 92 3.62 -17.45 6.50
C CYS H 92 2.82 -18.74 6.43
N ALA H 93 3.25 -19.73 7.23
CA ALA H 93 2.60 -21.04 7.22
C ALA H 93 2.28 -21.45 8.65
N SER H 94 1.47 -22.50 8.78
CA SER H 94 1.20 -23.03 10.12
C SER H 94 0.88 -24.52 10.05
N SER H 95 1.05 -25.18 11.19
CA SER H 95 0.72 -26.60 11.31
C SER H 95 0.18 -26.85 12.71
N VAL H 96 -0.57 -27.95 12.86
CA VAL H 96 -1.20 -28.25 14.14
C VAL H 96 -0.15 -28.38 15.24
N TRP H 97 0.93 -29.12 14.97
CA TRP H 97 2.05 -29.30 15.87
C TRP H 97 3.33 -29.39 15.05
N THR H 98 4.48 -29.17 15.69
CA THR H 98 5.75 -29.55 15.10
C THR H 98 6.17 -30.91 15.67
N GLY H 99 7.13 -31.52 14.99
CA GLY H 99 7.53 -32.89 15.33
C GLY H 99 6.70 -33.91 14.57
N GLU H 100 5.38 -33.71 14.52
CA GLU H 100 4.49 -34.61 13.79
C GLU H 100 5.00 -34.80 12.37
N GLY H 101 5.53 -36.00 12.10
CA GLY H 101 6.24 -36.23 10.86
C GLY H 101 5.35 -36.24 9.63
N SER H 102 4.06 -36.49 9.81
CA SER H 102 3.06 -36.44 8.76
C SER H 102 2.23 -35.18 8.74
N GLY H 103 2.52 -34.20 9.61
CA GLY H 103 1.74 -32.97 9.62
C GLY H 103 2.14 -32.06 8.46
N GLU H 104 1.14 -31.46 7.83
CA GLU H 104 1.39 -30.68 6.63
C GLU H 104 1.40 -29.20 6.95
N LEU H 105 1.94 -28.42 6.02
CA LEU H 105 2.02 -26.97 6.19
C LEU H 105 0.81 -26.30 5.55
N PHE H 106 0.31 -25.23 6.19
CA PHE H 106 -0.83 -24.43 5.70
C PHE H 106 -0.36 -23.01 5.46
N PHE H 107 -0.22 -22.64 4.19
CA PHE H 107 0.34 -21.37 3.78
C PHE H 107 -0.70 -20.27 3.64
N GLY H 108 -0.29 -19.03 3.99
CA GLY H 108 -1.02 -17.83 3.65
C GLY H 108 -0.70 -17.35 2.24
N GLU H 109 -1.40 -16.28 1.83
CA GLU H 109 -1.41 -15.86 0.42
C GLU H 109 -0.03 -15.39 -0.07
N GLY H 110 0.78 -14.79 0.79
CA GLY H 110 2.13 -14.39 0.43
C GLY H 110 2.29 -12.87 0.41
N SER H 111 3.56 -12.43 0.41
CA SER H 111 3.84 -11.00 0.35
C SER H 111 5.08 -10.73 -0.49
N ARG H 112 4.91 -9.94 -1.55
CA ARG H 112 6.03 -9.54 -2.38
C ARG H 112 6.56 -8.20 -1.88
N LEU H 113 7.79 -8.19 -1.40
CA LEU H 113 8.41 -6.97 -0.94
C LEU H 113 9.52 -6.64 -1.92
N THR H 114 9.59 -5.37 -2.34
CA THR H 114 10.68 -4.91 -3.19
C THR H 114 11.32 -3.72 -2.48
N VAL H 115 12.65 -3.75 -2.37
CA VAL H 115 13.40 -2.82 -1.52
C VAL H 115 14.41 -2.09 -2.40
N LEU H 116 14.14 -0.81 -2.67
CA LEU H 116 14.88 -0.01 -3.65
C LEU H 116 15.79 1.00 -2.96
N GLU H 117 16.92 1.31 -3.61
CA GLU H 117 17.77 2.37 -3.09
C GLU H 117 16.99 3.68 -2.96
N ASP H 118 16.30 4.07 -4.03
CA ASP H 118 15.49 5.26 -4.02
C ASP H 118 14.20 4.96 -4.73
N LEU H 119 13.20 5.84 -4.58
CA LEU H 119 11.89 5.61 -5.18
C LEU H 119 11.69 6.43 -6.45
N LYS H 120 12.75 6.91 -7.08
CA LYS H 120 12.66 7.74 -8.27
C LYS H 120 12.62 6.91 -9.58
N ASN H 121 12.37 5.60 -9.50
CA ASN H 121 12.03 4.82 -10.68
C ASN H 121 10.69 4.10 -10.52
N VAL H 122 9.95 4.37 -9.44
CA VAL H 122 8.63 3.78 -9.22
C VAL H 122 7.61 4.51 -10.09
N PHE H 123 6.93 3.76 -10.97
CA PHE H 123 5.96 4.24 -11.96
C PHE H 123 4.71 3.38 -11.95
N PRO H 124 3.52 3.97 -12.05
CA PRO H 124 2.33 3.18 -12.23
C PRO H 124 2.14 2.89 -13.70
N PRO H 125 1.31 1.91 -14.06
CA PRO H 125 1.24 1.51 -15.47
C PRO H 125 0.44 2.47 -16.32
N GLU H 126 0.78 2.50 -17.62
CA GLU H 126 -0.11 2.95 -18.68
C GLU H 126 -0.86 1.75 -19.23
N VAL H 127 -2.20 1.83 -19.25
CA VAL H 127 -3.10 0.76 -19.65
C VAL H 127 -3.85 1.22 -20.89
N ALA H 128 -3.99 0.33 -21.88
CA ALA H 128 -4.60 0.65 -23.17
C ALA H 128 -5.32 -0.58 -23.70
N VAL H 129 -6.65 -0.47 -23.91
CA VAL H 129 -7.44 -1.51 -24.58
C VAL H 129 -7.25 -1.44 -26.09
N PHE H 130 -7.31 -2.59 -26.79
CA PHE H 130 -7.26 -2.58 -28.24
C PHE H 130 -8.34 -3.48 -28.83
N GLU H 131 -9.31 -2.89 -29.53
CA GLU H 131 -10.52 -3.57 -29.98
C GLU H 131 -10.18 -4.66 -31.02
N PRO H 132 -11.08 -5.64 -31.20
CA PRO H 132 -10.79 -6.79 -32.09
C PRO H 132 -10.57 -6.42 -33.56
N SER H 133 -9.71 -7.21 -34.20
CA SER H 133 -9.54 -7.16 -35.64
C SER H 133 -10.76 -7.70 -36.32
N GLU H 134 -11.30 -6.95 -37.30
CA GLU H 134 -12.48 -7.44 -37.98
C GLU H 134 -12.15 -8.67 -38.81
N ALA H 135 -10.93 -8.73 -39.36
CA ALA H 135 -10.49 -9.91 -40.10
C ALA H 135 -10.67 -11.17 -39.26
N GLU H 136 -10.31 -11.08 -37.97
CA GLU H 136 -10.53 -12.17 -37.03
C GLU H 136 -12.00 -12.57 -36.96
N ILE H 137 -12.89 -11.58 -36.84
CA ILE H 137 -14.31 -11.86 -36.66
C ILE H 137 -14.92 -12.53 -37.90
N SER H 138 -14.55 -12.10 -39.09
CA SER H 138 -15.11 -12.75 -40.27
C SER H 138 -14.59 -14.18 -40.42
N HIS H 139 -13.38 -14.44 -39.96
CA HIS H 139 -12.66 -15.68 -40.22
C HIS H 139 -12.94 -16.75 -39.17
N THR H 140 -13.04 -16.36 -37.91
CA THR H 140 -13.22 -17.29 -36.81
C THR H 140 -14.56 -17.10 -36.11
N GLN H 141 -15.25 -16.00 -36.39
CA GLN H 141 -16.45 -15.64 -35.65
C GLN H 141 -16.15 -15.46 -34.17
N LYS H 142 -14.91 -15.12 -33.84
CA LYS H 142 -14.52 -14.81 -32.47
C LYS H 142 -13.85 -13.44 -32.49
N ALA H 143 -13.82 -12.81 -31.33
CA ALA H 143 -13.30 -11.45 -31.18
C ALA H 143 -12.34 -11.45 -29.99
N THR H 144 -11.11 -11.01 -30.22
CA THR H 144 -10.06 -10.97 -29.20
C THR H 144 -9.67 -9.51 -28.93
N LEU H 145 -9.88 -9.06 -27.68
CA LEU H 145 -9.40 -7.77 -27.20
C LEU H 145 -8.06 -7.98 -26.50
N VAL H 146 -7.09 -7.09 -26.76
CA VAL H 146 -5.78 -7.11 -26.11
C VAL H 146 -5.67 -5.91 -25.21
N CYS H 147 -5.23 -6.12 -23.97
CA CYS H 147 -4.96 -5.04 -23.02
C CYS H 147 -3.49 -5.02 -22.63
N LEU H 148 -2.93 -3.80 -22.60
CA LEU H 148 -1.49 -3.54 -22.47
C LEU H 148 -1.22 -2.63 -21.27
N ALA H 149 -0.53 -3.13 -20.24
CA ALA H 149 -0.10 -2.28 -19.11
C ALA H 149 1.41 -2.07 -19.19
N THR H 150 1.86 -0.84 -19.44
CA THR H 150 3.26 -0.63 -19.78
C THR H 150 3.90 0.47 -18.94
N GLY H 151 5.21 0.33 -18.72
CA GLY H 151 5.98 1.35 -18.05
C GLY H 151 5.90 1.34 -16.54
N PHE H 152 5.36 0.29 -15.94
CA PHE H 152 5.27 0.32 -14.49
C PHE H 152 6.53 -0.29 -13.87
N TYR H 153 6.72 0.01 -12.58
CA TYR H 153 7.85 -0.43 -11.80
C TYR H 153 7.54 -0.10 -10.34
N PRO H 154 7.71 -1.05 -9.40
CA PRO H 154 8.08 -2.45 -9.57
C PRO H 154 6.92 -3.32 -10.06
N ASP H 155 7.16 -4.62 -10.25
CA ASP H 155 6.09 -5.51 -10.67
C ASP H 155 5.18 -5.78 -9.46
N HIS H 156 4.29 -4.82 -9.19
CA HIS H 156 3.26 -4.98 -8.16
C HIS H 156 1.94 -4.71 -8.82
N VAL H 157 1.38 -5.66 -9.57
CA VAL H 157 0.19 -5.34 -10.36
C VAL H 157 -0.77 -6.52 -10.43
N GLU H 158 -2.06 -6.19 -10.58
CA GLU H 158 -3.13 -7.18 -10.71
C GLU H 158 -4.06 -6.69 -11.81
N LEU H 159 -4.01 -7.38 -12.94
CA LEU H 159 -4.75 -7.01 -14.14
C LEU H 159 -5.96 -7.91 -14.26
N SER H 160 -7.14 -7.31 -14.33
CA SER H 160 -8.38 -8.07 -14.46
C SER H 160 -9.23 -7.46 -15.59
N TRP H 161 -10.19 -8.26 -16.07
CA TRP H 161 -11.16 -7.83 -17.06
C TRP H 161 -12.54 -7.77 -16.44
N TRP H 162 -13.25 -6.67 -16.68
CA TRP H 162 -14.60 -6.48 -16.15
C TRP H 162 -15.57 -6.33 -17.31
N VAL H 163 -16.62 -7.14 -17.31
CA VAL H 163 -17.57 -7.15 -18.42
C VAL H 163 -18.93 -6.79 -17.85
N ASN H 164 -19.43 -5.62 -18.24
CA ASN H 164 -20.69 -5.10 -17.74
C ASN H 164 -20.70 -5.13 -16.21
N GLY H 165 -19.74 -4.41 -15.63
CA GLY H 165 -19.71 -4.16 -14.21
C GLY H 165 -19.49 -5.36 -13.33
N LYS H 166 -19.24 -6.54 -13.93
CA LYS H 166 -18.98 -7.79 -13.23
C LYS H 166 -17.66 -8.34 -13.72
N GLU H 167 -16.83 -8.87 -12.80
CA GLU H 167 -15.52 -9.39 -13.17
C GLU H 167 -15.69 -10.77 -13.79
N VAL H 168 -15.10 -10.98 -14.96
CA VAL H 168 -15.14 -12.28 -15.58
C VAL H 168 -13.74 -12.87 -15.56
N HIS H 169 -13.69 -14.20 -15.75
CA HIS H 169 -12.44 -14.96 -15.83
C HIS H 169 -12.40 -15.86 -17.05
N SER H 170 -13.55 -16.31 -17.53
CA SER H 170 -13.60 -17.13 -18.74
C SER H 170 -13.16 -16.36 -19.96
N GLY H 171 -12.33 -17.00 -20.77
CA GLY H 171 -11.80 -16.40 -21.95
C GLY H 171 -10.65 -15.46 -21.70
N VAL H 172 -10.27 -15.25 -20.42
CA VAL H 172 -9.17 -14.35 -20.08
C VAL H 172 -7.86 -15.10 -20.08
N CYS H 173 -6.84 -14.45 -20.63
CA CYS H 173 -5.48 -14.94 -20.45
CA CYS H 173 -5.47 -14.94 -20.52
C CYS H 173 -4.57 -13.74 -20.22
N THR H 174 -3.91 -13.73 -19.06
CA THR H 174 -2.95 -12.71 -18.66
C THR H 174 -1.58 -13.36 -18.58
N ASP H 175 -0.56 -12.59 -18.91
CA ASP H 175 0.75 -13.20 -19.04
C ASP H 175 1.31 -13.62 -17.68
N PRO H 176 1.91 -14.81 -17.59
CA PRO H 176 2.34 -15.33 -16.30
C PRO H 176 3.34 -14.40 -15.64
N GLN H 177 4.40 -14.13 -16.36
CA GLN H 177 5.44 -13.22 -15.91
C GLN H 177 5.42 -11.94 -16.74
N PRO H 178 5.84 -10.82 -16.15
CA PRO H 178 5.90 -9.56 -16.90
C PRO H 178 7.04 -9.52 -17.90
N LEU H 179 6.87 -8.69 -18.90
CA LEU H 179 7.94 -8.40 -19.84
C LEU H 179 8.72 -7.22 -19.28
N LYS H 180 9.98 -7.45 -18.88
CA LYS H 180 10.91 -6.34 -18.75
C LYS H 180 10.98 -5.61 -20.08
N GLU H 181 10.70 -4.30 -20.06
CA GLU H 181 10.75 -3.55 -21.30
C GLU H 181 12.17 -3.40 -21.81
N GLN H 182 13.09 -2.99 -20.94
CA GLN H 182 14.52 -2.99 -21.26
C GLN H 182 15.20 -4.10 -20.47
N PRO H 183 15.36 -5.29 -21.06
CA PRO H 183 15.72 -6.47 -20.25
C PRO H 183 17.12 -6.42 -19.65
N ALA H 184 17.98 -5.53 -20.11
CA ALA H 184 19.34 -5.48 -19.59
C ALA H 184 19.44 -4.58 -18.36
N LEU H 185 18.84 -3.39 -18.42
CA LEU H 185 18.92 -2.48 -17.29
C LEU H 185 18.24 -3.08 -16.07
N ASN H 186 18.91 -2.96 -14.92
CA ASN H 186 18.51 -3.63 -13.69
C ASN H 186 17.36 -2.93 -12.98
N ASP H 187 17.16 -1.65 -13.25
CA ASP H 187 16.03 -0.92 -12.69
C ASP H 187 14.85 -0.87 -13.65
N SER H 188 14.89 -1.66 -14.73
CA SER H 188 14.00 -1.48 -15.87
C SER H 188 12.54 -1.68 -15.51
N ARG H 189 11.69 -0.97 -16.24
CA ARG H 189 10.25 -1.00 -16.04
C ARG H 189 9.61 -2.14 -16.83
N TYR H 190 8.37 -2.47 -16.47
CA TYR H 190 7.73 -3.70 -16.91
C TYR H 190 6.51 -3.44 -17.81
N ALA H 191 6.36 -4.28 -18.82
CA ALA H 191 5.14 -4.35 -19.63
C ALA H 191 4.47 -5.71 -19.43
N LEU H 192 3.13 -5.69 -19.37
CA LEU H 192 2.30 -6.88 -19.22
C LEU H 192 1.24 -6.85 -20.30
N SER H 193 0.84 -8.02 -20.82
CA SER H 193 -0.22 -8.08 -21.82
C SER H 193 -1.33 -9.02 -21.33
N SER H 194 -2.55 -8.82 -21.85
CA SER H 194 -3.67 -9.71 -21.54
C SER H 194 -4.67 -9.76 -22.69
N ARG H 195 -5.52 -10.79 -22.68
CA ARG H 195 -6.41 -11.11 -23.81
C ARG H 195 -7.76 -11.54 -23.29
N LEU H 196 -8.82 -10.88 -23.75
CA LEU H 196 -10.18 -11.38 -23.58
C LEU H 196 -10.67 -11.78 -24.95
N ARG H 197 -11.23 -12.98 -25.05
CA ARG H 197 -11.78 -13.49 -26.30
C ARG H 197 -13.23 -13.86 -26.06
N VAL H 198 -14.13 -13.15 -26.72
CA VAL H 198 -15.54 -13.41 -26.63
C VAL H 198 -16.02 -13.95 -27.98
N SER H 199 -17.25 -14.42 -28.01
CA SER H 199 -17.81 -14.77 -29.30
C SER H 199 -18.00 -13.51 -30.16
N ALA H 200 -17.99 -13.68 -31.49
CA ALA H 200 -18.21 -12.53 -32.35
C ALA H 200 -19.58 -11.92 -32.12
N THR H 201 -20.59 -12.76 -31.85
CA THR H 201 -21.92 -12.23 -31.56
C THR H 201 -22.00 -11.56 -30.19
N PHE H 202 -21.01 -11.75 -29.32
CA PHE H 202 -21.02 -11.02 -28.06
C PHE H 202 -20.49 -9.62 -28.25
N TRP H 203 -19.33 -9.50 -28.89
CA TRP H 203 -18.72 -8.21 -29.13
C TRP H 203 -19.51 -7.36 -30.13
N GLN H 204 -20.43 -7.94 -30.87
CA GLN H 204 -21.21 -7.17 -31.84
C GLN H 204 -22.49 -6.62 -31.25
N ASN H 205 -22.74 -6.88 -29.97
CA ASN H 205 -23.79 -6.12 -29.30
C ASN H 205 -23.25 -4.73 -28.91
N PRO H 206 -23.95 -3.65 -29.31
CA PRO H 206 -23.44 -2.30 -29.03
C PRO H 206 -23.48 -1.88 -27.56
N ARG H 207 -24.32 -2.51 -26.73
CA ARG H 207 -24.46 -2.14 -25.33
C ARG H 207 -23.69 -3.08 -24.38
N ASN H 208 -22.64 -3.73 -24.88
CA ASN H 208 -21.78 -4.62 -24.09
C ASN H 208 -20.46 -3.92 -23.80
N HIS H 209 -20.22 -3.64 -22.51
CA HIS H 209 -19.11 -2.81 -22.05
C HIS H 209 -18.01 -3.67 -21.47
N PHE H 210 -16.78 -3.33 -21.80
CA PHE H 210 -15.61 -4.05 -21.34
C PHE H 210 -14.66 -3.07 -20.66
N ARG H 211 -13.82 -3.58 -19.76
CA ARG H 211 -12.88 -2.73 -19.05
CA ARG H 211 -12.89 -2.73 -19.02
C ARG H 211 -11.68 -3.55 -18.63
N CYS H 212 -10.50 -3.16 -19.11
CA CYS H 212 -9.27 -3.79 -18.66
C CYS H 212 -8.68 -2.93 -17.56
N GLN H 213 -8.53 -3.50 -16.35
CA GLN H 213 -8.14 -2.75 -15.17
C GLN H 213 -6.91 -3.39 -14.50
N VAL H 214 -5.95 -2.54 -14.16
CA VAL H 214 -4.72 -2.97 -13.51
C VAL H 214 -4.63 -2.24 -12.20
N GLN H 215 -4.55 -3.00 -11.12
CA GLN H 215 -4.31 -2.43 -9.81
C GLN H 215 -2.80 -2.46 -9.56
N PHE H 216 -2.27 -1.35 -9.06
CA PHE H 216 -0.82 -1.11 -8.87
C PHE H 216 -0.57 -0.70 -7.43
N TYR H 217 0.25 -1.48 -6.73
CA TYR H 217 0.62 -1.19 -5.35
C TYR H 217 1.90 -0.34 -5.36
N GLY H 218 1.82 0.87 -4.81
CA GLY H 218 2.98 1.74 -4.70
C GLY H 218 2.97 2.59 -3.45
N LEU H 219 3.37 3.86 -3.54
CA LEU H 219 3.59 4.66 -2.34
C LEU H 219 2.26 4.94 -1.63
N SER H 220 2.37 5.48 -0.40
CA SER H 220 1.19 5.91 0.35
C SER H 220 1.49 7.25 1.02
N GLU H 221 0.53 7.70 1.86
CA GLU H 221 0.66 9.00 2.50
C GLU H 221 1.99 9.15 3.25
N ASN H 222 2.52 8.06 3.80
CA ASN H 222 3.71 8.10 4.64
C ASN H 222 4.99 8.45 3.87
N ASP H 223 5.06 8.12 2.57
CA ASP H 223 6.34 8.03 1.87
C ASP H 223 6.77 9.40 1.38
N GLU H 224 8.02 9.77 1.67
CA GLU H 224 8.51 11.06 1.22
C GLU H 224 8.62 11.04 -0.30
N TRP H 225 7.93 11.96 -0.94
CA TRP H 225 8.06 12.15 -2.37
C TRP H 225 8.64 13.54 -2.56
N THR H 226 9.67 13.61 -3.42
CA THR H 226 10.40 14.83 -3.67
C THR H 226 10.59 15.07 -5.15
N GLN H 227 10.17 14.14 -6.01
CA GLN H 227 10.39 14.32 -7.43
C GLN H 227 9.32 15.25 -8.04
N ASP H 228 9.64 15.79 -9.22
CA ASP H 228 8.77 16.79 -9.83
C ASP H 228 7.47 16.16 -10.32
N ARG H 229 7.54 14.94 -10.83
CA ARG H 229 6.40 14.28 -11.45
C ARG H 229 5.40 13.81 -10.40
N ALA H 230 4.28 13.29 -10.87
CA ALA H 230 3.22 12.86 -9.97
C ALA H 230 3.72 11.67 -9.16
N LYS H 231 3.40 11.69 -7.85
CA LYS H 231 3.88 10.68 -6.93
C LYS H 231 3.11 9.38 -7.17
N PRO H 232 3.79 8.29 -7.41
CA PRO H 232 3.13 7.03 -7.79
C PRO H 232 2.46 6.31 -6.63
N VAL H 233 1.37 6.88 -6.11
CA VAL H 233 0.67 6.23 -5.01
C VAL H 233 -0.04 4.97 -5.50
N THR H 234 -0.49 4.15 -4.54
CA THR H 234 -1.35 3.01 -4.84
C THR H 234 -2.59 3.48 -5.56
N GLN H 235 -2.83 2.96 -6.76
CA GLN H 235 -3.83 3.50 -7.67
C GLN H 235 -4.32 2.42 -8.63
N ILE H 236 -5.52 2.63 -9.17
CA ILE H 236 -6.14 1.74 -10.15
C ILE H 236 -6.27 2.47 -11.48
N VAL H 237 -5.77 1.85 -12.55
CA VAL H 237 -5.62 2.47 -13.86
C VAL H 237 -6.36 1.60 -14.88
N SER H 238 -7.44 2.12 -15.47
CA SER H 238 -8.32 1.38 -16.38
C SER H 238 -8.19 1.83 -17.84
N ALA H 239 -8.84 1.08 -18.72
CA ALA H 239 -9.07 1.46 -20.10
C ALA H 239 -10.31 0.72 -20.58
N GLU H 240 -11.19 1.39 -21.32
CA GLU H 240 -12.44 0.77 -21.71
C GLU H 240 -12.58 0.69 -23.22
N ALA H 241 -13.47 -0.21 -23.64
CA ALA H 241 -13.97 -0.33 -25.01
C ALA H 241 -15.45 -0.69 -24.96
N TRP H 242 -16.18 -0.36 -26.01
CA TRP H 242 -17.61 -0.63 -26.06
C TRP H 242 -17.91 -1.56 -27.22
N GLY H 243 -18.98 -2.34 -27.05
CA GLY H 243 -19.43 -3.21 -28.12
C GLY H 243 -19.78 -2.42 -29.37
N ARG H 244 -19.61 -3.08 -30.52
CA ARG H 244 -19.67 -2.43 -31.82
C ARG H 244 -20.41 -3.33 -32.80
N ALA H 245 -21.59 -2.90 -33.25
CA ALA H 245 -22.34 -3.63 -34.27
C ALA H 245 -21.96 -3.26 -35.70
N ASP H 246 -21.24 -2.16 -35.89
CA ASP H 246 -20.82 -1.71 -37.23
C ASP H 246 -19.88 -0.51 -37.16
#